data_3GW9
#
_entry.id   3GW9
#
_cell.length_a   60.078
_cell.length_b   79.113
_cell.length_c   115.998
_cell.angle_alpha   74.74
_cell.angle_beta   79.13
_cell.angle_gamma   68.57
#
_symmetry.space_group_name_H-M   'P 1'
#
loop_
_entity.id
_entity.type
_entity.pdbx_description
1 polymer 'STEROL 14ALPHA-DEMETHYLASE'
2 non-polymer 'PROTOPORPHYRIN IX CONTAINING FE'
3 non-polymer N-[(1R)-1-(2,4-dichlorophenyl)-2-(1H-imidazol-1-yl)ethyl]-4-(5-phenyl-1,3,4-oxadiazol-2-yl)benzamide
4 water water
#
_entity_poly.entity_id   1
_entity_poly.type   'polypeptide(L)'
_entity_poly.pdbx_seq_one_letter_code
;KGKLPPVYPVTVPILGHIIQFGKSPLGFMQECKRQLKSGIFTINIVGKRVTIVGDPHEHSRFFLPRNEVLSPREVYSFMV
PVFGEGVAYAAPYPRMREQLNFLAEELTIAKFQNFVPAIQHEVRKFMAANWDKDEGEINLLEDCSTMIINTACQCLFGED
LRKRLDARRFAQLLAKMESSLIPAAVFLPILLKLPLPQSARCHEARTELQKILSEIIIARKEEEVNKDSSTSDLLSGLLS
AVYRDGTPMSLHEVCGMIVAAMFAGQHTSSITTTWSMLHLMHPANVKHLEALRKEIEEFPAQLNYNNVMDEMPFAERCAR
ESIRRDPPLLMLMRKVMADVKVGSYVVPKGDIIACSPLLSHHDEEAFPEPRRWDPERDEKVEGAFIGFGAGVHKCIGQKF
GLLQVKTILATAFRSYDFQLLRDEVPDPDYHTMVVGPTASQCRVKYIRRK
;
_entity_poly.pdbx_strand_id   A,B,C,D
#
# COMPACT_ATOMS: atom_id res chain seq x y z
N LYS A 1 0.09 4.65 9.83
CA LYS A 1 1.33 4.94 9.05
C LYS A 1 1.55 3.83 8.04
N GLY A 2 1.43 2.58 8.48
CA GLY A 2 1.76 1.43 7.60
C GLY A 2 3.25 1.18 7.40
N LYS A 3 4.06 1.85 8.20
CA LYS A 3 5.49 1.69 8.11
C LYS A 3 5.90 0.90 9.35
N LEU A 4 7.19 0.88 9.63
CA LEU A 4 7.68 0.13 10.81
C LEU A 4 7.31 0.84 12.09
N PRO A 5 7.14 0.07 13.21
CA PRO A 5 7.03 0.70 14.49
C PRO A 5 8.22 1.64 14.68
N PRO A 6 8.01 2.73 15.45
CA PRO A 6 9.16 3.54 15.85
C PRO A 6 10.22 2.71 16.60
N VAL A 7 11.46 2.92 16.20
CA VAL A 7 12.65 2.33 16.78
C VAL A 7 13.13 3.18 17.97
N TYR A 8 13.29 2.52 19.11
CA TYR A 8 14.01 3.12 20.22
C TYR A 8 15.52 3.20 20.01
N PRO A 9 16.11 4.43 20.09
CA PRO A 9 17.53 4.55 19.80
C PRO A 9 18.40 3.71 20.69
N VAL A 10 19.43 3.14 20.07
CA VAL A 10 20.47 2.37 20.74
C VAL A 10 21.63 3.26 21.11
N THR A 11 21.91 3.37 22.39
CA THR A 11 23.07 4.10 22.88
C THR A 11 24.25 3.18 23.19
N VAL A 12 24.00 1.91 23.52
CA VAL A 12 25.05 0.91 23.77
C VAL A 12 25.31 -0.01 22.58
N PRO A 13 26.43 0.19 21.87
CA PRO A 13 26.67 -0.68 20.72
C PRO A 13 26.77 -2.19 21.06
N ILE A 14 26.54 -3.04 20.05
CA ILE A 14 26.57 -4.51 20.17
C ILE A 14 25.52 -5.10 21.12
N LEU A 15 25.43 -4.57 22.34
CA LEU A 15 24.48 -5.04 23.33
C LEU A 15 23.04 -4.60 23.09
N GLY A 16 22.86 -3.42 22.50
CA GLY A 16 21.54 -2.83 22.41
C GLY A 16 21.00 -2.49 23.79
N HIS A 17 19.73 -2.80 24.04
CA HIS A 17 19.06 -2.39 25.26
C HIS A 17 19.00 -3.46 26.38
N ILE A 18 19.69 -4.56 26.20
CA ILE A 18 19.47 -5.69 27.11
C ILE A 18 19.83 -5.31 28.57
N ILE A 19 20.87 -4.49 28.74
CA ILE A 19 21.28 -4.05 30.08
C ILE A 19 20.22 -3.19 30.80
N GLN A 20 19.69 -2.18 30.11
CA GLN A 20 18.69 -1.30 30.71
C GLN A 20 17.40 -2.10 30.99
N PHE A 21 17.14 -3.11 30.17
CA PHE A 21 16.00 -3.97 30.40
C PHE A 21 16.13 -4.78 31.71
N GLY A 22 17.24 -5.49 31.90
CA GLY A 22 17.50 -6.24 33.15
C GLY A 22 17.39 -5.36 34.38
N LYS A 23 18.02 -4.19 34.32
CA LYS A 23 17.98 -3.22 35.42
C LYS A 23 16.57 -2.84 35.87
N SER A 24 15.64 -2.73 34.93
CA SER A 24 14.28 -2.28 35.24
C SER A 24 13.34 -2.56 34.05
N PRO A 25 12.84 -3.82 33.95
CA PRO A 25 12.08 -4.25 32.80
C PRO A 25 10.84 -3.42 32.55
N LEU A 26 10.08 -3.15 33.60
CA LEU A 26 8.83 -2.41 33.48
C LEU A 26 9.17 -0.93 33.21
N GLY A 27 10.13 -0.42 33.97
CA GLY A 27 10.51 0.98 33.94
C GLY A 27 11.05 1.30 32.57
N PHE A 28 11.91 0.42 32.07
CA PHE A 28 12.50 0.58 30.76
C PHE A 28 11.45 0.58 29.64
N MET A 29 10.55 -0.42 29.67
CA MET A 29 9.49 -0.51 28.66
C MET A 29 8.52 0.66 28.70
N GLN A 30 8.11 1.08 29.89
CA GLN A 30 7.19 2.21 30.01
C GLN A 30 7.85 3.51 29.49
N GLU A 31 9.13 3.68 29.78
CA GLU A 31 9.92 4.83 29.30
C GLU A 31 10.01 4.87 27.78
N CYS A 32 10.21 3.70 27.16
CA CYS A 32 10.21 3.63 25.70
C CYS A 32 8.88 4.12 25.14
N LYS A 33 7.81 3.58 25.72
CA LYS A 33 6.46 3.84 25.31
C LYS A 33 6.11 5.33 25.39
N ARG A 34 6.46 5.96 26.52
CA ARG A 34 6.27 7.40 26.76
C ARG A 34 7.05 8.24 25.73
N GLN A 35 8.37 8.09 25.73
CA GLN A 35 9.29 8.81 24.82
C GLN A 35 8.92 8.67 23.33
N LEU A 36 8.48 7.46 22.92
CA LEU A 36 8.19 7.22 21.53
C LEU A 36 6.75 7.54 21.18
N LYS A 37 5.92 7.84 22.17
CA LYS A 37 4.48 8.08 22.01
C LYS A 37 3.74 6.97 21.22
N SER A 38 4.14 5.73 21.47
CA SER A 38 3.50 4.63 20.78
C SER A 38 3.54 3.45 21.72
N GLY A 39 2.46 2.69 21.74
CA GLY A 39 2.40 1.42 22.50
C GLY A 39 3.04 0.28 21.75
N ILE A 40 3.24 0.47 20.44
CA ILE A 40 3.93 -0.49 19.62
C ILE A 40 5.27 0.15 19.25
N PHE A 41 6.37 -0.53 19.60
CA PHE A 41 7.72 -0.01 19.42
C PHE A 41 8.77 -1.14 19.35
N THR A 42 9.94 -0.79 18.88
CA THR A 42 10.99 -1.75 18.62
C THR A 42 12.24 -1.41 19.40
N ILE A 43 12.64 -2.38 20.22
CA ILE A 43 13.89 -2.35 20.93
C ILE A 43 14.88 -3.30 20.30
N ASN A 44 16.09 -3.42 20.86
CA ASN A 44 17.20 -4.05 20.20
C ASN A 44 17.97 -4.85 21.24
N ILE A 45 17.91 -6.19 21.11
CA ILE A 45 18.55 -7.09 22.07
C ILE A 45 19.67 -7.83 21.40
N VAL A 46 20.90 -7.43 21.73
CA VAL A 46 22.11 -7.95 21.09
C VAL A 46 22.02 -7.96 19.57
N GLY A 47 21.50 -6.88 18.97
CA GLY A 47 21.47 -6.80 17.50
C GLY A 47 20.19 -7.31 16.89
N LYS A 48 19.34 -7.95 17.69
CA LYS A 48 18.08 -8.41 17.19
C LYS A 48 16.97 -7.41 17.49
N ARG A 49 16.18 -7.11 16.47
CA ARG A 49 14.97 -6.32 16.62
C ARG A 49 13.89 -7.08 17.41
N VAL A 50 13.43 -6.49 18.50
CA VAL A 50 12.26 -7.00 19.26
C VAL A 50 11.18 -5.93 19.26
N THR A 51 10.11 -6.17 18.51
CA THR A 51 8.95 -5.28 18.48
C THR A 51 7.98 -5.65 19.57
N ILE A 52 7.77 -4.75 20.51
CA ILE A 52 6.83 -4.96 21.61
C ILE A 52 5.42 -4.48 21.32
N VAL A 53 4.46 -5.39 21.48
CA VAL A 53 3.06 -5.03 21.44
C VAL A 53 2.62 -4.60 22.83
N GLY A 54 2.85 -3.32 23.14
CA GLY A 54 2.69 -2.76 24.47
C GLY A 54 1.38 -2.04 24.77
N ASP A 55 0.41 -2.16 23.85
CA ASP A 55 -0.88 -1.53 23.96
C ASP A 55 -1.89 -2.67 24.16
N PRO A 56 -2.55 -2.72 25.35
CA PRO A 56 -3.46 -3.89 25.60
C PRO A 56 -4.55 -4.04 24.54
N HIS A 57 -4.94 -2.93 23.94
CA HIS A 57 -5.91 -2.91 22.83
C HIS A 57 -5.46 -3.64 21.58
N GLU A 58 -4.15 -3.87 21.41
CA GLU A 58 -3.67 -4.61 20.26
C GLU A 58 -3.24 -6.05 20.56
N HIS A 59 -3.49 -6.54 21.78
CA HIS A 59 -3.05 -7.94 22.10
C HIS A 59 -3.40 -8.95 21.05
N SER A 60 -4.58 -8.82 20.43
CA SER A 60 -5.06 -9.80 19.50
C SER A 60 -4.15 -9.97 18.27
N ARG A 61 -3.38 -8.92 17.95
CA ARG A 61 -2.48 -8.96 16.83
C ARG A 61 -1.28 -9.86 17.09
N PHE A 62 -1.02 -10.14 18.38
CA PHE A 62 0.05 -11.07 18.78
C PHE A 62 -0.44 -12.50 18.99
N PHE A 63 -1.51 -12.68 19.75
CA PHE A 63 -1.96 -14.04 20.14
C PHE A 63 -2.74 -14.84 19.11
N LEU A 64 -3.29 -14.16 18.10
CA LEU A 64 -4.20 -14.78 17.14
C LEU A 64 -3.65 -15.25 15.78
N PRO A 65 -2.62 -14.58 15.20
CA PRO A 65 -2.16 -15.11 13.92
C PRO A 65 -1.60 -16.54 14.03
N ARG A 66 -1.72 -17.30 12.93
CA ARG A 66 -1.25 -18.70 12.86
C ARG A 66 0.26 -18.84 13.09
N ASN A 67 0.69 -20.06 13.47
CA ASN A 67 2.11 -20.37 13.61
C ASN A 67 2.93 -20.00 12.40
N GLU A 68 2.37 -20.26 11.23
CA GLU A 68 3.09 -20.02 10.00
C GLU A 68 3.39 -18.52 9.83
N VAL A 69 2.66 -17.67 10.50
CA VAL A 69 2.92 -16.22 10.46
C VAL A 69 3.79 -15.84 11.68
N LEU A 70 3.33 -16.16 12.91
CA LEU A 70 4.09 -15.87 14.13
C LEU A 70 4.43 -17.19 14.78
N SER A 71 5.73 -17.54 14.79
CA SER A 71 6.16 -18.90 15.20
C SER A 71 6.97 -18.91 16.48
N PRO A 72 6.64 -19.82 17.42
CA PRO A 72 7.48 -19.90 18.61
C PRO A 72 8.70 -20.78 18.43
N ARG A 73 8.86 -21.47 17.30
CA ARG A 73 9.97 -22.45 17.14
C ARG A 73 11.38 -21.91 17.45
N GLU A 74 11.77 -20.83 16.77
CA GLU A 74 13.07 -20.29 17.00
C GLU A 74 13.29 -19.83 18.44
N VAL A 75 12.28 -19.21 19.05
CA VAL A 75 12.40 -18.77 20.44
C VAL A 75 12.70 -19.93 21.38
N TYR A 76 12.21 -21.11 21.05
CA TYR A 76 12.42 -22.29 21.93
C TYR A 76 13.54 -23.18 21.44
N SER A 77 14.37 -22.74 20.48
CA SER A 77 15.51 -23.54 20.05
C SER A 77 16.41 -23.93 21.20
N PHE A 78 16.59 -23.01 22.15
CA PHE A 78 17.46 -23.31 23.29
C PHE A 78 16.90 -24.42 24.23
N MET A 79 15.65 -24.79 24.09
CA MET A 79 15.08 -25.92 24.95
C MET A 79 15.04 -27.25 24.25
N VAL A 80 15.51 -27.29 23.01
CA VAL A 80 15.58 -28.53 22.26
C VAL A 80 16.37 -29.62 22.97
N PRO A 81 17.49 -29.28 23.64
CA PRO A 81 18.22 -30.35 24.38
C PRO A 81 17.40 -30.95 25.53
N VAL A 82 16.47 -30.17 26.09
CA VAL A 82 15.58 -30.66 27.14
C VAL A 82 14.35 -31.39 26.60
N PHE A 83 13.56 -30.76 25.72
CA PHE A 83 12.37 -31.44 25.15
C PHE A 83 12.73 -32.54 24.16
N GLY A 84 13.82 -32.34 23.42
CA GLY A 84 14.28 -33.26 22.42
C GLY A 84 14.10 -32.76 21.02
N GLU A 85 14.93 -33.25 20.11
CA GLU A 85 14.78 -32.91 18.69
C GLU A 85 13.40 -33.33 18.19
N GLY A 86 12.79 -32.50 17.34
CA GLY A 86 11.45 -32.79 16.84
C GLY A 86 10.30 -32.90 17.84
N VAL A 87 10.51 -32.42 19.06
CA VAL A 87 9.46 -32.40 20.07
C VAL A 87 8.93 -30.98 20.31
N ALA A 88 7.63 -30.91 20.54
CA ALA A 88 6.91 -29.66 20.82
C ALA A 88 7.21 -28.67 19.70
N TYR A 89 7.74 -27.49 20.03
CA TYR A 89 7.92 -26.40 19.04
C TYR A 89 8.91 -26.73 17.94
N ALA A 90 9.76 -27.73 18.18
CA ALA A 90 10.74 -28.16 17.19
C ALA A 90 10.19 -29.07 16.10
N ALA A 91 9.02 -29.65 16.35
CA ALA A 91 8.35 -30.49 15.38
C ALA A 91 7.67 -29.59 14.36
N PRO A 92 7.42 -30.13 13.16
CA PRO A 92 6.63 -29.34 12.18
C PRO A 92 5.25 -28.97 12.77
N TYR A 93 4.75 -27.80 12.39
CA TYR A 93 3.58 -27.19 13.03
C TYR A 93 2.39 -28.12 13.28
N PRO A 94 1.93 -28.85 12.25
CA PRO A 94 0.80 -29.77 12.54
C PRO A 94 1.14 -30.85 13.57
N ARG A 95 2.37 -31.31 13.57
CA ARG A 95 2.76 -32.36 14.51
C ARG A 95 2.97 -31.80 15.93
N MET A 96 3.55 -30.61 16.00
CA MET A 96 3.68 -29.86 17.23
C MET A 96 2.33 -29.75 17.91
N ARG A 97 1.33 -29.38 17.11
CA ARG A 97 -0.03 -29.11 17.57
C ARG A 97 -0.61 -30.41 18.10
N GLU A 98 -0.33 -31.51 17.39
CA GLU A 98 -0.78 -32.83 17.85
C GLU A 98 -0.18 -33.22 19.20
N GLN A 99 1.11 -33.04 19.36
CA GLN A 99 1.77 -33.36 20.63
C GLN A 99 1.27 -32.46 21.76
N LEU A 100 1.11 -31.16 21.47
CA LEU A 100 0.55 -30.25 22.46
C LEU A 100 -0.92 -30.60 22.85
N ASN A 101 -1.74 -30.93 21.87
CA ASN A 101 -3.10 -31.42 22.14
C ASN A 101 -3.11 -32.71 23.01
N PHE A 102 -2.17 -33.61 22.78
CA PHE A 102 -2.09 -34.86 23.60
C PHE A 102 -1.79 -34.54 25.05
N LEU A 103 -0.88 -33.59 25.27
CA LEU A 103 -0.59 -33.11 26.62
C LEU A 103 -1.79 -32.41 27.26
N ALA A 104 -2.42 -31.53 26.49
CA ALA A 104 -3.54 -30.75 26.98
C ALA A 104 -4.64 -31.71 27.49
N GLU A 105 -4.91 -32.73 26.68
CA GLU A 105 -5.91 -33.74 27.03
C GLU A 105 -5.62 -34.44 28.37
N GLU A 106 -4.35 -34.53 28.75
CA GLU A 106 -4.01 -35.15 30.05
C GLU A 106 -4.16 -34.22 31.24
N LEU A 107 -4.41 -32.94 30.96
CA LEU A 107 -4.58 -31.88 31.96
C LEU A 107 -6.00 -31.23 31.96
N THR A 108 -6.95 -31.83 31.24
CA THR A 108 -8.36 -31.44 31.28
C THR A 108 -8.99 -31.78 32.67
N ILE A 109 -10.05 -31.06 33.01
CA ILE A 109 -10.70 -31.23 34.30
C ILE A 109 -11.30 -32.64 34.45
N ALA A 110 -11.56 -33.33 33.35
CA ALA A 110 -12.10 -34.70 33.39
C ALA A 110 -11.06 -35.69 33.89
N LYS A 111 -9.79 -35.25 33.99
CA LYS A 111 -8.73 -36.06 34.61
C LYS A 111 -8.56 -35.81 36.09
N PHE A 112 -9.30 -34.86 36.67
CA PHE A 112 -8.99 -34.36 38.02
C PHE A 112 -9.64 -35.19 39.13
N GLN A 113 -10.07 -36.40 38.82
CA GLN A 113 -11.00 -37.05 39.74
C GLN A 113 -10.37 -37.27 41.11
N ASN A 114 -9.18 -37.85 41.15
CA ASN A 114 -8.55 -38.07 42.45
C ASN A 114 -7.42 -37.09 42.78
N PHE A 115 -7.35 -35.97 42.04
CA PHE A 115 -6.28 -34.99 42.25
C PHE A 115 -6.37 -34.24 43.57
N VAL A 116 -7.56 -33.81 43.97
CA VAL A 116 -7.69 -33.00 45.18
C VAL A 116 -7.11 -33.78 46.39
N PRO A 117 -7.60 -35.02 46.66
CA PRO A 117 -7.01 -35.81 47.77
C PRO A 117 -5.52 -36.05 47.64
N ALA A 118 -5.03 -36.28 46.41
CA ALA A 118 -3.60 -36.43 46.16
C ALA A 118 -2.84 -35.19 46.58
N ILE A 119 -3.35 -34.04 46.16
CA ILE A 119 -2.71 -32.79 46.53
C ILE A 119 -2.78 -32.63 48.05
N GLN A 120 -3.94 -32.88 48.64
CA GLN A 120 -4.06 -32.66 50.09
C GLN A 120 -3.16 -33.62 50.84
N HIS A 121 -3.10 -34.88 50.42
CA HIS A 121 -2.20 -35.86 51.02
C HIS A 121 -0.77 -35.33 51.08
N GLU A 122 -0.21 -35.03 49.92
CA GLU A 122 1.13 -34.50 49.84
C GLU A 122 1.36 -33.24 50.63
N VAL A 123 0.40 -32.31 50.63
CA VAL A 123 0.59 -31.09 51.39
C VAL A 123 0.62 -31.35 52.93
N ARG A 124 -0.33 -32.16 53.39
CA ARG A 124 -0.35 -32.49 54.83
C ARG A 124 0.90 -33.24 55.25
N LYS A 125 1.36 -34.17 54.44
CA LYS A 125 2.64 -34.85 54.72
C LYS A 125 3.83 -33.92 54.88
N PHE A 126 3.91 -32.92 54.00
CA PHE A 126 4.95 -31.91 54.08
C PHE A 126 4.82 -31.07 55.35
N MET A 127 3.63 -30.53 55.60
CA MET A 127 3.40 -29.69 56.77
C MET A 127 3.74 -30.47 58.05
N ALA A 128 3.27 -31.71 58.14
CA ALA A 128 3.56 -32.57 59.30
C ALA A 128 5.04 -32.79 59.51
N ALA A 129 5.82 -32.83 58.43
CA ALA A 129 7.25 -33.09 58.54
C ALA A 129 8.03 -31.83 58.87
N ASN A 130 7.66 -30.71 58.23
CA ASN A 130 8.44 -29.49 58.31
C ASN A 130 7.80 -28.34 59.08
N TRP A 131 6.48 -28.32 59.22
CA TRP A 131 5.84 -27.29 60.00
C TRP A 131 5.27 -27.95 61.26
N ASP A 132 6.18 -28.58 62.01
CA ASP A 132 5.83 -29.54 63.07
C ASP A 132 5.85 -28.97 64.48
N LYS A 133 6.18 -27.69 64.64
CA LYS A 133 6.12 -27.03 65.96
C LYS A 133 4.90 -26.09 66.08
N ASP A 134 4.68 -25.50 67.27
CA ASP A 134 3.56 -24.53 67.47
C ASP A 134 3.74 -23.32 66.55
N GLU A 135 4.98 -22.88 66.43
CA GLU A 135 5.37 -21.88 65.46
C GLU A 135 6.79 -22.17 64.99
N GLY A 136 7.21 -21.50 63.93
CA GLY A 136 8.56 -21.66 63.44
C GLY A 136 8.83 -20.82 62.21
N GLU A 137 10.09 -20.73 61.82
CA GLU A 137 10.49 -19.93 60.66
C GLU A 137 10.81 -20.80 59.47
N ILE A 138 10.36 -20.35 58.29
CA ILE A 138 10.51 -21.11 57.08
C ILE A 138 10.71 -20.13 55.91
N ASN A 139 11.26 -20.66 54.84
CA ASN A 139 11.29 -19.93 53.55
C ASN A 139 10.13 -20.40 52.68
N LEU A 140 9.13 -19.55 52.55
CA LEU A 140 7.85 -19.93 51.94
C LEU A 140 7.96 -20.35 50.45
N LEU A 141 8.86 -19.70 49.72
CA LEU A 141 9.05 -20.00 48.29
C LEU A 141 9.66 -21.36 48.14
N GLU A 142 10.63 -21.68 48.98
CA GLU A 142 11.27 -23.02 48.92
C GLU A 142 10.23 -24.09 49.24
N ASP A 143 9.45 -23.84 50.29
CA ASP A 143 8.46 -24.82 50.77
C ASP A 143 7.31 -25.01 49.78
N CYS A 144 6.76 -23.90 49.27
CA CYS A 144 5.79 -24.03 48.17
C CYS A 144 6.34 -24.79 46.98
N SER A 145 7.60 -24.56 46.65
CA SER A 145 8.15 -25.17 45.46
C SER A 145 8.32 -26.69 45.71
N THR A 146 8.63 -27.08 46.95
CA THR A 146 8.75 -28.50 47.27
C THR A 146 7.37 -29.14 47.29
N MET A 147 6.36 -28.42 47.78
CA MET A 147 5.00 -28.99 47.73
C MET A 147 4.52 -29.11 46.30
N ILE A 148 4.86 -28.15 45.43
CA ILE A 148 4.34 -28.26 44.05
C ILE A 148 4.94 -29.45 43.34
N ILE A 149 6.20 -29.78 43.58
CA ILE A 149 6.78 -30.91 42.85
C ILE A 149 6.15 -32.19 43.41
N ASN A 150 6.00 -32.25 44.72
CA ASN A 150 5.35 -33.44 45.31
C ASN A 150 3.90 -33.62 44.82
N THR A 151 3.09 -32.57 44.87
CA THR A 151 1.69 -32.66 44.47
C THR A 151 1.51 -33.01 43.00
N ALA A 152 2.27 -32.35 42.10
CA ALA A 152 2.21 -32.62 40.66
C ALA A 152 2.54 -34.07 40.39
N CYS A 153 3.59 -34.56 41.04
CA CYS A 153 4.00 -35.95 40.83
C CYS A 153 2.94 -36.90 41.34
N GLN A 154 2.29 -36.55 42.43
CA GLN A 154 1.27 -37.43 43.03
C GLN A 154 0.02 -37.48 42.15
N CYS A 155 -0.34 -36.34 41.56
CA CYS A 155 -1.46 -36.31 40.65
C CYS A 155 -1.17 -37.00 39.33
N LEU A 156 0.00 -36.75 38.74
CA LEU A 156 0.20 -37.06 37.35
C LEU A 156 0.80 -38.41 37.15
N PHE A 157 1.46 -38.95 38.18
CA PHE A 157 2.19 -40.20 38.01
C PHE A 157 1.68 -41.26 38.96
N GLY A 158 1.47 -42.46 38.42
CA GLY A 158 0.95 -43.58 39.21
C GLY A 158 2.04 -44.05 40.14
N GLU A 159 1.63 -44.73 41.20
CA GLU A 159 2.53 -45.15 42.28
C GLU A 159 3.77 -45.92 41.81
N ASP A 160 3.63 -46.72 40.77
CA ASP A 160 4.79 -47.49 40.26
C ASP A 160 5.92 -46.57 39.75
N LEU A 161 5.58 -45.58 38.93
CA LEU A 161 6.56 -44.57 38.48
C LEU A 161 7.24 -43.90 39.65
N ARG A 162 6.46 -43.47 40.64
CA ARG A 162 6.96 -42.82 41.85
C ARG A 162 7.95 -43.67 42.68
N LYS A 163 7.72 -44.98 42.77
CA LYS A 163 8.65 -45.85 43.53
C LYS A 163 10.03 -45.85 42.89
N ARG A 164 10.08 -45.78 41.56
CA ARG A 164 11.34 -45.73 40.82
C ARG A 164 11.88 -44.31 40.65
N LEU A 165 10.99 -43.31 40.61
CA LEU A 165 11.39 -41.93 40.37
C LEU A 165 10.55 -41.00 41.24
N ASP A 166 10.95 -40.84 42.51
CA ASP A 166 10.16 -40.02 43.43
C ASP A 166 10.40 -38.53 43.20
N ALA A 167 9.55 -37.72 43.80
CA ALA A 167 9.53 -36.28 43.53
C ALA A 167 10.90 -35.63 43.78
N ARG A 168 11.65 -36.15 44.74
CA ARG A 168 13.01 -35.63 45.02
C ARG A 168 13.96 -35.88 43.86
N ARG A 169 14.07 -37.13 43.45
CA ARG A 169 14.92 -37.49 42.35
C ARG A 169 14.46 -36.86 41.04
N PHE A 170 13.15 -36.80 40.83
CA PHE A 170 12.61 -36.14 39.64
C PHE A 170 13.06 -34.66 39.59
N ALA A 171 12.89 -33.96 40.72
CA ALA A 171 13.32 -32.56 40.84
C ALA A 171 14.81 -32.41 40.54
N GLN A 172 15.62 -33.39 40.98
CA GLN A 172 17.06 -33.34 40.76
C GLN A 172 17.40 -33.47 39.30
N LEU A 173 16.73 -34.40 38.60
CA LEU A 173 16.96 -34.56 37.17
C LEU A 173 16.55 -33.30 36.40
N LEU A 174 15.42 -32.71 36.78
CA LEU A 174 14.88 -31.53 36.11
C LEU A 174 15.79 -30.31 36.35
N ALA A 175 16.31 -30.19 37.57
CA ALA A 175 17.19 -29.09 37.92
C ALA A 175 18.51 -29.22 37.16
N LYS A 176 18.95 -30.43 36.89
CA LYS A 176 20.16 -30.68 36.10
C LYS A 176 19.93 -30.32 34.63
N MET A 177 18.75 -30.65 34.10
CA MET A 177 18.39 -30.22 32.76
C MET A 177 18.26 -28.72 32.71
N GLU A 178 17.54 -28.12 33.66
CA GLU A 178 17.30 -26.65 33.68
C GLU A 178 18.58 -25.83 33.81
N SER A 179 19.47 -26.31 34.69
CA SER A 179 20.80 -25.75 34.93
C SER A 179 21.58 -25.53 33.66
N SER A 180 21.36 -26.39 32.67
CA SER A 180 22.06 -26.35 31.41
C SER A 180 21.56 -25.32 30.41
N LEU A 181 20.38 -24.76 30.64
CA LEU A 181 19.70 -23.95 29.63
C LEU A 181 20.38 -22.58 29.50
N ILE A 182 20.61 -22.17 28.26
CA ILE A 182 21.15 -20.83 28.02
C ILE A 182 20.15 -20.03 27.19
N PRO A 183 19.23 -19.35 27.86
CA PRO A 183 18.21 -18.59 27.17
C PRO A 183 18.79 -17.44 26.30
N ALA A 184 20.02 -17.02 26.61
CA ALA A 184 20.73 -16.01 25.77
C ALA A 184 20.84 -16.48 24.33
N ALA A 185 20.75 -17.79 24.16
CA ALA A 185 20.84 -18.38 22.84
C ALA A 185 19.72 -17.94 21.91
N VAL A 186 18.59 -17.51 22.46
CA VAL A 186 17.52 -16.90 21.67
C VAL A 186 18.15 -15.74 20.82
N PHE A 187 18.98 -14.94 21.45
CA PHE A 187 19.62 -13.77 20.80
C PHE A 187 21.04 -13.99 20.28
N LEU A 188 21.70 -15.03 20.80
CA LEU A 188 23.01 -15.50 20.34
C LEU A 188 22.93 -16.97 19.90
N PRO A 189 22.30 -17.22 18.76
CA PRO A 189 22.04 -18.62 18.36
C PRO A 189 23.31 -19.45 18.09
N ILE A 190 24.44 -18.79 17.82
CA ILE A 190 25.71 -19.49 17.70
C ILE A 190 25.95 -20.47 18.88
N LEU A 191 25.49 -20.10 20.06
CA LEU A 191 25.56 -20.96 21.26
C LEU A 191 24.98 -22.36 21.07
N LEU A 192 23.92 -22.48 20.28
CA LEU A 192 23.24 -23.78 20.09
C LEU A 192 24.14 -24.77 19.34
N LYS A 193 25.10 -24.26 18.57
CA LYS A 193 25.99 -25.12 17.79
C LYS A 193 27.30 -25.49 18.51
N LEU A 194 27.58 -24.91 19.67
CA LEU A 194 28.89 -25.13 20.28
C LEU A 194 28.84 -26.33 21.21
N PRO A 195 29.90 -27.17 21.19
CA PRO A 195 30.20 -28.04 22.34
C PRO A 195 30.30 -27.24 23.61
N LEU A 196 29.39 -27.54 24.54
CA LEU A 196 29.35 -26.91 25.83
C LEU A 196 29.32 -28.08 26.82
N PRO A 197 29.91 -27.88 28.00
CA PRO A 197 29.76 -28.90 29.07
C PRO A 197 28.29 -29.09 29.45
N GLN A 198 27.52 -27.98 29.40
CA GLN A 198 26.05 -27.99 29.56
C GLN A 198 25.35 -29.08 28.77
N SER A 199 25.69 -29.21 27.49
CA SER A 199 25.00 -30.17 26.60
C SER A 199 25.17 -31.60 27.09
N ALA A 200 26.40 -31.93 27.50
CA ALA A 200 26.70 -33.27 28.04
C ALA A 200 25.85 -33.58 29.27
N ARG A 201 25.81 -32.64 30.22
CA ARG A 201 24.99 -32.78 31.41
C ARG A 201 23.52 -32.96 31.06
N CYS A 202 23.04 -32.08 30.20
CA CYS A 202 21.64 -32.10 29.82
C CYS A 202 21.25 -33.44 29.19
N HIS A 203 22.01 -33.84 28.17
CA HIS A 203 21.84 -35.11 27.53
C HIS A 203 21.86 -36.23 28.58
N GLU A 204 22.82 -36.15 29.50
CA GLU A 204 22.90 -37.10 30.59
C GLU A 204 21.59 -37.27 31.37
N ALA A 205 21.11 -36.17 31.94
CA ALA A 205 19.90 -36.20 32.76
C ALA A 205 18.68 -36.69 31.96
N ARG A 206 18.55 -36.23 30.71
CA ARG A 206 17.42 -36.58 29.87
C ARG A 206 17.44 -38.08 29.53
N THR A 207 18.62 -38.60 29.16
CA THR A 207 18.77 -39.99 28.81
C THR A 207 18.50 -40.91 30.02
N GLU A 208 18.90 -40.48 31.22
CA GLU A 208 18.56 -41.20 32.46
C GLU A 208 17.07 -41.18 32.76
N LEU A 209 16.40 -40.06 32.48
CA LEU A 209 14.96 -39.99 32.68
C LEU A 209 14.27 -40.92 31.69
N GLN A 210 14.72 -40.89 30.46
CA GLN A 210 14.11 -41.70 29.41
C GLN A 210 14.38 -43.22 29.64
N LYS A 211 15.52 -43.54 30.24
CA LYS A 211 15.82 -44.92 30.66
C LYS A 211 14.82 -45.35 31.72
N ILE A 212 14.59 -44.51 32.72
CA ILE A 212 13.63 -44.82 33.77
C ILE A 212 12.23 -44.99 33.22
N LEU A 213 11.83 -44.14 32.26
CA LEU A 213 10.53 -44.28 31.65
C LEU A 213 10.38 -45.62 30.91
N SER A 214 11.36 -45.97 30.07
CA SER A 214 11.33 -47.23 29.33
C SER A 214 11.19 -48.44 30.28
N GLU A 215 11.95 -48.43 31.38
CA GLU A 215 11.88 -49.46 32.42
C GLU A 215 10.51 -49.53 33.07
N ILE A 216 9.89 -48.36 33.28
CA ILE A 216 8.55 -48.32 33.82
C ILE A 216 7.55 -48.92 32.82
N ILE A 217 7.68 -48.56 31.53
CA ILE A 217 6.78 -49.03 30.49
C ILE A 217 6.84 -50.55 30.34
N ILE A 218 8.06 -51.09 30.44
CA ILE A 218 8.29 -52.54 30.35
C ILE A 218 7.68 -53.24 31.56
N ALA A 219 7.92 -52.73 32.77
CA ALA A 219 7.25 -53.26 33.94
C ALA A 219 5.72 -53.26 33.84
N ARG A 220 5.14 -52.17 33.33
CA ARG A 220 3.69 -52.06 33.22
C ARG A 220 3.09 -53.09 32.29
N LYS A 221 3.74 -53.33 31.16
CA LYS A 221 3.25 -54.37 30.28
C LYS A 221 3.16 -55.71 31.05
N GLU A 222 4.05 -55.92 32.03
CA GLU A 222 4.04 -57.15 32.85
C GLU A 222 2.90 -57.18 33.90
N GLU A 223 2.63 -56.07 34.56
CA GLU A 223 1.44 -56.00 35.42
C GLU A 223 0.17 -56.14 34.57
N GLU A 224 0.27 -55.93 33.26
CA GLU A 224 -0.87 -56.10 32.37
C GLU A 224 -1.25 -57.55 32.24
N VAL A 225 -0.26 -58.41 32.03
CA VAL A 225 -0.49 -59.84 31.94
C VAL A 225 -1.11 -60.37 33.26
N ASN A 226 -0.67 -59.83 34.40
CA ASN A 226 -1.13 -60.29 35.71
C ASN A 226 -2.46 -59.73 36.12
N LYS A 227 -2.86 -58.61 35.51
CA LYS A 227 -4.05 -57.91 35.92
C LYS A 227 -3.96 -57.56 37.41
N ASP A 228 -2.75 -57.29 37.87
CA ASP A 228 -2.53 -56.73 39.20
C ASP A 228 -3.03 -55.29 39.28
N SER A 229 -2.99 -54.59 38.16
CA SER A 229 -3.27 -53.16 38.14
C SER A 229 -3.66 -52.76 36.75
N SER A 230 -4.27 -51.58 36.69
CA SER A 230 -4.48 -50.87 35.43
C SER A 230 -4.31 -49.38 35.73
N THR A 231 -3.05 -48.96 35.78
CA THR A 231 -2.72 -47.62 36.19
C THR A 231 -3.12 -46.65 35.09
N SER A 232 -3.77 -45.57 35.46
CA SER A 232 -4.11 -44.54 34.50
C SER A 232 -3.41 -43.28 34.94
N ASP A 233 -2.44 -42.84 34.14
CA ASP A 233 -1.74 -41.61 34.51
C ASP A 233 -1.31 -40.78 33.29
N LEU A 234 -0.50 -39.76 33.54
CA LEU A 234 0.00 -38.91 32.46
C LEU A 234 0.72 -39.79 31.45
N LEU A 235 1.63 -40.62 31.94
CA LEU A 235 2.37 -41.50 31.07
C LEU A 235 1.48 -42.42 30.23
N SER A 236 0.51 -43.12 30.86
CA SER A 236 -0.36 -44.02 30.09
C SER A 236 -1.20 -43.25 29.09
N GLY A 237 -1.65 -42.07 29.49
CA GLY A 237 -2.37 -41.21 28.56
C GLY A 237 -1.57 -40.94 27.29
N LEU A 238 -0.36 -40.44 27.42
CA LEU A 238 0.45 -40.12 26.23
C LEU A 238 0.81 -41.39 25.46
N LEU A 239 1.07 -42.47 26.20
CA LEU A 239 1.32 -43.76 25.57
C LEU A 239 0.20 -44.20 24.65
N SER A 240 -1.05 -43.94 25.00
CA SER A 240 -2.14 -44.36 24.15
C SER A 240 -2.47 -43.41 23.02
N ALA A 241 -1.84 -42.24 22.96
CA ALA A 241 -2.16 -41.28 21.90
C ALA A 241 -1.75 -41.79 20.51
N VAL A 242 -2.54 -41.48 19.50
CA VAL A 242 -2.19 -41.85 18.14
C VAL A 242 -2.33 -40.64 17.23
N TYR A 243 -1.29 -40.36 16.45
CA TYR A 243 -1.33 -39.21 15.51
C TYR A 243 -2.39 -39.41 14.43
N ARG A 244 -2.70 -38.34 13.72
CA ARG A 244 -3.58 -38.39 12.56
C ARG A 244 -3.12 -39.43 11.53
N ASP A 245 -1.81 -39.50 11.30
CA ASP A 245 -1.28 -40.42 10.28
C ASP A 245 -1.33 -41.88 10.73
N GLY A 246 -1.93 -42.13 11.88
CA GLY A 246 -2.17 -43.49 12.36
C GLY A 246 -1.11 -44.03 13.30
N THR A 247 -0.02 -43.29 13.50
CA THR A 247 1.12 -43.76 14.32
C THR A 247 1.14 -43.23 15.76
N PRO A 248 1.78 -43.96 16.70
CA PRO A 248 1.89 -43.55 18.10
C PRO A 248 3.05 -42.58 18.36
N MET A 249 3.02 -41.91 19.51
CA MET A 249 4.19 -41.14 19.96
C MET A 249 5.35 -42.09 20.26
N SER A 250 6.54 -41.73 19.81
CA SER A 250 7.75 -42.46 20.14
C SER A 250 8.07 -42.24 21.61
N LEU A 251 8.91 -43.11 22.17
CA LEU A 251 9.35 -42.94 23.56
C LEU A 251 10.04 -41.57 23.72
N HIS A 252 10.80 -41.19 22.71
CA HIS A 252 11.52 -39.92 22.71
C HIS A 252 10.53 -38.79 22.95
N GLU A 253 9.44 -38.81 22.20
CA GLU A 253 8.42 -37.77 22.28
C GLU A 253 7.64 -37.78 23.55
N VAL A 254 7.28 -38.98 24.02
CA VAL A 254 6.62 -39.10 25.28
C VAL A 254 7.45 -38.52 26.40
N CYS A 255 8.73 -38.86 26.44
CA CYS A 255 9.60 -38.38 27.47
C CYS A 255 9.67 -36.84 27.40
N GLY A 256 9.70 -36.34 26.18
CA GLY A 256 9.86 -34.92 25.94
C GLY A 256 8.66 -34.11 26.35
N MET A 257 7.47 -34.63 26.10
CA MET A 257 6.26 -33.99 26.60
C MET A 257 6.08 -34.08 28.11
N ILE A 258 6.56 -35.17 28.71
CA ILE A 258 6.61 -35.23 30.19
C ILE A 258 7.54 -34.15 30.81
N VAL A 259 8.71 -33.96 30.21
CA VAL A 259 9.65 -32.98 30.65
C VAL A 259 9.02 -31.59 30.45
N ALA A 260 8.39 -31.34 29.30
CA ALA A 260 7.79 -29.99 29.08
C ALA A 260 6.72 -29.68 30.13
N ALA A 261 5.84 -30.65 30.39
CA ALA A 261 4.79 -30.51 31.39
C ALA A 261 5.37 -30.22 32.74
N MET A 262 6.43 -30.94 33.13
CA MET A 262 6.99 -30.79 34.48
C MET A 262 7.75 -29.47 34.64
N PHE A 263 8.53 -29.11 33.63
CA PHE A 263 9.21 -27.81 33.60
C PHE A 263 8.22 -26.71 33.74
N ALA A 264 7.23 -26.76 32.85
CA ALA A 264 6.24 -25.70 32.73
C ALA A 264 5.49 -25.45 34.04
N GLY A 265 4.99 -26.53 34.65
CA GLY A 265 4.15 -26.38 35.79
C GLY A 265 4.86 -26.06 37.09
N GLN A 266 6.13 -26.45 37.25
CA GLN A 266 6.82 -26.33 38.55
C GLN A 266 6.95 -24.90 39.08
N HIS A 267 7.71 -24.06 38.40
CA HIS A 267 7.99 -22.74 38.94
C HIS A 267 6.80 -21.81 38.93
N THR A 268 6.12 -21.69 37.78
CA THR A 268 4.93 -20.85 37.71
C THR A 268 3.89 -21.15 38.85
N SER A 269 3.56 -22.40 39.01
CA SER A 269 2.60 -22.75 40.06
C SER A 269 3.11 -22.45 41.48
N SER A 270 4.40 -22.71 41.72
CA SER A 270 5.01 -22.54 43.05
C SER A 270 5.03 -21.05 43.38
N ILE A 271 5.41 -20.27 42.38
CA ILE A 271 5.45 -18.83 42.52
C ILE A 271 4.10 -18.18 42.75
N THR A 272 3.10 -18.66 42.04
CA THR A 272 1.74 -18.14 42.16
C THR A 272 1.20 -18.41 43.58
N THR A 273 1.52 -19.60 44.11
CA THR A 273 1.09 -19.98 45.49
C THR A 273 1.77 -19.08 46.52
N THR A 274 3.10 -18.94 46.38
CA THR A 274 3.92 -18.12 47.26
C THR A 274 3.45 -16.65 47.26
N TRP A 275 3.34 -16.03 46.09
CA TRP A 275 2.80 -14.68 46.11
C TRP A 275 1.45 -14.60 46.82
N SER A 276 0.56 -15.51 46.48
CA SER A 276 -0.80 -15.48 46.96
C SER A 276 -0.75 -15.57 48.49
N MET A 277 0.08 -16.46 49.04
CA MET A 277 0.18 -16.50 50.53
C MET A 277 0.78 -15.21 51.15
N LEU A 278 1.83 -14.69 50.50
CA LEU A 278 2.51 -13.49 50.96
C LEU A 278 1.52 -12.36 51.05
N HIS A 279 0.71 -12.19 50.00
CA HIS A 279 -0.27 -11.11 50.00
C HIS A 279 -1.31 -11.36 51.11
N LEU A 280 -1.82 -12.57 51.15
CA LEU A 280 -2.89 -12.91 52.12
C LEU A 280 -2.53 -12.69 53.61
N MET A 281 -1.25 -12.87 53.96
CA MET A 281 -0.76 -12.76 55.34
C MET A 281 -0.35 -11.37 55.72
N HIS A 282 -0.17 -10.49 54.73
CA HIS A 282 0.21 -9.12 55.00
C HIS A 282 -0.95 -8.34 55.64
N PRO A 283 -0.64 -7.56 56.69
CA PRO A 283 -1.66 -6.84 57.47
C PRO A 283 -2.58 -5.94 56.64
N ALA A 284 -2.04 -5.27 55.63
CA ALA A 284 -2.87 -4.50 54.71
C ALA A 284 -3.99 -5.32 54.06
N ASN A 285 -3.82 -6.64 53.97
CA ASN A 285 -4.85 -7.49 53.35
C ASN A 285 -5.71 -8.36 54.28
N VAL A 286 -5.83 -7.99 55.56
CA VAL A 286 -6.69 -8.78 56.48
C VAL A 286 -8.11 -9.03 55.93
N LYS A 287 -8.70 -8.04 55.28
CA LYS A 287 -10.03 -8.22 54.67
C LYS A 287 -10.07 -9.39 53.70
N HIS A 288 -9.04 -9.52 52.88
CA HIS A 288 -8.94 -10.62 51.95
C HIS A 288 -8.65 -11.93 52.68
N LEU A 289 -7.83 -11.91 53.70
CA LEU A 289 -7.62 -13.16 54.46
C LEU A 289 -8.96 -13.60 55.07
N GLU A 290 -9.71 -12.63 55.59
CA GLU A 290 -11.06 -12.86 56.14
C GLU A 290 -11.97 -13.57 55.13
N ALA A 291 -12.02 -13.00 53.93
CA ALA A 291 -12.80 -13.55 52.85
C ALA A 291 -12.39 -14.97 52.52
N LEU A 292 -11.09 -15.28 52.53
CA LEU A 292 -10.67 -16.65 52.20
C LEU A 292 -11.08 -17.57 53.34
N ARG A 293 -10.89 -17.08 54.56
CA ARG A 293 -11.31 -17.86 55.75
C ARG A 293 -12.81 -18.20 55.64
N LYS A 294 -13.63 -17.21 55.29
CA LYS A 294 -15.06 -17.44 55.13
C LYS A 294 -15.36 -18.46 54.05
N GLU A 295 -14.70 -18.34 52.89
CA GLU A 295 -14.86 -19.29 51.80
C GLU A 295 -14.61 -20.73 52.19
N ILE A 296 -13.65 -20.95 53.07
CA ILE A 296 -13.24 -22.32 53.40
C ILE A 296 -13.73 -22.78 54.78
N GLU A 297 -14.33 -21.84 55.52
CA GLU A 297 -14.78 -21.99 56.90
C GLU A 297 -15.55 -23.30 57.17
N GLU A 298 -16.46 -23.66 56.27
CA GLU A 298 -17.33 -24.85 56.44
C GLU A 298 -16.88 -26.08 55.65
N PHE A 299 -15.71 -26.03 55.00
CA PHE A 299 -15.21 -27.18 54.23
C PHE A 299 -14.87 -28.38 55.12
N PRO A 300 -14.96 -29.59 54.56
CA PRO A 300 -14.57 -30.82 55.26
C PRO A 300 -13.05 -30.99 55.34
N ALA A 301 -12.61 -31.87 56.25
CA ALA A 301 -11.19 -32.18 56.38
C ALA A 301 -10.61 -32.68 55.05
N GLN A 302 -11.28 -33.66 54.45
CA GLN A 302 -10.89 -34.21 53.16
C GLN A 302 -11.70 -33.57 52.01
N LEU A 303 -11.15 -32.50 51.41
CA LEU A 303 -11.79 -31.81 50.28
C LEU A 303 -12.08 -32.74 49.08
N ASN A 304 -13.07 -32.34 48.29
CA ASN A 304 -13.43 -33.02 47.06
C ASN A 304 -13.28 -32.07 45.86
N TYR A 305 -13.41 -32.64 44.69
CA TYR A 305 -13.34 -31.94 43.42
C TYR A 305 -14.20 -30.69 43.40
N ASN A 306 -15.44 -30.84 43.86
CA ASN A 306 -16.41 -29.74 43.82
C ASN A 306 -16.06 -28.59 44.74
N ASN A 307 -15.48 -28.89 45.91
CA ASN A 307 -15.11 -27.83 46.84
C ASN A 307 -14.07 -26.92 46.15
N VAL A 308 -13.03 -27.50 45.56
CA VAL A 308 -11.96 -26.66 45.03
C VAL A 308 -12.38 -26.04 43.68
N MET A 309 -12.95 -26.85 42.81
CA MET A 309 -13.34 -26.41 41.45
C MET A 309 -14.48 -25.41 41.46
N ASP A 310 -15.50 -25.67 42.27
CA ASP A 310 -16.73 -24.90 42.24
C ASP A 310 -16.96 -23.98 43.44
N GLU A 311 -16.27 -24.20 44.56
CA GLU A 311 -16.57 -23.42 45.79
C GLU A 311 -15.41 -22.56 46.30
N MET A 312 -14.44 -22.24 45.41
CA MET A 312 -13.34 -21.35 45.77
C MET A 312 -13.11 -20.22 44.77
N PRO A 313 -14.17 -19.50 44.38
CA PRO A 313 -14.01 -18.32 43.48
C PRO A 313 -13.08 -17.24 44.01
N PHE A 314 -13.10 -16.99 45.33
CA PHE A 314 -12.25 -15.96 45.86
C PHE A 314 -10.77 -16.40 45.86
N ALA A 315 -10.47 -17.62 46.33
CA ALA A 315 -9.10 -18.16 46.18
C ALA A 315 -8.62 -18.02 44.74
N GLU A 316 -9.49 -18.32 43.78
CA GLU A 316 -9.08 -18.27 42.37
C GLU A 316 -8.72 -16.85 41.95
N ARG A 317 -9.56 -15.90 42.32
CA ARG A 317 -9.24 -14.49 42.18
C ARG A 317 -7.92 -14.08 42.81
N CYS A 318 -7.66 -14.55 44.04
CA CYS A 318 -6.36 -14.29 44.66
C CYS A 318 -5.19 -14.78 43.79
N ALA A 319 -5.27 -16.03 43.35
CA ALA A 319 -4.24 -16.61 42.50
C ALA A 319 -4.08 -15.72 41.21
N ARG A 320 -5.20 -15.38 40.60
CA ARG A 320 -5.17 -14.67 39.31
C ARG A 320 -4.58 -13.30 39.48
N GLU A 321 -4.93 -12.62 40.57
CA GLU A 321 -4.43 -11.27 40.84
C GLU A 321 -2.96 -11.33 41.19
N SER A 322 -2.51 -12.39 41.86
CA SER A 322 -1.09 -12.51 42.11
C SER A 322 -0.31 -12.55 40.77
N ILE A 323 -0.82 -13.36 39.84
CA ILE A 323 -0.24 -13.46 38.48
C ILE A 323 -0.40 -12.12 37.77
N ARG A 324 -1.51 -11.45 37.97
CA ARG A 324 -1.70 -10.14 37.35
C ARG A 324 -0.58 -9.19 37.79
N ARG A 325 -0.43 -8.99 39.07
CA ARG A 325 0.59 -8.07 39.61
C ARG A 325 2.02 -8.48 39.33
N ASP A 326 2.29 -9.79 39.42
CA ASP A 326 3.66 -10.26 39.28
C ASP A 326 3.74 -11.47 38.37
N PRO A 327 3.57 -11.22 37.04
CA PRO A 327 3.52 -12.35 36.12
C PRO A 327 4.79 -13.13 36.08
N PRO A 328 4.69 -14.47 36.19
CA PRO A 328 5.95 -15.17 36.23
C PRO A 328 6.67 -15.17 34.88
N LEU A 329 5.94 -15.02 33.80
CA LEU A 329 6.54 -14.98 32.47
C LEU A 329 6.39 -13.52 32.03
N LEU A 330 7.52 -12.86 31.90
CA LEU A 330 7.56 -11.40 31.67
C LEU A 330 7.30 -11.03 30.21
N MET A 331 7.76 -11.87 29.30
CA MET A 331 7.78 -11.60 27.84
C MET A 331 7.41 -12.81 27.02
N LEU A 332 6.32 -12.76 26.28
CA LEU A 332 5.97 -13.83 25.38
C LEU A 332 6.45 -13.44 23.96
N MET A 333 7.11 -14.35 23.30
CA MET A 333 7.77 -14.02 22.01
C MET A 333 7.46 -14.96 20.87
N ARG A 334 7.56 -14.45 19.66
CA ARG A 334 7.37 -15.23 18.47
C ARG A 334 8.36 -14.70 17.44
N LYS A 335 8.81 -15.55 16.53
CA LYS A 335 9.52 -15.10 15.32
C LYS A 335 8.52 -14.70 14.22
N VAL A 336 8.74 -13.53 13.63
CA VAL A 336 7.85 -13.03 12.59
C VAL A 336 8.33 -13.65 11.29
N MET A 337 7.52 -14.52 10.72
CA MET A 337 7.86 -15.28 9.48
C MET A 337 7.32 -14.59 8.23
N ALA A 338 6.48 -13.58 8.39
CA ALA A 338 5.98 -12.81 7.27
C ALA A 338 5.45 -11.47 7.81
N ASP A 339 5.51 -10.41 7.01
CA ASP A 339 4.99 -9.11 7.46
C ASP A 339 3.55 -9.17 8.06
N VAL A 340 3.37 -8.66 9.29
CA VAL A 340 2.07 -8.56 9.92
C VAL A 340 1.75 -7.14 10.39
N LYS A 341 0.48 -6.77 10.26
CA LYS A 341 -0.03 -5.52 10.82
C LYS A 341 -0.24 -5.64 12.30
N VAL A 342 0.19 -4.61 12.99
CA VAL A 342 0.00 -4.45 14.41
C VAL A 342 -0.20 -2.97 14.64
N GLY A 343 -1.39 -2.63 15.13
CA GLY A 343 -1.77 -1.27 15.35
C GLY A 343 -1.75 -0.65 13.97
N SER A 344 -1.24 0.56 13.88
CA SER A 344 -1.16 1.21 12.55
C SER A 344 0.14 0.90 11.79
N TYR A 345 0.92 -0.08 12.28
CA TYR A 345 2.23 -0.43 11.72
C TYR A 345 2.31 -1.78 11.00
N VAL A 346 3.39 -1.97 10.23
CA VAL A 346 3.78 -3.27 9.68
C VAL A 346 5.04 -3.78 10.43
N VAL A 347 4.92 -4.93 11.09
CA VAL A 347 6.08 -5.58 11.74
C VAL A 347 6.73 -6.55 10.76
N PRO A 348 7.99 -6.31 10.37
CA PRO A 348 8.60 -7.05 9.25
C PRO A 348 9.05 -8.47 9.56
N LYS A 349 8.93 -9.31 8.53
CA LYS A 349 9.55 -10.63 8.53
C LYS A 349 10.95 -10.57 9.07
N GLY A 350 11.24 -11.43 10.05
CA GLY A 350 12.54 -11.49 10.73
C GLY A 350 12.64 -10.84 12.12
N ASP A 351 11.74 -9.90 12.45
CA ASP A 351 11.65 -9.42 13.84
C ASP A 351 11.29 -10.55 14.79
N ILE A 352 11.70 -10.44 16.04
CA ILE A 352 11.00 -11.08 17.15
C ILE A 352 9.88 -10.12 17.54
N ILE A 353 8.68 -10.63 17.68
CA ILE A 353 7.58 -9.86 18.17
C ILE A 353 7.31 -10.42 19.60
N ALA A 354 7.00 -9.48 20.48
CA ALA A 354 6.75 -9.75 21.90
C ALA A 354 5.54 -9.04 22.44
N CYS A 355 4.88 -9.71 23.41
CA CYS A 355 3.82 -9.12 24.16
C CYS A 355 4.12 -9.46 25.65
N SER A 356 4.09 -8.45 26.52
CA SER A 356 4.65 -8.53 27.86
C SER A 356 3.55 -8.50 28.86
N PRO A 357 3.29 -9.64 29.48
CA PRO A 357 2.36 -9.54 30.59
C PRO A 357 2.80 -8.55 31.63
N LEU A 358 4.10 -8.42 31.91
CA LEU A 358 4.59 -7.45 32.87
C LEU A 358 4.11 -6.04 32.47
N LEU A 359 4.35 -5.66 31.22
CA LEU A 359 3.99 -4.31 30.75
C LEU A 359 2.48 -4.09 30.72
N SER A 360 1.75 -5.06 30.16
CA SER A 360 0.32 -4.93 30.01
C SER A 360 -0.44 -4.93 31.35
N HIS A 361 0.06 -5.71 32.31
CA HIS A 361 -0.56 -5.81 33.63
C HIS A 361 -0.32 -4.54 34.43
N HIS A 362 0.57 -3.69 33.96
CA HIS A 362 0.78 -2.40 34.62
C HIS A 362 0.26 -1.21 33.80
N ASP A 363 -0.49 -1.45 32.74
CA ASP A 363 -1.21 -0.38 32.06
C ASP A 363 -2.30 0.22 32.97
N GLU A 364 -2.16 1.53 33.25
CA GLU A 364 -2.99 2.19 34.25
C GLU A 364 -4.46 2.31 33.87
N GLU A 365 -4.77 2.30 32.58
CA GLU A 365 -6.17 2.16 32.13
C GLU A 365 -6.76 0.77 32.45
N ALA A 366 -6.01 -0.29 32.11
CA ALA A 366 -6.48 -1.67 32.33
C ALA A 366 -6.51 -1.96 33.82
N PHE A 367 -5.47 -1.55 34.54
CA PHE A 367 -5.29 -1.90 35.94
C PHE A 367 -4.86 -0.68 36.78
N PRO A 368 -5.82 0.21 37.14
CA PRO A 368 -5.54 1.38 37.99
C PRO A 368 -4.80 0.99 39.27
N GLU A 369 -3.79 1.79 39.66
CA GLU A 369 -2.85 1.49 40.78
C GLU A 369 -2.34 0.04 40.71
N PRO A 370 -1.61 -0.29 39.63
CA PRO A 370 -1.32 -1.69 39.35
C PRO A 370 -0.44 -2.39 40.39
N ARG A 371 0.35 -1.65 41.16
CA ARG A 371 1.12 -2.30 42.26
C ARG A 371 0.28 -2.69 43.48
N ARG A 372 -0.97 -2.25 43.54
CA ARG A 372 -1.88 -2.63 44.63
C ARG A 372 -2.45 -4.04 44.29
N TRP A 373 -2.18 -5.02 45.14
CA TRP A 373 -2.76 -6.35 45.00
C TRP A 373 -4.20 -6.26 45.47
N ASP A 374 -5.15 -6.50 44.56
CA ASP A 374 -6.58 -6.42 44.84
C ASP A 374 -7.34 -7.54 44.13
N PRO A 375 -7.64 -8.62 44.87
CA PRO A 375 -8.29 -9.74 44.20
C PRO A 375 -9.69 -9.45 43.69
N GLU A 376 -10.28 -8.35 44.12
CA GLU A 376 -11.63 -8.00 43.70
C GLU A 376 -11.66 -7.18 42.43
N ARG A 377 -10.48 -6.85 41.90
CA ARG A 377 -10.44 -6.08 40.67
C ARG A 377 -10.86 -6.92 39.46
N ASP A 378 -11.32 -6.20 38.43
CA ASP A 378 -11.79 -6.77 37.19
C ASP A 378 -11.10 -5.95 36.11
N GLU A 379 -10.65 -6.61 35.03
CA GLU A 379 -10.00 -5.89 33.92
C GLU A 379 -10.97 -4.82 33.38
N LYS A 380 -10.40 -3.68 33.04
CA LYS A 380 -11.16 -2.53 32.55
C LYS A 380 -10.84 -2.28 31.08
N VAL A 381 -9.91 -3.05 30.54
CA VAL A 381 -9.68 -3.17 29.12
C VAL A 381 -9.79 -4.65 28.77
N GLU A 382 -10.57 -4.95 27.74
CA GLU A 382 -10.81 -6.31 27.30
C GLU A 382 -9.51 -7.00 26.90
N GLY A 383 -9.32 -8.21 27.44
CA GLY A 383 -8.16 -9.00 27.13
C GLY A 383 -6.83 -8.48 27.62
N ALA A 384 -6.83 -7.54 28.54
CA ALA A 384 -5.61 -6.99 29.08
C ALA A 384 -4.90 -8.02 29.93
N PHE A 385 -5.64 -8.89 30.64
CA PHE A 385 -4.97 -9.92 31.40
C PHE A 385 -4.50 -11.01 30.46
N ILE A 386 -3.23 -11.34 30.53
CA ILE A 386 -2.58 -12.29 29.68
C ILE A 386 -1.60 -13.14 30.46
N GLY A 387 -1.85 -13.34 31.75
CA GLY A 387 -0.92 -14.10 32.55
C GLY A 387 -0.80 -15.55 32.16
N PHE A 388 -1.81 -16.07 31.47
CA PHE A 388 -1.84 -17.45 30.94
C PHE A 388 -1.78 -17.43 29.42
N GLY A 389 -1.36 -16.27 28.87
CA GLY A 389 -1.39 -16.16 27.45
C GLY A 389 -2.76 -16.17 26.88
N ALA A 390 -2.84 -16.43 25.57
CA ALA A 390 -4.07 -16.38 24.81
C ALA A 390 -3.87 -16.95 23.41
N GLY A 391 -4.95 -17.22 22.71
CA GLY A 391 -4.89 -17.62 21.31
C GLY A 391 -4.25 -18.97 21.12
N VAL A 392 -3.42 -19.01 20.09
CA VAL A 392 -2.89 -20.25 19.53
C VAL A 392 -1.99 -20.99 20.54
N HIS A 393 -1.28 -20.26 21.39
CA HIS A 393 -0.39 -20.87 22.36
C HIS A 393 -0.78 -20.62 23.82
N LYS A 394 -2.07 -20.38 24.06
CA LYS A 394 -2.60 -20.24 25.43
C LYS A 394 -2.22 -21.39 26.36
N CYS A 395 -2.14 -21.10 27.65
CA CYS A 395 -1.63 -22.08 28.59
C CYS A 395 -2.53 -23.28 28.57
N ILE A 396 -1.97 -24.47 28.40
CA ILE A 396 -2.81 -25.69 28.54
C ILE A 396 -2.82 -26.26 29.98
N GLY A 397 -2.03 -25.69 30.87
CA GLY A 397 -1.98 -26.19 32.27
C GLY A 397 -2.65 -25.29 33.27
N GLN A 398 -3.38 -24.28 32.78
CA GLN A 398 -3.94 -23.27 33.68
C GLN A 398 -4.85 -23.90 34.75
N LYS A 399 -5.76 -24.76 34.36
CA LYS A 399 -6.71 -25.31 35.36
C LYS A 399 -5.98 -26.21 36.36
N PHE A 400 -4.99 -26.93 35.89
CA PHE A 400 -4.22 -27.83 36.78
C PHE A 400 -3.38 -27.02 37.73
N GLY A 401 -2.73 -25.98 37.23
CA GLY A 401 -2.01 -25.11 38.07
C GLY A 401 -2.85 -24.41 39.12
N LEU A 402 -4.01 -23.90 38.70
CA LEU A 402 -4.87 -23.20 39.64
C LEU A 402 -5.46 -24.25 40.62
N LEU A 403 -5.69 -25.45 40.14
CA LEU A 403 -6.21 -26.52 41.06
C LEU A 403 -5.24 -26.67 42.26
N GLN A 404 -3.96 -26.81 41.93
CA GLN A 404 -2.91 -26.95 42.93
C GLN A 404 -2.81 -25.74 43.81
N VAL A 405 -2.71 -24.54 43.22
CA VAL A 405 -2.68 -23.35 44.06
C VAL A 405 -3.83 -23.29 45.08
N LYS A 406 -5.06 -23.44 44.59
CA LYS A 406 -6.24 -23.27 45.42
C LYS A 406 -6.32 -24.33 46.53
N THR A 407 -5.91 -25.54 46.20
CA THR A 407 -5.92 -26.63 47.17
C THR A 407 -4.90 -26.35 48.25
N ILE A 408 -3.73 -25.84 47.86
CA ILE A 408 -2.68 -25.58 48.83
C ILE A 408 -3.13 -24.47 49.74
N LEU A 409 -3.77 -23.47 49.14
CA LEU A 409 -4.22 -22.36 49.94
C LEU A 409 -5.25 -22.82 50.98
N ALA A 410 -6.21 -23.65 50.56
CA ALA A 410 -7.25 -24.14 51.49
C ALA A 410 -6.63 -25.05 52.52
N THR A 411 -5.71 -25.89 52.10
CA THR A 411 -5.10 -26.85 53.02
C THR A 411 -4.19 -26.18 54.07
N ALA A 412 -3.36 -25.25 53.61
CA ALA A 412 -2.44 -24.52 54.45
C ALA A 412 -3.11 -23.60 55.49
N PHE A 413 -4.04 -22.77 55.02
CA PHE A 413 -4.67 -21.81 55.89
C PHE A 413 -5.65 -22.49 56.83
N ARG A 414 -6.17 -23.66 56.50
CA ARG A 414 -7.01 -24.40 57.46
C ARG A 414 -6.24 -24.73 58.73
N SER A 415 -5.00 -25.17 58.56
CA SER A 415 -4.19 -25.63 59.68
C SER A 415 -3.18 -24.63 60.24
N TYR A 416 -2.88 -23.54 59.51
CA TYR A 416 -1.89 -22.54 59.93
C TYR A 416 -2.31 -21.13 59.65
N ASP A 417 -1.69 -20.20 60.39
CA ASP A 417 -1.59 -18.80 60.00
C ASP A 417 -0.13 -18.52 59.77
N PHE A 418 0.15 -17.32 59.28
CA PHE A 418 1.48 -16.97 58.83
C PHE A 418 1.74 -15.53 59.10
N GLN A 419 2.98 -15.21 59.43
CA GLN A 419 3.38 -13.84 59.63
C GLN A 419 4.60 -13.59 58.75
N LEU A 420 4.55 -12.49 57.99
CA LEU A 420 5.66 -12.06 57.15
C LEU A 420 6.71 -11.45 58.05
N LEU A 421 7.98 -11.78 57.85
CA LEU A 421 9.01 -11.23 58.72
C LEU A 421 9.62 -9.95 58.15
N ARG A 422 8.85 -9.23 57.33
CA ARG A 422 9.25 -7.95 56.76
C ARG A 422 8.06 -7.01 56.83
N ASP A 423 8.32 -5.73 56.70
CA ASP A 423 7.24 -4.79 56.65
C ASP A 423 6.49 -4.96 55.36
N GLU A 424 7.18 -5.18 54.25
CA GLU A 424 6.54 -5.26 52.94
C GLU A 424 6.53 -6.62 52.28
N VAL A 425 5.58 -6.77 51.39
CA VAL A 425 5.59 -7.90 50.46
C VAL A 425 6.92 -7.88 49.73
N PRO A 426 7.49 -9.08 49.45
CA PRO A 426 8.79 -9.09 48.82
C PRO A 426 8.81 -8.41 47.46
N ASP A 427 9.95 -7.88 47.10
CA ASP A 427 10.14 -7.40 45.71
C ASP A 427 10.20 -8.60 44.74
N PRO A 428 9.65 -8.44 43.52
CA PRO A 428 9.91 -9.43 42.49
C PRO A 428 11.39 -9.47 42.12
N ASP A 429 11.90 -10.65 41.79
CA ASP A 429 13.31 -10.83 41.42
C ASP A 429 13.37 -11.15 39.93
N TYR A 430 13.71 -10.14 39.14
CA TYR A 430 13.66 -10.27 37.68
C TYR A 430 14.88 -10.95 37.05
N HIS A 431 15.80 -11.45 37.87
CA HIS A 431 17.00 -12.07 37.35
C HIS A 431 16.85 -13.52 36.94
N THR A 432 15.68 -14.13 37.17
CA THR A 432 15.46 -15.52 36.76
C THR A 432 14.56 -15.66 35.51
N MET A 433 14.64 -16.82 34.83
CA MET A 433 13.77 -17.18 33.66
C MET A 433 12.29 -17.15 33.94
N VAL A 434 11.94 -17.73 35.08
CA VAL A 434 10.60 -17.65 35.58
C VAL A 434 10.66 -16.80 36.82
N VAL A 435 9.92 -15.69 36.80
CA VAL A 435 10.03 -14.65 37.81
C VAL A 435 9.12 -14.86 39.05
N GLY A 436 9.72 -14.83 40.21
CA GLY A 436 8.97 -14.95 41.49
C GLY A 436 9.35 -13.88 42.49
N PRO A 437 8.81 -13.96 43.71
CA PRO A 437 9.30 -13.08 44.76
C PRO A 437 10.78 -13.38 45.15
N THR A 438 11.51 -12.33 45.55
CA THR A 438 12.94 -12.45 45.93
C THR A 438 13.07 -13.51 47.05
N ALA A 439 13.74 -14.61 46.73
CA ALA A 439 13.80 -15.77 47.63
C ALA A 439 14.25 -15.42 49.06
N SER A 440 15.24 -14.54 49.18
CA SER A 440 15.75 -14.15 50.50
C SER A 440 14.77 -13.29 51.31
N GLN A 441 13.68 -12.80 50.70
CA GLN A 441 12.72 -11.97 51.40
C GLN A 441 11.46 -12.77 51.77
N CYS A 442 11.49 -14.07 51.51
CA CYS A 442 10.31 -14.92 51.67
C CYS A 442 10.34 -15.68 52.99
N ARG A 443 11.07 -15.18 53.98
CA ARG A 443 11.07 -15.89 55.28
C ARG A 443 9.83 -15.48 56.01
N VAL A 444 9.11 -16.48 56.52
CA VAL A 444 7.82 -16.28 57.14
C VAL A 444 7.75 -17.12 58.42
N LYS A 445 6.94 -16.68 59.36
CA LYS A 445 6.65 -17.50 60.55
C LYS A 445 5.32 -18.23 60.38
N TYR A 446 5.33 -19.55 60.47
CA TYR A 446 4.09 -20.30 60.52
C TYR A 446 3.63 -20.39 62.00
N ILE A 447 2.32 -20.49 62.20
CA ILE A 447 1.67 -20.63 63.50
C ILE A 447 0.56 -21.71 63.37
N ARG A 448 0.74 -22.83 64.06
CA ARG A 448 -0.24 -23.91 64.04
C ARG A 448 -1.55 -23.47 64.68
N ARG A 449 -2.64 -23.63 63.97
CA ARG A 449 -3.96 -23.35 64.46
C ARG A 449 -4.42 -24.61 65.22
N LYS A 450 -4.16 -24.64 66.53
CA LYS A 450 -4.21 -25.92 67.27
C LYS A 450 -5.58 -26.62 67.23
N GLY B 2 -13.97 16.29 -13.42
CA GLY B 2 -13.41 15.01 -12.83
C GLY B 2 -14.09 13.79 -13.43
N LYS B 3 -13.43 12.64 -13.39
CA LYS B 3 -14.04 11.44 -13.93
C LYS B 3 -14.98 10.89 -12.86
N LEU B 4 -16.28 10.86 -13.19
CA LEU B 4 -17.31 10.25 -12.29
C LEU B 4 -17.22 8.75 -12.43
N PRO B 5 -17.65 8.00 -11.39
CA PRO B 5 -17.70 6.55 -11.61
C PRO B 5 -18.65 6.18 -12.77
N PRO B 6 -18.43 5.03 -13.38
CA PRO B 6 -19.40 4.60 -14.35
C PRO B 6 -20.82 4.37 -13.72
N VAL B 7 -21.84 4.67 -14.51
CA VAL B 7 -23.25 4.53 -14.13
C VAL B 7 -23.88 3.33 -14.85
N TYR B 8 -24.50 2.42 -14.08
CA TYR B 8 -25.15 1.28 -14.68
C TYR B 8 -26.26 1.78 -15.62
N PRO B 9 -26.40 1.16 -16.80
CA PRO B 9 -27.42 1.72 -17.73
C PRO B 9 -28.83 1.75 -17.14
N VAL B 10 -29.55 2.84 -17.40
CA VAL B 10 -30.94 3.01 -16.93
C VAL B 10 -31.94 2.64 -18.02
N THR B 11 -32.60 1.50 -17.86
CA THR B 11 -33.56 0.99 -18.82
C THR B 11 -34.97 1.44 -18.46
N VAL B 12 -35.35 1.24 -17.20
CA VAL B 12 -36.66 1.62 -16.69
C VAL B 12 -36.54 2.92 -15.90
N PRO B 13 -36.80 4.07 -16.54
CA PRO B 13 -36.48 5.32 -15.84
C PRO B 13 -37.44 5.58 -14.69
N ILE B 14 -37.32 6.76 -14.07
CA ILE B 14 -38.22 7.18 -12.97
C ILE B 14 -38.09 6.30 -11.72
N LEU B 15 -37.95 4.98 -11.93
CA LEU B 15 -37.64 4.06 -10.84
C LEU B 15 -36.15 3.84 -10.80
N GLY B 16 -35.58 3.52 -11.96
CA GLY B 16 -34.20 3.13 -12.10
C GLY B 16 -33.98 1.69 -11.72
N HIS B 17 -33.08 1.49 -10.77
CA HIS B 17 -32.52 0.20 -10.51
C HIS B 17 -33.12 -0.38 -9.26
N ILE B 18 -34.04 0.35 -8.64
CA ILE B 18 -34.60 -0.09 -7.33
C ILE B 18 -35.29 -1.45 -7.41
N ILE B 19 -35.96 -1.73 -8.53
CA ILE B 19 -36.61 -3.03 -8.74
C ILE B 19 -35.62 -4.18 -8.86
N GLN B 20 -34.59 -4.00 -9.68
CA GLN B 20 -33.60 -5.04 -9.85
C GLN B 20 -32.84 -5.26 -8.55
N PHE B 21 -32.56 -4.16 -7.85
CA PHE B 21 -31.85 -4.24 -6.60
C PHE B 21 -32.69 -5.08 -5.61
N GLY B 22 -33.97 -4.75 -5.50
CA GLY B 22 -34.90 -5.48 -4.60
C GLY B 22 -34.93 -6.96 -4.88
N LYS B 23 -35.13 -7.31 -6.14
CA LYS B 23 -35.14 -8.73 -6.56
C LYS B 23 -33.94 -9.52 -6.07
N SER B 24 -32.75 -8.92 -6.18
CA SER B 24 -31.52 -9.65 -5.94
C SER B 24 -30.39 -8.64 -5.70
N PRO B 25 -30.26 -8.20 -4.43
CA PRO B 25 -29.34 -7.09 -4.15
C PRO B 25 -27.90 -7.45 -4.44
N LEU B 26 -27.49 -8.66 -4.06
CA LEU B 26 -26.14 -9.13 -4.30
C LEU B 26 -25.88 -9.43 -5.77
N GLY B 27 -26.84 -10.09 -6.43
CA GLY B 27 -26.70 -10.40 -7.86
C GLY B 27 -26.66 -9.15 -8.71
N PHE B 28 -27.54 -8.22 -8.42
CA PHE B 28 -27.56 -6.97 -9.17
C PHE B 28 -26.25 -6.21 -8.97
N MET B 29 -25.76 -6.16 -7.72
CA MET B 29 -24.58 -5.40 -7.40
C MET B 29 -23.37 -6.03 -8.02
N GLN B 30 -23.31 -7.36 -8.06
CA GLN B 30 -22.22 -8.05 -8.73
C GLN B 30 -22.26 -7.88 -10.24
N GLU B 31 -23.46 -7.85 -10.81
CA GLU B 31 -23.59 -7.59 -12.28
C GLU B 31 -23.04 -6.20 -12.63
N CYS B 32 -23.35 -5.22 -11.78
CA CYS B 32 -22.89 -3.84 -11.94
C CYS B 32 -21.39 -3.75 -11.97
N LYS B 33 -20.78 -4.33 -10.94
CA LYS B 33 -19.33 -4.38 -10.80
C LYS B 33 -18.65 -5.05 -11.99
N ARG B 34 -19.24 -6.15 -12.47
CA ARG B 34 -18.66 -6.88 -13.60
C ARG B 34 -18.82 -6.13 -14.92
N GLN B 35 -20.02 -5.66 -15.17
CA GLN B 35 -20.37 -5.00 -16.42
C GLN B 35 -19.60 -3.69 -16.59
N LEU B 36 -19.38 -3.01 -15.46
CA LEU B 36 -18.82 -1.67 -15.47
C LEU B 36 -17.31 -1.66 -15.21
N LYS B 37 -16.75 -2.86 -15.01
CA LYS B 37 -15.33 -3.10 -14.82
C LYS B 37 -14.75 -2.25 -13.73
N SER B 38 -15.51 -2.13 -12.64
CA SER B 38 -15.14 -1.26 -11.59
C SER B 38 -15.86 -1.62 -10.29
N GLY B 39 -15.12 -1.66 -9.19
CA GLY B 39 -15.77 -1.84 -7.86
C GLY B 39 -16.44 -0.57 -7.33
N ILE B 40 -16.08 0.60 -7.89
CA ILE B 40 -16.75 1.86 -7.59
C ILE B 40 -17.67 2.24 -8.76
N PHE B 41 -18.96 2.29 -8.50
CA PHE B 41 -19.96 2.52 -9.57
C PHE B 41 -21.18 3.16 -9.02
N THR B 42 -22.02 3.67 -9.92
CA THR B 42 -23.18 4.42 -9.51
C THR B 42 -24.46 3.78 -10.03
N ILE B 43 -25.42 3.61 -9.13
CA ILE B 43 -26.78 3.25 -9.54
C ILE B 43 -27.75 4.40 -9.28
N ASN B 44 -28.98 4.23 -9.73
CA ASN B 44 -29.97 5.30 -9.73
C ASN B 44 -31.20 4.78 -8.98
N ILE B 45 -31.47 5.32 -7.81
CA ILE B 45 -32.59 4.87 -6.97
C ILE B 45 -33.66 5.97 -6.91
N VAL B 46 -34.73 5.75 -7.69
CA VAL B 46 -35.86 6.66 -7.78
C VAL B 46 -35.38 8.06 -8.17
N GLY B 47 -34.40 8.12 -9.08
CA GLY B 47 -33.88 9.40 -9.56
C GLY B 47 -32.64 9.90 -8.84
N LYS B 48 -32.23 9.21 -7.78
CA LYS B 48 -31.11 9.68 -6.95
C LYS B 48 -29.85 8.87 -7.21
N ARG B 49 -28.74 9.56 -7.42
CA ARG B 49 -27.47 8.91 -7.66
C ARG B 49 -26.98 8.27 -6.37
N VAL B 50 -26.74 6.95 -6.39
CA VAL B 50 -26.12 6.22 -5.28
C VAL B 50 -24.80 5.63 -5.75
N THR B 51 -23.68 6.15 -5.25
CA THR B 51 -22.38 5.67 -5.61
C THR B 51 -21.88 4.68 -4.59
N ILE B 52 -21.67 3.46 -5.04
CA ILE B 52 -21.29 2.35 -4.17
C ILE B 52 -19.76 2.12 -4.18
N VAL B 53 -19.17 2.09 -2.98
CA VAL B 53 -17.78 1.78 -2.84
C VAL B 53 -17.69 0.26 -2.64
N GLY B 54 -17.61 -0.44 -3.75
CA GLY B 54 -17.63 -1.91 -3.80
C GLY B 54 -16.31 -2.56 -3.97
N ASP B 55 -15.24 -1.79 -3.77
CA ASP B 55 -13.89 -2.27 -3.80
C ASP B 55 -13.37 -2.24 -2.37
N PRO B 56 -13.08 -3.40 -1.78
CA PRO B 56 -12.66 -3.38 -0.36
C PRO B 56 -11.37 -2.63 -0.11
N HIS B 57 -10.58 -2.43 -1.16
CA HIS B 57 -9.35 -1.67 -1.04
C HIS B 57 -9.60 -0.20 -0.78
N GLU B 58 -10.78 0.28 -1.11
CA GLU B 58 -11.15 1.65 -0.89
C GLU B 58 -12.13 1.85 0.28
N HIS B 59 -12.40 0.84 1.11
CA HIS B 59 -13.29 1.07 2.27
C HIS B 59 -12.98 2.31 3.11
N SER B 60 -11.72 2.58 3.35
CA SER B 60 -11.29 3.71 4.17
C SER B 60 -11.89 5.01 3.70
N ARG B 61 -12.08 5.16 2.39
CA ARG B 61 -12.59 6.41 1.84
C ARG B 61 -14.05 6.65 2.19
N PHE B 62 -14.83 5.59 2.51
CA PHE B 62 -16.18 5.70 3.06
C PHE B 62 -16.19 5.94 4.56
N PHE B 63 -15.41 5.13 5.27
CA PHE B 63 -15.53 5.05 6.74
C PHE B 63 -14.78 6.12 7.51
N LEU B 64 -13.72 6.73 6.92
CA LEU B 64 -12.88 7.64 7.69
C LEU B 64 -13.17 9.14 7.53
N PRO B 65 -13.72 9.57 6.39
CA PRO B 65 -13.94 11.00 6.30
C PRO B 65 -14.86 11.54 7.35
N ARG B 66 -14.56 12.73 7.86
CA ARG B 66 -15.38 13.38 8.85
C ARG B 66 -16.83 13.61 8.38
N ASN B 67 -17.69 13.79 9.38
CA ASN B 67 -19.13 14.05 9.18
C ASN B 67 -19.41 15.21 8.23
N GLU B 68 -18.59 16.25 8.32
CA GLU B 68 -18.76 17.45 7.50
C GLU B 68 -18.51 17.13 6.03
N VAL B 69 -17.82 16.02 5.76
CA VAL B 69 -17.61 15.57 4.36
C VAL B 69 -18.62 14.50 3.96
N LEU B 70 -18.72 13.42 4.76
CA LEU B 70 -19.66 12.36 4.50
C LEU B 70 -20.61 12.29 5.71
N SER B 71 -21.81 12.79 5.53
CA SER B 71 -22.76 13.05 6.62
C SER B 71 -23.84 11.95 6.72
N PRO B 72 -24.08 11.42 7.92
CA PRO B 72 -25.20 10.50 8.06
C PRO B 72 -26.54 11.16 8.39
N ARG B 73 -26.56 12.46 8.64
CA ARG B 73 -27.76 13.11 9.16
C ARG B 73 -28.94 12.89 8.24
N GLU B 74 -28.76 13.23 6.97
CA GLU B 74 -29.86 13.23 6.05
C GLU B 74 -30.38 11.81 5.78
N VAL B 75 -29.47 10.85 5.74
CA VAL B 75 -29.80 9.45 5.60
C VAL B 75 -30.71 8.98 6.74
N TYR B 76 -30.50 9.52 7.92
CA TYR B 76 -31.26 9.14 9.12
C TYR B 76 -32.46 10.04 9.41
N SER B 77 -32.75 11.02 8.53
CA SER B 77 -33.90 11.91 8.74
C SER B 77 -35.21 11.17 9.00
N PHE B 78 -35.43 10.05 8.32
CA PHE B 78 -36.64 9.28 8.42
C PHE B 78 -36.80 8.62 9.79
N MET B 79 -35.71 8.46 10.54
CA MET B 79 -35.83 8.01 11.96
C MET B 79 -35.94 9.10 13.02
N VAL B 80 -36.03 10.37 12.63
CA VAL B 80 -36.19 11.39 13.61
C VAL B 80 -37.44 11.17 14.48
N PRO B 81 -38.56 10.75 13.89
CA PRO B 81 -39.73 10.54 14.75
C PRO B 81 -39.49 9.49 15.86
N VAL B 82 -38.61 8.52 15.63
CA VAL B 82 -38.31 7.47 16.64
C VAL B 82 -37.26 8.01 17.66
N PHE B 83 -36.13 8.51 17.17
CA PHE B 83 -35.03 8.95 18.05
C PHE B 83 -35.37 10.29 18.71
N GLY B 84 -36.17 11.11 18.03
CA GLY B 84 -36.50 12.44 18.51
C GLY B 84 -35.75 13.55 17.80
N GLU B 85 -36.33 14.76 17.68
CA GLU B 85 -35.57 15.89 17.13
C GLU B 85 -34.34 16.16 17.96
N GLY B 86 -33.24 16.54 17.30
CA GLY B 86 -31.99 16.84 18.00
C GLY B 86 -31.38 15.65 18.74
N VAL B 87 -31.79 14.45 18.41
CA VAL B 87 -31.18 13.26 19.01
C VAL B 87 -30.36 12.49 18.01
N ALA B 88 -29.21 11.96 18.46
CA ALA B 88 -28.30 11.20 17.62
C ALA B 88 -27.94 12.02 16.34
N TYR B 89 -28.12 11.48 15.14
CA TYR B 89 -27.62 12.12 13.91
C TYR B 89 -28.28 13.48 13.62
N ALA B 90 -29.44 13.72 14.21
CA ALA B 90 -30.15 15.01 14.10
C ALA B 90 -29.49 16.13 14.94
N ALA B 91 -28.60 15.77 15.87
CA ALA B 91 -27.91 16.76 16.68
C ALA B 91 -26.75 17.34 15.86
N PRO B 92 -26.31 18.58 16.18
CA PRO B 92 -25.03 19.06 15.61
C PRO B 92 -23.96 18.02 15.93
N TYR B 93 -22.94 17.87 15.08
CA TYR B 93 -22.06 16.66 15.12
C TYR B 93 -21.32 16.47 16.43
N PRO B 94 -20.83 17.58 17.03
CA PRO B 94 -20.22 17.46 18.35
C PRO B 94 -21.19 16.91 19.43
N ARG B 95 -22.42 17.36 19.39
CA ARG B 95 -23.36 16.98 20.41
C ARG B 95 -23.83 15.52 20.15
N MET B 96 -23.96 15.17 18.86
CA MET B 96 -24.24 13.80 18.42
C MET B 96 -23.22 12.88 19.01
N ARG B 97 -21.95 13.24 18.85
CA ARG B 97 -20.85 12.40 19.35
C ARG B 97 -20.92 12.22 20.86
N GLU B 98 -21.23 13.29 21.59
CA GLU B 98 -21.34 13.20 23.07
C GLU B 98 -22.46 12.21 23.44
N GLN B 99 -23.60 12.37 22.77
CA GLN B 99 -24.77 11.51 23.04
C GLN B 99 -24.47 10.04 22.79
N LEU B 100 -23.85 9.76 21.64
CA LEU B 100 -23.44 8.42 21.31
C LEU B 100 -22.36 7.85 22.26
N ASN B 101 -21.38 8.67 22.64
CA ASN B 101 -20.36 8.26 23.64
C ASN B 101 -20.98 7.87 24.96
N PHE B 102 -22.00 8.63 25.39
CA PHE B 102 -22.67 8.32 26.64
C PHE B 102 -23.35 6.94 26.57
N LEU B 103 -23.99 6.65 25.45
CA LEU B 103 -24.56 5.31 25.24
C LEU B 103 -23.47 4.25 25.23
N ALA B 104 -22.41 4.50 24.49
CA ALA B 104 -21.26 3.62 24.35
C ALA B 104 -20.72 3.32 25.73
N GLU B 105 -20.62 4.33 26.59
CA GLU B 105 -20.13 4.10 27.95
C GLU B 105 -21.03 3.20 28.79
N GLU B 106 -22.28 3.04 28.38
CA GLU B 106 -23.18 2.14 29.09
C GLU B 106 -23.08 0.67 28.61
N LEU B 107 -22.30 0.44 27.55
CA LEU B 107 -22.24 -0.86 26.88
C LEU B 107 -20.84 -1.46 26.83
N THR B 108 -19.96 -0.96 27.69
CA THR B 108 -18.59 -1.39 27.72
C THR B 108 -18.37 -2.58 28.67
N ILE B 109 -17.17 -3.15 28.55
CA ILE B 109 -16.57 -4.18 29.42
C ILE B 109 -16.86 -4.09 30.91
N ALA B 110 -16.73 -2.87 31.44
CA ALA B 110 -16.96 -2.64 32.87
C ALA B 110 -18.38 -3.10 33.35
N LYS B 111 -19.37 -3.04 32.46
CA LYS B 111 -20.74 -3.43 32.80
C LYS B 111 -20.97 -4.91 32.71
N PHE B 112 -20.05 -5.64 32.08
CA PHE B 112 -20.33 -7.01 31.69
C PHE B 112 -20.30 -8.04 32.82
N GLN B 113 -19.71 -7.70 33.96
CA GLN B 113 -19.52 -8.69 35.03
C GLN B 113 -20.91 -9.11 35.52
N ASN B 114 -21.83 -8.16 35.49
CA ASN B 114 -23.22 -8.42 35.79
C ASN B 114 -24.02 -8.95 34.60
N PHE B 115 -23.61 -8.61 33.39
CA PHE B 115 -24.40 -8.93 32.21
C PHE B 115 -24.38 -10.43 31.93
N VAL B 116 -23.26 -11.09 32.12
CA VAL B 116 -23.18 -12.51 31.75
C VAL B 116 -24.19 -13.34 32.53
N PRO B 117 -24.22 -13.21 33.86
CA PRO B 117 -25.25 -14.01 34.56
C PRO B 117 -26.71 -13.58 34.29
N ALA B 118 -26.93 -12.29 34.08
CA ALA B 118 -28.26 -11.80 33.63
C ALA B 118 -28.71 -12.44 32.34
N ILE B 119 -27.82 -12.53 31.35
CA ILE B 119 -28.15 -13.07 30.05
C ILE B 119 -28.40 -14.55 30.21
N GLN B 120 -27.48 -15.23 30.92
CA GLN B 120 -27.62 -16.68 31.00
C GLN B 120 -28.90 -17.09 31.76
N HIS B 121 -29.30 -16.32 32.75
CA HIS B 121 -30.54 -16.65 33.52
C HIS B 121 -31.78 -16.54 32.60
N GLU B 122 -31.83 -15.50 31.79
CA GLU B 122 -32.90 -15.36 30.84
C GLU B 122 -32.92 -16.47 29.81
N VAL B 123 -31.75 -16.87 29.33
CA VAL B 123 -31.67 -17.92 28.34
C VAL B 123 -32.15 -19.25 28.93
N ARG B 124 -31.69 -19.59 30.14
CA ARG B 124 -32.17 -20.81 30.85
C ARG B 124 -33.63 -20.75 31.20
N LYS B 125 -34.16 -19.60 31.64
CA LYS B 125 -35.61 -19.48 31.85
C LYS B 125 -36.39 -19.75 30.59
N PHE B 126 -35.91 -19.21 29.46
CA PHE B 126 -36.58 -19.44 28.21
C PHE B 126 -36.54 -20.94 27.83
N MET B 127 -35.37 -21.55 27.92
CA MET B 127 -35.23 -22.94 27.49
C MET B 127 -36.08 -23.87 28.38
N ALA B 128 -36.13 -23.56 29.67
CA ALA B 128 -36.92 -24.35 30.63
C ALA B 128 -38.41 -24.22 30.39
N ALA B 129 -38.90 -23.04 30.01
CA ALA B 129 -40.32 -22.87 29.70
C ALA B 129 -40.74 -23.46 28.35
N ASN B 130 -39.84 -23.40 27.36
CA ASN B 130 -40.19 -23.66 25.97
C ASN B 130 -39.51 -24.85 25.29
N TRP B 131 -38.34 -25.24 25.76
CA TRP B 131 -37.63 -26.34 25.18
C TRP B 131 -37.62 -27.43 26.27
N ASP B 132 -38.82 -27.74 26.71
CA ASP B 132 -38.99 -28.43 28.00
C ASP B 132 -39.11 -29.95 27.88
N LYS B 133 -39.19 -30.45 26.65
CA LYS B 133 -39.35 -31.90 26.42
C LYS B 133 -38.04 -32.54 25.99
N ASP B 134 -38.07 -33.85 25.72
CA ASP B 134 -36.88 -34.56 25.24
C ASP B 134 -36.49 -34.09 23.86
N GLU B 135 -37.49 -33.71 23.08
CA GLU B 135 -37.31 -33.10 21.78
C GLU B 135 -38.58 -32.35 21.40
N GLY B 136 -38.48 -31.44 20.42
CA GLY B 136 -39.64 -30.70 19.99
C GLY B 136 -39.28 -29.82 18.82
N GLU B 137 -40.27 -29.18 18.23
CA GLU B 137 -40.06 -28.35 17.08
C GLU B 137 -40.34 -26.90 17.46
N ILE B 138 -39.51 -26.01 16.94
CA ILE B 138 -39.60 -24.59 17.28
C ILE B 138 -39.23 -23.79 16.03
N ASN B 139 -39.61 -22.51 16.00
CA ASN B 139 -39.06 -21.59 14.97
C ASN B 139 -37.89 -20.90 15.64
N LEU B 140 -36.69 -21.18 15.15
CA LEU B 140 -35.48 -20.74 15.85
C LEU B 140 -35.29 -19.21 15.78
N LEU B 141 -35.65 -18.62 14.66
CA LEU B 141 -35.56 -17.14 14.51
C LEU B 141 -36.47 -16.39 15.53
N GLU B 142 -37.71 -16.86 15.67
CA GLU B 142 -38.63 -16.30 16.65
C GLU B 142 -38.09 -16.52 18.09
N ASP B 143 -37.65 -17.74 18.42
CA ASP B 143 -37.12 -18.00 19.75
C ASP B 143 -35.82 -17.26 20.09
N CYS B 144 -34.92 -17.09 19.12
CA CYS B 144 -33.74 -16.28 19.35
C CYS B 144 -34.15 -14.80 19.51
N SER B 145 -35.14 -14.35 18.77
CA SER B 145 -35.57 -12.93 18.92
C SER B 145 -36.17 -12.68 20.30
N THR B 146 -36.98 -13.63 20.78
CA THR B 146 -37.48 -13.57 22.14
C THR B 146 -36.36 -13.60 23.15
N MET B 147 -35.38 -14.50 23.03
CA MET B 147 -34.26 -14.51 23.98
C MET B 147 -33.49 -13.18 23.99
N ILE B 148 -33.24 -12.60 22.80
CA ILE B 148 -32.50 -11.37 22.76
C ILE B 148 -33.23 -10.20 23.41
N ILE B 149 -34.53 -10.04 23.21
CA ILE B 149 -35.18 -8.92 23.84
C ILE B 149 -35.23 -9.15 25.33
N ASN B 150 -35.42 -10.42 25.74
CA ASN B 150 -35.38 -10.75 27.17
C ASN B 150 -34.01 -10.53 27.81
N THR B 151 -32.92 -10.99 27.20
CA THR B 151 -31.60 -10.83 27.75
C THR B 151 -31.18 -9.34 27.74
N ALA B 152 -31.51 -8.64 26.66
CA ALA B 152 -31.13 -7.20 26.56
C ALA B 152 -31.79 -6.36 27.68
N CYS B 153 -33.07 -6.56 27.87
CA CYS B 153 -33.81 -5.83 28.91
C CYS B 153 -33.30 -6.19 30.30
N GLN B 154 -32.96 -7.47 30.49
CA GLN B 154 -32.47 -7.92 31.82
C GLN B 154 -31.11 -7.27 32.14
N CYS B 155 -30.29 -7.06 31.13
CA CYS B 155 -29.02 -6.40 31.30
C CYS B 155 -29.14 -4.90 31.51
N LEU B 156 -30.01 -4.28 30.74
CA LEU B 156 -29.97 -2.83 30.62
C LEU B 156 -30.99 -2.13 31.52
N PHE B 157 -32.03 -2.86 31.96
CA PHE B 157 -33.05 -2.21 32.71
C PHE B 157 -33.27 -2.84 34.08
N GLY B 158 -33.45 -1.97 35.06
CA GLY B 158 -33.80 -2.39 36.45
C GLY B 158 -35.11 -3.13 36.54
N GLU B 159 -35.27 -3.91 37.61
CA GLU B 159 -36.51 -4.65 37.83
C GLU B 159 -37.75 -3.78 37.80
N ASP B 160 -37.66 -2.57 38.35
CA ASP B 160 -38.80 -1.65 38.43
C ASP B 160 -39.29 -1.31 37.01
N LEU B 161 -38.34 -1.03 36.10
CA LEU B 161 -38.70 -0.69 34.74
C LEU B 161 -39.27 -1.87 34.01
N ARG B 162 -38.65 -3.03 34.16
CA ARG B 162 -39.14 -4.24 33.55
C ARG B 162 -40.53 -4.65 34.04
N LYS B 163 -40.88 -4.27 35.26
CA LYS B 163 -42.22 -4.54 35.80
C LYS B 163 -43.26 -3.63 35.14
N ARG B 164 -42.94 -2.35 34.97
CA ARG B 164 -43.89 -1.43 34.33
C ARG B 164 -43.92 -1.63 32.81
N LEU B 165 -42.85 -2.20 32.26
CA LEU B 165 -42.70 -2.38 30.81
C LEU B 165 -41.95 -3.68 30.51
N ASP B 166 -42.65 -4.81 30.49
CA ASP B 166 -41.97 -6.10 30.28
C ASP B 166 -41.45 -6.24 28.84
N ALA B 167 -40.55 -7.20 28.64
CA ALA B 167 -39.96 -7.43 27.31
C ALA B 167 -41.01 -7.46 26.18
N ARG B 168 -42.15 -8.11 26.42
CA ARG B 168 -43.23 -8.23 25.46
C ARG B 168 -43.92 -6.91 25.12
N ARG B 169 -44.21 -6.09 26.14
CA ARG B 169 -44.77 -4.78 25.93
C ARG B 169 -43.72 -3.89 25.23
N PHE B 170 -42.47 -4.00 25.64
CA PHE B 170 -41.41 -3.20 25.09
C PHE B 170 -41.30 -3.54 23.59
N ALA B 171 -41.28 -4.84 23.30
CA ALA B 171 -41.36 -5.35 21.93
C ALA B 171 -42.49 -4.73 21.11
N GLN B 172 -43.70 -4.73 21.63
CA GLN B 172 -44.86 -4.15 20.97
C GLN B 172 -44.67 -2.66 20.71
N LEU B 173 -44.09 -1.96 21.68
CA LEU B 173 -43.90 -0.51 21.56
C LEU B 173 -42.90 -0.25 20.44
N LEU B 174 -41.79 -0.98 20.49
CA LEU B 174 -40.75 -0.92 19.48
C LEU B 174 -41.31 -1.23 18.08
N ALA B 175 -42.14 -2.28 17.98
CA ALA B 175 -42.78 -2.68 16.72
C ALA B 175 -43.69 -1.57 16.16
N LYS B 176 -44.41 -0.89 17.04
CA LYS B 176 -45.27 0.19 16.64
C LYS B 176 -44.41 1.32 16.02
N MET B 177 -43.37 1.71 16.72
CA MET B 177 -42.41 2.69 16.16
C MET B 177 -41.81 2.20 14.86
N GLU B 178 -41.31 0.96 14.82
CA GLU B 178 -40.67 0.40 13.62
C GLU B 178 -41.58 0.40 12.40
N SER B 179 -42.82 -0.06 12.59
CA SER B 179 -43.72 -0.21 11.48
C SER B 179 -44.21 1.15 11.00
N SER B 180 -43.92 2.19 11.76
CA SER B 180 -44.24 3.54 11.38
C SER B 180 -43.15 4.16 10.49
N LEU B 181 -42.03 3.48 10.29
CA LEU B 181 -40.88 4.01 9.52
C LEU B 181 -41.06 3.91 8.01
N ILE B 182 -40.63 4.94 7.29
CA ILE B 182 -40.68 4.94 5.83
C ILE B 182 -39.29 5.22 5.26
N PRO B 183 -38.52 4.14 5.11
CA PRO B 183 -37.14 4.35 4.65
C PRO B 183 -37.06 4.78 3.20
N ALA B 184 -38.15 4.65 2.45
CA ALA B 184 -38.24 5.28 1.12
C ALA B 184 -37.95 6.77 1.19
N ALA B 185 -38.18 7.40 2.35
CA ALA B 185 -37.90 8.84 2.54
C ALA B 185 -36.45 9.21 2.29
N VAL B 186 -35.52 8.25 2.39
CA VAL B 186 -34.13 8.48 2.12
C VAL B 186 -33.97 8.93 0.68
N PHE B 187 -34.69 8.28 -0.23
CA PHE B 187 -34.64 8.63 -1.66
C PHE B 187 -35.79 9.51 -2.13
N LEU B 188 -36.84 9.66 -1.32
CA LEU B 188 -37.93 10.60 -1.60
C LEU B 188 -38.15 11.51 -0.40
N PRO B 189 -37.26 12.48 -0.19
CA PRO B 189 -37.31 13.35 0.99
C PRO B 189 -38.56 14.16 1.16
N ILE B 190 -39.34 14.30 0.11
CA ILE B 190 -40.57 15.04 0.22
C ILE B 190 -41.45 14.39 1.30
N LEU B 191 -41.36 13.07 1.42
CA LEU B 191 -42.13 12.32 2.43
C LEU B 191 -41.99 12.84 3.85
N LEU B 192 -40.84 13.38 4.20
CA LEU B 192 -40.62 13.80 5.57
C LEU B 192 -41.26 15.15 5.85
N LYS B 193 -41.77 15.80 4.80
CA LYS B 193 -42.49 17.08 4.97
C LYS B 193 -44.01 16.93 4.88
N LEU B 194 -44.51 15.75 4.54
CA LEU B 194 -45.94 15.53 4.37
C LEU B 194 -46.58 15.01 5.65
N PRO B 195 -47.86 15.34 5.89
CA PRO B 195 -48.55 14.76 7.03
C PRO B 195 -48.79 13.28 6.77
N LEU B 196 -48.31 12.44 7.67
CA LEU B 196 -48.41 11.01 7.50
C LEU B 196 -49.03 10.47 8.80
N PRO B 197 -49.99 9.55 8.71
CA PRO B 197 -50.53 8.92 9.93
C PRO B 197 -49.44 8.13 10.73
N GLN B 198 -48.39 7.74 10.02
CA GLN B 198 -47.17 7.14 10.62
C GLN B 198 -46.55 8.01 11.70
N SER B 199 -46.48 9.32 11.42
CA SER B 199 -45.90 10.27 12.35
C SER B 199 -46.64 10.23 13.66
N ALA B 200 -47.97 10.22 13.60
CA ALA B 200 -48.78 10.17 14.82
C ALA B 200 -48.59 8.86 15.60
N ARG B 201 -48.48 7.71 14.92
CA ARG B 201 -48.35 6.42 15.63
C ARG B 201 -47.01 6.39 16.34
N CYS B 202 -45.99 6.80 15.61
CA CYS B 202 -44.67 6.89 16.15
C CYS B 202 -44.62 7.83 17.34
N HIS B 203 -45.21 9.02 17.19
CA HIS B 203 -45.26 9.97 18.30
C HIS B 203 -45.98 9.39 19.52
N GLU B 204 -47.08 8.70 19.26
CA GLU B 204 -47.86 8.07 20.32
C GLU B 204 -47.03 7.05 21.11
N ALA B 205 -46.32 6.17 20.39
CA ALA B 205 -45.53 5.12 21.05
C ALA B 205 -44.36 5.71 21.85
N ARG B 206 -43.62 6.63 21.21
CA ARG B 206 -42.49 7.25 21.82
C ARG B 206 -42.90 8.02 23.08
N THR B 207 -44.01 8.77 22.99
CA THR B 207 -44.54 9.50 24.13
C THR B 207 -44.91 8.51 25.26
N GLU B 208 -45.52 7.39 24.92
CA GLU B 208 -45.85 6.42 25.97
C GLU B 208 -44.57 5.94 26.67
N LEU B 209 -43.49 5.74 25.91
CA LEU B 209 -42.23 5.26 26.49
C LEU B 209 -41.64 6.32 27.42
N GLN B 210 -41.62 7.57 26.93
CA GLN B 210 -41.04 8.62 27.73
C GLN B 210 -41.80 8.77 29.05
N LYS B 211 -43.11 8.59 28.99
CA LYS B 211 -43.92 8.72 30.19
C LYS B 211 -43.63 7.61 31.21
N ILE B 212 -43.48 6.40 30.71
CA ILE B 212 -43.05 5.30 31.59
C ILE B 212 -41.74 5.62 32.24
N LEU B 213 -40.79 6.12 31.44
CA LEU B 213 -39.49 6.52 31.99
C LEU B 213 -39.60 7.60 33.07
N SER B 214 -40.48 8.59 32.87
CA SER B 214 -40.58 9.68 33.84
C SER B 214 -41.23 9.15 35.11
N GLU B 215 -42.17 8.22 34.97
CA GLU B 215 -42.80 7.58 36.15
C GLU B 215 -41.78 6.77 36.93
N ILE B 216 -40.88 6.11 36.21
CA ILE B 216 -39.79 5.34 36.84
C ILE B 216 -38.80 6.23 37.55
N ILE B 217 -38.47 7.36 36.93
CA ILE B 217 -37.62 8.35 37.58
C ILE B 217 -38.17 8.78 38.95
N ILE B 218 -39.46 9.12 38.96
CA ILE B 218 -40.14 9.56 40.17
C ILE B 218 -40.24 8.42 41.20
N ALA B 219 -40.65 7.24 40.76
CA ALA B 219 -40.70 6.05 41.62
C ALA B 219 -39.34 5.75 42.26
N ARG B 220 -38.26 5.96 41.51
CA ARG B 220 -36.93 5.76 42.09
C ARG B 220 -36.57 6.79 43.14
N LYS B 221 -36.95 8.06 42.90
CA LYS B 221 -36.75 9.06 43.92
C LYS B 221 -37.49 8.67 45.21
N GLU B 222 -38.67 8.11 45.06
CA GLU B 222 -39.52 7.67 46.18
C GLU B 222 -38.84 6.54 46.99
N GLU B 223 -38.16 5.65 46.26
CA GLU B 223 -37.47 4.50 46.85
C GLU B 223 -36.26 4.92 47.62
N GLU B 224 -35.53 5.90 47.10
CA GLU B 224 -34.36 6.40 47.76
C GLU B 224 -34.75 7.06 49.07
N VAL B 225 -35.87 7.79 49.05
CA VAL B 225 -36.37 8.44 50.26
C VAL B 225 -36.82 7.37 51.28
N ASN B 226 -37.47 6.32 50.80
CA ASN B 226 -38.09 5.32 51.68
C ASN B 226 -37.22 4.11 51.96
N LYS B 227 -36.64 3.50 50.93
CA LYS B 227 -35.68 2.39 51.14
C LYS B 227 -34.25 2.92 51.04
N ASP B 228 -33.38 1.99 50.72
CA ASP B 228 -32.07 2.22 50.13
C ASP B 228 -32.11 1.65 48.74
N SER B 229 -33.27 1.62 48.14
CA SER B 229 -33.40 0.81 46.89
C SER B 229 -32.72 1.50 45.68
N SER B 230 -31.44 1.85 45.80
CA SER B 230 -30.78 2.56 44.68
C SER B 230 -30.57 1.70 43.43
N THR B 231 -31.41 1.88 42.41
CA THR B 231 -31.29 1.10 41.18
C THR B 231 -30.28 1.71 40.21
N SER B 232 -29.45 0.87 39.62
CA SER B 232 -28.40 1.29 38.70
C SER B 232 -28.58 0.56 37.36
N ASP B 233 -28.86 1.31 36.27
CA ASP B 233 -29.10 0.69 34.97
C ASP B 233 -28.81 1.66 33.78
N LEU B 234 -29.25 1.31 32.57
CA LEU B 234 -29.00 2.17 31.43
C LEU B 234 -29.67 3.52 31.65
N LEU B 235 -30.90 3.50 32.13
CA LEU B 235 -31.63 4.71 32.43
C LEU B 235 -30.88 5.63 33.42
N SER B 236 -30.53 5.08 34.58
CA SER B 236 -29.84 5.86 35.61
C SER B 236 -28.51 6.35 35.08
N GLY B 237 -27.77 5.49 34.38
CA GLY B 237 -26.51 5.93 33.76
C GLY B 237 -26.64 7.13 32.80
N LEU B 238 -27.58 7.06 31.86
CA LEU B 238 -27.75 8.20 30.93
C LEU B 238 -28.21 9.48 31.63
N LEU B 239 -29.06 9.33 32.66
CA LEU B 239 -29.54 10.47 33.44
C LEU B 239 -28.41 11.15 34.23
N SER B 240 -27.33 10.45 34.53
CA SER B 240 -26.18 11.06 35.17
C SER B 240 -25.21 11.74 34.18
N ALA B 241 -25.46 11.63 32.88
CA ALA B 241 -24.55 12.20 31.89
C ALA B 241 -24.57 13.72 31.95
N VAL B 242 -23.40 14.33 31.81
CA VAL B 242 -23.30 15.80 31.70
C VAL B 242 -22.46 16.16 30.48
N TYR B 243 -23.05 16.94 29.59
CA TYR B 243 -22.35 17.38 28.39
C TYR B 243 -21.12 18.21 28.76
N ARG B 244 -20.20 18.40 27.81
CA ARG B 244 -19.04 19.29 28.02
C ARG B 244 -19.48 20.68 28.46
N ASP B 245 -20.61 21.17 27.97
CA ASP B 245 -21.10 22.50 28.33
C ASP B 245 -21.75 22.57 29.74
N GLY B 246 -21.67 21.50 30.54
CA GLY B 246 -22.23 21.53 31.91
C GLY B 246 -23.71 21.17 32.01
N THR B 247 -24.39 21.00 30.89
CA THR B 247 -25.82 20.77 30.93
C THR B 247 -26.07 19.24 30.92
N PRO B 248 -27.16 18.80 31.57
CA PRO B 248 -27.38 17.36 31.56
C PRO B 248 -28.18 16.91 30.34
N MET B 249 -28.13 15.62 30.10
CA MET B 249 -28.97 15.01 29.10
C MET B 249 -30.43 15.22 29.49
N SER B 250 -31.25 15.70 28.55
CA SER B 250 -32.67 15.88 28.81
C SER B 250 -33.34 14.52 28.79
N LEU B 251 -34.52 14.44 29.40
CA LEU B 251 -35.32 13.17 29.33
C LEU B 251 -35.64 12.78 27.88
N HIS B 252 -36.03 13.78 27.07
CA HIS B 252 -36.16 13.62 25.61
C HIS B 252 -35.00 12.84 24.99
N GLU B 253 -33.78 13.31 25.27
CA GLU B 253 -32.56 12.71 24.76
C GLU B 253 -32.29 11.34 25.33
N VAL B 254 -32.50 11.17 26.64
CA VAL B 254 -32.36 9.82 27.26
C VAL B 254 -33.29 8.79 26.63
N CYS B 255 -34.56 9.19 26.43
CA CYS B 255 -35.52 8.40 25.74
C CYS B 255 -35.05 7.99 24.34
N GLY B 256 -34.57 8.97 23.58
CA GLY B 256 -34.05 8.73 22.23
C GLY B 256 -32.91 7.74 22.17
N MET B 257 -31.99 7.86 23.12
CA MET B 257 -30.83 7.03 23.14
C MET B 257 -31.22 5.61 23.57
N ILE B 258 -32.17 5.50 24.50
CA ILE B 258 -32.74 4.17 24.81
C ILE B 258 -33.42 3.51 23.62
N VAL B 259 -34.21 4.27 22.89
CA VAL B 259 -34.87 3.74 21.69
C VAL B 259 -33.84 3.32 20.68
N ALA B 260 -32.80 4.16 20.48
CA ALA B 260 -31.74 3.84 19.56
C ALA B 260 -31.02 2.54 19.98
N ALA B 261 -30.77 2.35 21.27
CA ALA B 261 -30.09 1.13 21.72
C ALA B 261 -30.91 -0.13 21.45
N MET B 262 -32.20 -0.08 21.76
CA MET B 262 -33.08 -1.24 21.70
C MET B 262 -33.36 -1.58 20.25
N PHE B 263 -33.61 -0.53 19.48
CA PHE B 263 -33.80 -0.63 18.06
C PHE B 263 -32.62 -1.24 17.34
N ALA B 264 -31.41 -0.69 17.54
CA ALA B 264 -30.22 -1.22 16.90
C ALA B 264 -29.94 -2.68 17.26
N GLY B 265 -29.99 -2.98 18.55
CA GLY B 265 -29.50 -4.26 19.06
C GLY B 265 -30.41 -5.43 18.88
N GLN B 266 -31.73 -5.21 18.79
CA GLN B 266 -32.73 -6.29 18.76
C GLN B 266 -32.58 -7.27 17.56
N HIS B 267 -32.84 -6.79 16.32
CA HIS B 267 -32.83 -7.71 15.20
C HIS B 267 -31.44 -8.21 14.83
N THR B 268 -30.48 -7.29 14.70
CA THR B 268 -29.12 -7.66 14.38
C THR B 268 -28.57 -8.79 15.28
N SER B 269 -28.73 -8.67 16.58
CA SER B 269 -28.18 -9.71 17.50
C SER B 269 -28.94 -11.03 17.38
N SER B 270 -30.26 -10.92 17.24
CA SER B 270 -31.21 -12.03 17.05
C SER B 270 -30.84 -12.83 15.81
N ILE B 271 -30.73 -12.11 14.70
CA ILE B 271 -30.31 -12.67 13.44
C ILE B 271 -28.90 -13.32 13.51
N THR B 272 -27.91 -12.66 14.14
CA THR B 272 -26.61 -13.23 14.25
C THR B 272 -26.63 -14.57 15.00
N THR B 273 -27.37 -14.61 16.12
CA THR B 273 -27.54 -15.85 16.89
C THR B 273 -28.17 -16.96 16.05
N THR B 274 -29.22 -16.61 15.32
CA THR B 274 -29.97 -17.56 14.55
C THR B 274 -29.12 -18.14 13.45
N TRP B 275 -28.47 -17.29 12.63
CA TRP B 275 -27.62 -17.82 11.61
C TRP B 275 -26.53 -18.70 12.22
N SER B 276 -25.97 -18.29 13.36
CA SER B 276 -24.84 -19.02 13.92
C SER B 276 -25.28 -20.45 14.28
N MET B 277 -26.44 -20.57 14.90
CA MET B 277 -27.05 -21.85 15.27
C MET B 277 -27.38 -22.70 14.07
N LEU B 278 -28.02 -22.09 13.06
CA LEU B 278 -28.29 -22.77 11.81
C LEU B 278 -27.05 -23.35 11.17
N HIS B 279 -25.98 -22.57 11.06
CA HIS B 279 -24.78 -23.09 10.47
C HIS B 279 -24.21 -24.25 11.34
N LEU B 280 -24.17 -24.03 12.64
CA LEU B 280 -23.48 -24.96 13.52
C LEU B 280 -24.20 -26.32 13.63
N MET B 281 -25.51 -26.34 13.45
CA MET B 281 -26.30 -27.57 13.47
C MET B 281 -26.35 -28.29 12.12
N HIS B 282 -25.91 -27.63 11.04
CA HIS B 282 -25.88 -28.27 9.74
C HIS B 282 -24.78 -29.36 9.74
N PRO B 283 -25.12 -30.55 9.22
CA PRO B 283 -24.14 -31.67 9.25
C PRO B 283 -22.77 -31.38 8.60
N ALA B 284 -22.77 -30.60 7.51
CA ALA B 284 -21.51 -30.14 6.92
C ALA B 284 -20.51 -29.46 7.87
N ASN B 285 -21.01 -28.90 8.97
CA ASN B 285 -20.22 -28.11 9.90
C ASN B 285 -20.03 -28.82 11.25
N VAL B 286 -20.16 -30.15 11.24
CA VAL B 286 -19.91 -30.96 12.43
C VAL B 286 -18.54 -30.69 13.05
N LYS B 287 -17.51 -30.32 12.27
CA LYS B 287 -16.18 -30.02 12.85
C LYS B 287 -16.20 -28.73 13.66
N HIS B 288 -16.96 -27.76 13.15
CA HIS B 288 -17.12 -26.49 13.85
C HIS B 288 -17.97 -26.63 15.11
N LEU B 289 -19.03 -27.42 15.04
CA LEU B 289 -19.80 -27.70 16.26
C LEU B 289 -18.88 -28.36 17.30
N GLU B 290 -18.02 -29.29 16.88
CA GLU B 290 -17.09 -29.97 17.78
C GLU B 290 -16.11 -28.97 18.42
N ALA B 291 -15.60 -28.04 17.60
CA ALA B 291 -14.73 -26.99 18.09
C ALA B 291 -15.42 -26.12 19.15
N LEU B 292 -16.69 -25.80 18.94
CA LEU B 292 -17.43 -25.00 19.92
C LEU B 292 -17.59 -25.79 21.22
N ARG B 293 -17.99 -27.05 21.08
CA ARG B 293 -18.21 -27.96 22.21
C ARG B 293 -16.93 -28.13 23.03
N LYS B 294 -15.81 -28.25 22.34
CA LYS B 294 -14.49 -28.29 23.00
C LYS B 294 -14.13 -26.96 23.69
N GLU B 295 -14.43 -25.83 23.03
CA GLU B 295 -14.23 -24.49 23.61
C GLU B 295 -14.94 -24.29 24.94
N ILE B 296 -16.15 -24.84 25.07
CA ILE B 296 -17.03 -24.60 26.22
C ILE B 296 -17.06 -25.76 27.22
N GLU B 297 -16.37 -26.85 26.90
CA GLU B 297 -16.46 -28.08 27.66
C GLU B 297 -16.17 -27.96 29.15
N GLU B 298 -15.20 -27.16 29.50
CA GLU B 298 -14.77 -27.02 30.89
C GLU B 298 -15.29 -25.77 31.60
N PHE B 299 -16.27 -25.08 30.98
CA PHE B 299 -16.93 -23.93 31.60
C PHE B 299 -17.82 -24.37 32.74
N PRO B 300 -17.94 -23.51 33.77
CA PRO B 300 -18.93 -23.77 34.82
C PRO B 300 -20.39 -23.73 34.36
N ALA B 301 -21.28 -24.37 35.11
CA ALA B 301 -22.70 -24.28 34.87
C ALA B 301 -23.17 -22.79 34.88
N GLN B 302 -22.58 -21.98 35.76
CA GLN B 302 -22.87 -20.53 35.76
C GLN B 302 -21.68 -19.84 35.13
N LEU B 303 -21.81 -19.44 33.86
CA LEU B 303 -20.74 -18.72 33.18
C LEU B 303 -20.40 -17.42 33.85
N ASN B 304 -19.16 -16.98 33.67
CA ASN B 304 -18.73 -15.67 34.11
C ASN B 304 -18.12 -14.90 32.97
N TYR B 305 -17.72 -13.65 33.28
CA TYR B 305 -17.17 -12.71 32.30
C TYR B 305 -15.95 -13.29 31.59
N ASN B 306 -15.06 -13.91 32.35
CA ASN B 306 -13.85 -14.49 31.78
C ASN B 306 -14.17 -15.52 30.69
N ASN B 307 -15.11 -16.42 30.98
CA ASN B 307 -15.50 -17.48 30.07
C ASN B 307 -16.01 -16.95 28.74
N VAL B 308 -16.92 -15.98 28.77
CA VAL B 308 -17.53 -15.53 27.53
C VAL B 308 -16.64 -14.52 26.83
N MET B 309 -16.06 -13.62 27.61
CA MET B 309 -15.32 -12.51 27.00
C MET B 309 -13.89 -12.89 26.58
N ASP B 310 -13.25 -13.78 27.35
CA ASP B 310 -11.85 -14.15 27.13
C ASP B 310 -11.64 -15.58 26.60
N GLU B 311 -12.55 -16.51 26.84
CA GLU B 311 -12.33 -17.96 26.55
C GLU B 311 -13.23 -18.53 25.43
N MET B 312 -13.79 -17.63 24.60
CA MET B 312 -14.68 -18.05 23.50
C MET B 312 -14.27 -17.41 22.14
N PRO B 313 -12.98 -17.48 21.80
CA PRO B 313 -12.55 -16.95 20.48
C PRO B 313 -13.16 -17.67 19.29
N PHE B 314 -13.47 -18.96 19.41
CA PHE B 314 -14.07 -19.67 18.30
C PHE B 314 -15.55 -19.33 18.09
N ALA B 315 -16.29 -19.21 19.18
CA ALA B 315 -17.68 -18.80 19.08
C ALA B 315 -17.76 -17.39 18.51
N GLU B 316 -16.79 -16.56 18.84
CA GLU B 316 -16.70 -15.22 18.26
C GLU B 316 -16.48 -15.29 16.74
N ARG B 317 -15.61 -16.20 16.32
CA ARG B 317 -15.42 -16.49 14.89
C ARG B 317 -16.70 -16.98 14.21
N CYS B 318 -17.47 -17.86 14.88
CA CYS B 318 -18.75 -18.29 14.37
C CYS B 318 -19.70 -17.12 14.17
N ALA B 319 -19.85 -16.28 15.17
CA ALA B 319 -20.75 -15.13 15.07
C ALA B 319 -20.27 -14.18 13.97
N ARG B 320 -18.97 -13.92 13.93
CA ARG B 320 -18.49 -12.93 12.91
C ARG B 320 -18.63 -13.46 11.47
N GLU B 321 -18.35 -14.75 11.27
CA GLU B 321 -18.48 -15.32 9.93
C GLU B 321 -19.95 -15.40 9.49
N SER B 322 -20.88 -15.56 10.46
CA SER B 322 -22.30 -15.47 10.13
C SER B 322 -22.66 -14.10 9.62
N ILE B 323 -22.10 -13.10 10.27
CA ILE B 323 -22.31 -11.70 9.81
C ILE B 323 -21.62 -11.46 8.48
N ARG B 324 -20.45 -12.05 8.30
CA ARG B 324 -19.67 -11.91 7.06
C ARG B 324 -20.48 -12.44 5.89
N ARG B 325 -20.93 -13.69 6.03
CA ARG B 325 -21.71 -14.33 4.98
C ARG B 325 -23.06 -13.68 4.67
N ASP B 326 -23.79 -13.31 5.72
CA ASP B 326 -25.11 -12.75 5.60
C ASP B 326 -25.26 -11.51 6.52
N PRO B 327 -24.62 -10.42 6.15
CA PRO B 327 -24.68 -9.22 6.97
C PRO B 327 -26.15 -8.72 7.10
N PRO B 328 -26.64 -8.45 8.33
CA PRO B 328 -28.02 -8.00 8.52
C PRO B 328 -28.23 -6.57 7.99
N LEU B 329 -27.16 -5.79 7.92
CA LEU B 329 -27.22 -4.41 7.36
C LEU B 329 -26.54 -4.43 6.00
N LEU B 330 -27.34 -4.25 4.96
CA LEU B 330 -26.92 -4.54 3.58
C LEU B 330 -26.16 -3.37 3.03
N MET B 331 -26.56 -2.17 3.40
CA MET B 331 -26.00 -0.95 2.80
C MET B 331 -25.84 0.09 3.86
N LEU B 332 -24.64 0.67 3.97
CA LEU B 332 -24.34 1.74 4.90
C LEU B 332 -24.22 2.98 4.00
N MET B 333 -24.81 4.09 4.43
CA MET B 333 -24.94 5.26 3.55
C MET B 333 -24.58 6.58 4.20
N ARG B 334 -24.10 7.50 3.37
CA ARG B 334 -23.83 8.85 3.79
C ARG B 334 -24.23 9.82 2.67
N LYS B 335 -24.43 11.07 3.01
CA LYS B 335 -24.61 12.12 2.01
C LYS B 335 -23.23 12.78 1.74
N VAL B 336 -22.90 12.93 0.46
CA VAL B 336 -21.62 13.53 0.09
C VAL B 336 -21.86 15.04 0.19
N MET B 337 -21.19 15.69 1.11
CA MET B 337 -21.36 17.15 1.30
C MET B 337 -20.39 17.99 0.50
N ALA B 338 -19.39 17.34 -0.08
CA ALA B 338 -18.38 18.01 -0.91
C ALA B 338 -17.74 16.91 -1.70
N ASP B 339 -17.26 17.26 -2.91
CA ASP B 339 -16.63 16.31 -3.78
C ASP B 339 -15.57 15.49 -3.03
N VAL B 340 -15.57 14.17 -3.22
CA VAL B 340 -14.57 13.33 -2.56
C VAL B 340 -13.96 12.41 -3.59
N LYS B 341 -12.64 12.25 -3.56
CA LYS B 341 -11.93 11.40 -4.51
C LYS B 341 -11.89 9.97 -3.93
N VAL B 342 -12.37 9.03 -4.72
CA VAL B 342 -12.38 7.60 -4.34
C VAL B 342 -11.83 6.78 -5.49
N GLY B 343 -10.67 6.13 -5.27
CA GLY B 343 -9.94 5.46 -6.32
C GLY B 343 -9.64 6.45 -7.45
N SER B 344 -9.96 6.06 -8.67
CA SER B 344 -9.70 6.88 -9.86
C SER B 344 -10.77 7.95 -10.09
N TYR B 345 -11.77 8.04 -9.20
CA TYR B 345 -12.99 8.79 -9.44
C TYR B 345 -13.24 9.97 -8.50
N VAL B 346 -14.01 10.91 -8.97
CA VAL B 346 -14.57 11.94 -8.11
C VAL B 346 -16.01 11.60 -7.81
N VAL B 347 -16.36 11.46 -6.54
CA VAL B 347 -17.76 11.29 -6.15
C VAL B 347 -18.32 12.67 -5.81
N PRO B 348 -19.29 13.17 -6.58
CA PRO B 348 -19.64 14.59 -6.46
C PRO B 348 -20.57 14.90 -5.30
N LYS B 349 -20.44 16.11 -4.76
CA LYS B 349 -21.45 16.67 -3.87
C LYS B 349 -22.88 16.35 -4.32
N GLY B 350 -23.72 15.93 -3.38
CA GLY B 350 -25.11 15.60 -3.70
C GLY B 350 -25.38 14.10 -3.79
N ASP B 351 -24.36 13.28 -4.08
CA ASP B 351 -24.57 11.84 -4.23
C ASP B 351 -24.90 11.29 -2.85
N ILE B 352 -25.59 10.17 -2.82
CA ILE B 352 -25.51 9.28 -1.65
C ILE B 352 -24.35 8.37 -1.92
N ILE B 353 -23.40 8.29 -1.00
CA ILE B 353 -22.34 7.31 -1.11
C ILE B 353 -22.67 6.17 -0.15
N ALA B 354 -22.37 4.96 -0.59
CA ALA B 354 -22.76 3.76 0.11
C ALA B 354 -21.58 2.81 0.08
N CYS B 355 -21.54 1.96 1.08
CA CYS B 355 -20.60 0.87 1.13
C CYS B 355 -21.44 -0.25 1.70
N SER B 356 -21.43 -1.40 1.01
CA SER B 356 -22.36 -2.48 1.27
C SER B 356 -21.60 -3.69 1.84
N PRO B 357 -21.87 -4.01 3.10
CA PRO B 357 -21.28 -5.23 3.62
C PRO B 357 -21.64 -6.45 2.77
N LEU B 358 -22.84 -6.46 2.20
CA LEU B 358 -23.26 -7.60 1.38
C LEU B 358 -22.31 -7.75 0.16
N LEU B 359 -22.13 -6.68 -0.59
CA LEU B 359 -21.20 -6.71 -1.76
C LEU B 359 -19.76 -7.02 -1.38
N SER B 360 -19.21 -6.28 -0.42
CA SER B 360 -17.83 -6.42 -0.01
C SER B 360 -17.52 -7.78 0.59
N HIS B 361 -18.46 -8.36 1.33
CA HIS B 361 -18.23 -9.63 1.95
C HIS B 361 -18.28 -10.77 0.94
N HIS B 362 -18.65 -10.47 -0.30
CA HIS B 362 -18.65 -11.46 -1.36
C HIS B 362 -17.63 -11.15 -2.44
N ASP B 363 -16.74 -10.21 -2.17
CA ASP B 363 -15.58 -9.97 -3.05
C ASP B 363 -14.65 -11.19 -3.00
N GLU B 364 -14.39 -11.79 -4.16
CA GLU B 364 -13.75 -13.12 -4.17
C GLU B 364 -12.27 -13.07 -3.89
N GLU B 365 -11.65 -11.89 -4.07
CA GLU B 365 -10.29 -11.69 -3.60
C GLU B 365 -10.27 -11.67 -2.06
N ALA B 366 -11.13 -10.83 -1.47
CA ALA B 366 -11.18 -10.71 0.00
C ALA B 366 -11.73 -11.98 0.66
N PHE B 367 -12.76 -12.58 0.07
CA PHE B 367 -13.38 -13.75 0.69
C PHE B 367 -13.66 -14.83 -0.37
N PRO B 368 -12.67 -15.72 -0.60
CA PRO B 368 -12.87 -16.78 -1.60
C PRO B 368 -13.98 -17.75 -1.19
N GLU B 369 -14.77 -18.21 -2.15
CA GLU B 369 -15.92 -19.08 -1.90
C GLU B 369 -16.79 -18.40 -0.84
N PRO B 370 -17.28 -17.19 -1.15
CA PRO B 370 -17.95 -16.43 -0.10
C PRO B 370 -19.30 -17.01 0.39
N ARG B 371 -19.97 -17.86 -0.39
CA ARG B 371 -21.19 -18.52 0.14
C ARG B 371 -20.87 -19.66 1.08
N ARG B 372 -19.61 -20.09 1.12
CA ARG B 372 -19.20 -21.09 2.09
C ARG B 372 -19.02 -20.45 3.50
N TRP B 373 -19.79 -20.93 4.48
CA TRP B 373 -19.64 -20.49 5.86
C TRP B 373 -18.42 -21.22 6.41
N ASP B 374 -17.38 -20.46 6.77
CA ASP B 374 -16.16 -21.03 7.35
C ASP B 374 -15.62 -20.13 8.47
N PRO B 375 -15.93 -20.46 9.71
CA PRO B 375 -15.47 -19.61 10.81
C PRO B 375 -13.93 -19.45 10.88
N GLU B 376 -13.19 -20.43 10.37
CA GLU B 376 -11.72 -20.36 10.40
C GLU B 376 -11.15 -19.41 9.35
N ARG B 377 -11.95 -18.92 8.42
CA ARG B 377 -11.45 -18.00 7.41
C ARG B 377 -10.99 -16.68 8.05
N ASP B 378 -10.11 -15.97 7.34
CA ASP B 378 -9.68 -14.63 7.67
C ASP B 378 -9.81 -13.80 6.36
N GLU B 379 -10.15 -12.53 6.48
CA GLU B 379 -10.22 -11.66 5.32
C GLU B 379 -8.86 -11.62 4.63
N LYS B 380 -8.88 -11.49 3.32
CA LYS B 380 -7.64 -11.52 2.57
C LYS B 380 -7.29 -10.15 2.01
N VAL B 381 -8.18 -9.18 2.20
CA VAL B 381 -7.89 -7.78 1.97
C VAL B 381 -8.19 -7.13 3.31
N GLU B 382 -7.22 -6.41 3.88
CA GLU B 382 -7.38 -5.81 5.21
C GLU B 382 -8.51 -4.77 5.21
N GLY B 383 -9.37 -4.89 6.23
CA GLY B 383 -10.59 -4.08 6.36
C GLY B 383 -11.79 -4.48 5.50
N ALA B 384 -11.74 -5.62 4.81
CA ALA B 384 -12.83 -5.98 3.90
C ALA B 384 -14.08 -6.41 4.70
N PHE B 385 -13.89 -7.06 5.85
CA PHE B 385 -15.02 -7.29 6.78
C PHE B 385 -15.46 -5.95 7.40
N ILE B 386 -16.71 -5.56 7.14
CA ILE B 386 -17.35 -4.31 7.58
C ILE B 386 -18.74 -4.58 8.17
N GLY B 387 -18.91 -5.82 8.70
CA GLY B 387 -20.13 -6.19 9.37
C GLY B 387 -20.64 -5.29 10.51
N PHE B 388 -19.71 -4.68 11.25
CA PHE B 388 -19.96 -3.74 12.32
C PHE B 388 -19.55 -2.32 11.90
N GLY B 389 -19.41 -2.07 10.60
CA GLY B 389 -18.90 -0.76 10.16
C GLY B 389 -17.45 -0.55 10.53
N ALA B 390 -17.03 0.70 10.54
CA ALA B 390 -15.62 1.04 10.74
C ALA B 390 -15.52 2.58 10.85
N GLY B 391 -14.39 3.07 11.32
CA GLY B 391 -14.10 4.51 11.33
C GLY B 391 -15.03 5.34 12.16
N VAL B 392 -15.57 6.41 11.57
CA VAL B 392 -16.26 7.44 12.35
C VAL B 392 -17.52 6.92 13.04
N HIS B 393 -18.24 5.99 12.39
CA HIS B 393 -19.53 5.52 12.88
C HIS B 393 -19.53 4.04 13.13
N LYS B 394 -18.38 3.49 13.46
CA LYS B 394 -18.32 2.07 13.81
C LYS B 394 -19.29 1.72 14.96
N CYS B 395 -19.74 0.47 14.97
CA CYS B 395 -20.77 0.05 15.89
C CYS B 395 -20.28 0.22 17.31
N ILE B 396 -21.07 0.87 18.12
CA ILE B 396 -20.78 0.96 19.58
C ILE B 396 -21.36 -0.21 20.38
N GLY B 397 -22.21 -1.00 19.76
CA GLY B 397 -22.89 -2.11 20.46
C GLY B 397 -22.32 -3.50 20.18
N GLN B 398 -21.26 -3.58 19.40
CA GLN B 398 -20.76 -4.87 18.93
C GLN B 398 -20.32 -5.81 20.04
N LYS B 399 -19.67 -5.27 21.06
CA LYS B 399 -19.21 -6.11 22.17
C LYS B 399 -20.40 -6.69 22.96
N PHE B 400 -21.41 -5.87 23.15
CA PHE B 400 -22.63 -6.27 23.83
C PHE B 400 -23.45 -7.26 23.05
N GLY B 401 -23.63 -6.96 21.78
CA GLY B 401 -24.28 -7.88 20.88
C GLY B 401 -23.63 -9.27 20.88
N LEU B 402 -22.32 -9.31 20.76
CA LEU B 402 -21.64 -10.58 20.64
C LEU B 402 -21.60 -11.27 22.03
N LEU B 403 -21.60 -10.49 23.09
CA LEU B 403 -21.71 -11.09 24.45
C LEU B 403 -22.99 -11.92 24.56
N GLN B 404 -24.07 -11.37 24.04
CA GLN B 404 -25.36 -11.99 24.04
C GLN B 404 -25.35 -13.25 23.15
N VAL B 405 -24.85 -13.11 21.92
CA VAL B 405 -24.78 -14.16 20.95
C VAL B 405 -23.94 -15.30 21.50
N LYS B 406 -22.78 -14.98 22.04
CA LYS B 406 -21.87 -16.04 22.57
C LYS B 406 -22.44 -16.75 23.79
N THR B 407 -23.10 -15.99 24.67
CA THR B 407 -23.72 -16.61 25.84
C THR B 407 -24.85 -17.58 25.45
N ILE B 408 -25.69 -17.17 24.49
CA ILE B 408 -26.71 -18.05 24.00
C ILE B 408 -26.15 -19.32 23.39
N LEU B 409 -25.10 -19.21 22.56
CA LEU B 409 -24.49 -20.36 21.89
C LEU B 409 -23.95 -21.37 22.93
N ALA B 410 -23.22 -20.87 23.93
CA ALA B 410 -22.65 -21.69 25.02
C ALA B 410 -23.75 -22.39 25.82
N THR B 411 -24.80 -21.66 26.15
CA THR B 411 -25.87 -22.19 26.98
C THR B 411 -26.72 -23.17 26.20
N ALA B 412 -27.07 -22.82 24.94
CA ALA B 412 -27.87 -23.71 24.11
C ALA B 412 -27.16 -25.02 23.74
N PHE B 413 -25.91 -24.92 23.29
CA PHE B 413 -25.22 -26.13 22.83
C PHE B 413 -24.68 -26.99 24.00
N ARG B 414 -24.57 -26.43 25.19
CA ARG B 414 -24.22 -27.26 26.36
C ARG B 414 -25.34 -28.26 26.60
N SER B 415 -26.60 -27.83 26.44
CA SER B 415 -27.74 -28.60 26.89
C SER B 415 -28.55 -29.23 25.79
N TYR B 416 -28.34 -28.78 24.55
CA TYR B 416 -29.14 -29.27 23.44
C TYR B 416 -28.36 -29.56 22.17
N ASP B 417 -28.89 -30.49 21.39
CA ASP B 417 -28.56 -30.54 19.97
C ASP B 417 -29.74 -30.02 19.18
N PHE B 418 -29.53 -29.78 17.90
CA PHE B 418 -30.58 -29.32 17.03
C PHE B 418 -30.46 -29.93 15.69
N GLN B 419 -31.59 -30.11 15.01
CA GLN B 419 -31.59 -30.59 13.65
C GLN B 419 -32.38 -29.64 12.79
N LEU B 420 -31.75 -29.20 11.71
CA LEU B 420 -32.46 -28.51 10.62
C LEU B 420 -33.53 -29.39 9.98
N LEU B 421 -34.69 -28.82 9.68
CA LEU B 421 -35.77 -29.54 8.97
C LEU B 421 -35.75 -29.24 7.46
N ARG B 422 -34.53 -29.11 6.93
CA ARG B 422 -34.24 -28.71 5.57
C ARG B 422 -32.91 -29.35 5.29
N ASP B 423 -32.63 -29.60 4.01
CA ASP B 423 -31.31 -30.06 3.62
C ASP B 423 -30.25 -28.96 3.74
N GLU B 424 -30.63 -27.72 3.44
CA GLU B 424 -29.68 -26.61 3.40
C GLU B 424 -30.08 -25.51 4.40
N VAL B 425 -29.11 -24.71 4.81
CA VAL B 425 -29.40 -23.56 5.66
C VAL B 425 -30.37 -22.63 4.90
N PRO B 426 -31.24 -21.90 5.63
CA PRO B 426 -32.24 -21.02 5.03
C PRO B 426 -31.60 -20.01 4.10
N ASP B 427 -32.37 -19.50 3.15
CA ASP B 427 -31.89 -18.41 2.26
C ASP B 427 -32.09 -17.11 3.02
N PRO B 428 -31.25 -16.10 2.77
CA PRO B 428 -31.56 -14.82 3.37
C PRO B 428 -32.88 -14.31 2.81
N ASP B 429 -33.60 -13.52 3.60
CA ASP B 429 -34.79 -12.83 3.13
C ASP B 429 -34.48 -11.33 3.03
N TYR B 430 -34.24 -10.86 1.81
CA TYR B 430 -33.81 -9.47 1.61
C TYR B 430 -34.95 -8.43 1.65
N HIS B 431 -36.18 -8.88 1.93
CA HIS B 431 -37.31 -7.96 1.91
C HIS B 431 -37.40 -7.03 3.11
N THR B 432 -36.69 -7.35 4.20
CA THR B 432 -36.84 -6.57 5.42
C THR B 432 -35.70 -5.56 5.58
N MET B 433 -35.88 -4.55 6.43
CA MET B 433 -34.84 -3.51 6.65
C MET B 433 -33.57 -4.10 7.30
N VAL B 434 -33.77 -5.01 8.23
CA VAL B 434 -32.63 -5.69 8.82
C VAL B 434 -32.78 -7.15 8.38
N VAL B 435 -31.79 -7.66 7.66
CA VAL B 435 -31.92 -8.88 6.91
C VAL B 435 -31.47 -10.10 7.72
N GLY B 436 -32.32 -11.12 7.78
CA GLY B 436 -31.99 -12.38 8.40
C GLY B 436 -32.40 -13.55 7.52
N PRO B 437 -32.25 -14.77 8.06
CA PRO B 437 -32.75 -15.95 7.39
C PRO B 437 -34.30 -15.94 7.24
N THR B 438 -34.78 -16.46 6.12
CA THR B 438 -36.19 -16.56 5.83
C THR B 438 -36.87 -17.33 7.01
N ALA B 439 -37.76 -16.60 7.70
CA ALA B 439 -38.49 -17.02 8.92
C ALA B 439 -39.17 -18.38 8.78
N SER B 440 -39.88 -18.52 7.66
CA SER B 440 -40.62 -19.71 7.37
C SER B 440 -39.70 -20.91 7.18
N GLN B 441 -38.41 -20.67 6.95
CA GLN B 441 -37.44 -21.76 6.77
C GLN B 441 -36.63 -22.10 8.03
N CYS B 442 -36.91 -21.42 9.13
CA CYS B 442 -36.12 -21.59 10.38
C CYS B 442 -36.72 -22.57 11.39
N ARG B 443 -37.54 -23.51 10.95
CA ARG B 443 -38.10 -24.49 11.90
C ARG B 443 -37.04 -25.56 12.14
N VAL B 444 -36.79 -25.81 13.41
CA VAL B 444 -35.77 -26.78 13.77
C VAL B 444 -36.32 -27.66 14.88
N LYS B 445 -35.69 -28.82 15.06
CA LYS B 445 -35.99 -29.69 16.19
C LYS B 445 -34.89 -29.51 17.22
N TYR B 446 -35.27 -29.27 18.46
CA TYR B 446 -34.31 -29.31 19.55
C TYR B 446 -34.31 -30.71 20.13
N ILE B 447 -33.14 -31.15 20.59
CA ILE B 447 -32.99 -32.44 21.25
C ILE B 447 -32.17 -32.26 22.52
N ARG B 448 -32.79 -32.48 23.68
CA ARG B 448 -32.10 -32.40 24.94
C ARG B 448 -30.99 -33.45 24.93
N ARG B 449 -29.80 -33.08 25.40
CA ARG B 449 -28.67 -34.01 25.50
C ARG B 449 -28.75 -34.82 26.82
N LYS B 450 -28.32 -36.08 26.79
CA LYS B 450 -28.31 -36.91 28.01
C LYS B 450 -27.13 -37.86 28.05
N GLY C 2 42.06 44.43 -13.29
CA GLY C 2 42.95 43.22 -13.14
C GLY C 2 43.19 42.46 -14.44
N LYS C 3 43.83 41.29 -14.34
CA LYS C 3 44.12 40.48 -15.51
C LYS C 3 43.19 39.24 -15.68
N LEU C 4 42.74 39.08 -16.93
CA LEU C 4 41.85 37.99 -17.31
C LEU C 4 42.60 36.69 -17.31
N PRO C 5 41.92 35.59 -16.92
CA PRO C 5 42.50 34.28 -17.13
C PRO C 5 42.89 34.06 -18.60
N PRO C 6 43.83 33.15 -18.86
CA PRO C 6 44.14 32.76 -20.23
C PRO C 6 42.88 32.25 -20.95
N VAL C 7 42.72 32.65 -22.22
CA VAL C 7 41.61 32.22 -23.04
C VAL C 7 42.04 31.09 -24.00
N TYR C 8 41.35 29.93 -23.94
CA TYR C 8 41.66 28.84 -24.83
C TYR C 8 41.22 29.23 -26.28
N PRO C 9 42.11 29.07 -27.26
CA PRO C 9 41.74 29.65 -28.59
C PRO C 9 40.45 29.11 -29.21
N VAL C 10 39.61 30.00 -29.72
CA VAL C 10 38.41 29.64 -30.47
C VAL C 10 38.86 29.40 -31.92
N THR C 11 38.83 28.16 -32.39
CA THR C 11 39.17 27.89 -33.80
C THR C 11 37.96 27.51 -34.67
N VAL C 12 36.82 27.14 -34.06
CA VAL C 12 35.57 26.97 -34.78
C VAL C 12 34.56 27.82 -34.04
N PRO C 13 34.20 29.02 -34.58
CA PRO C 13 33.29 29.88 -33.84
C PRO C 13 32.00 29.18 -33.39
N ILE C 14 31.58 29.49 -32.15
CA ILE C 14 30.33 29.04 -31.50
C ILE C 14 30.36 27.58 -31.10
N LEU C 15 30.76 26.72 -32.02
CA LEU C 15 30.59 25.28 -31.81
C LEU C 15 31.82 24.51 -31.32
N GLY C 16 33.01 25.08 -31.45
CA GLY C 16 34.26 24.31 -31.33
C GLY C 16 34.43 23.65 -29.95
N HIS C 17 34.45 24.49 -28.92
CA HIS C 17 34.75 23.97 -27.56
C HIS C 17 33.67 23.01 -27.03
N ILE C 18 32.39 23.34 -27.23
CA ILE C 18 31.31 22.42 -26.80
C ILE C 18 31.38 21.06 -27.50
N ILE C 19 31.68 21.05 -28.80
CA ILE C 19 31.80 19.78 -29.51
C ILE C 19 33.03 19.02 -29.02
N GLN C 20 34.15 19.72 -28.81
CA GLN C 20 35.34 19.07 -28.27
C GLN C 20 35.01 18.53 -26.86
N PHE C 21 34.25 19.29 -26.10
CA PHE C 21 33.93 18.90 -24.72
C PHE C 21 33.06 17.62 -24.77
N GLY C 22 32.07 17.61 -25.64
CA GLY C 22 31.25 16.41 -25.84
C GLY C 22 32.03 15.14 -26.18
N LYS C 23 32.97 15.23 -27.13
CA LYS C 23 33.80 14.08 -27.56
C LYS C 23 34.62 13.49 -26.42
N SER C 24 35.22 14.36 -25.59
CA SER C 24 35.98 13.95 -24.40
C SER C 24 36.00 15.07 -23.33
N PRO C 25 35.04 15.04 -22.40
CA PRO C 25 34.95 16.08 -21.37
C PRO C 25 36.26 16.30 -20.59
N LEU C 26 36.81 15.20 -20.10
CA LEU C 26 38.01 15.23 -19.28
C LEU C 26 39.22 15.54 -20.15
N GLY C 27 39.36 14.86 -21.28
CA GLY C 27 40.48 15.08 -22.18
C GLY C 27 40.57 16.53 -22.64
N PHE C 28 39.44 17.12 -22.98
CA PHE C 28 39.40 18.47 -23.48
C PHE C 28 39.85 19.43 -22.38
N MET C 29 39.23 19.31 -21.23
CA MET C 29 39.57 20.18 -20.12
C MET C 29 41.03 20.04 -19.74
N GLN C 30 41.52 18.81 -19.73
CA GLN C 30 42.90 18.57 -19.41
C GLN C 30 43.85 19.19 -20.44
N GLU C 31 43.50 19.13 -21.73
CA GLU C 31 44.34 19.79 -22.75
C GLU C 31 44.41 21.29 -22.55
N CYS C 32 43.26 21.92 -22.31
CA CYS C 32 43.22 23.34 -22.02
C CYS C 32 44.19 23.69 -20.89
N LYS C 33 44.04 22.98 -19.78
CA LYS C 33 44.87 23.18 -18.58
C LYS C 33 46.35 23.04 -18.89
N ARG C 34 46.71 21.94 -19.54
CA ARG C 34 48.07 21.67 -19.97
C ARG C 34 48.57 22.76 -20.93
N GLN C 35 47.83 23.00 -22.01
CA GLN C 35 48.37 23.83 -23.08
C GLN C 35 48.53 25.24 -22.54
N LEU C 36 47.58 25.70 -21.74
CA LEU C 36 47.65 27.05 -21.21
C LEU C 36 48.49 27.16 -19.94
N LYS C 37 49.07 26.06 -19.47
CA LYS C 37 49.87 26.09 -18.22
C LYS C 37 49.15 26.88 -17.13
N SER C 38 47.86 26.61 -16.94
CA SER C 38 47.08 27.32 -15.92
C SER C 38 45.84 26.51 -15.60
N GLY C 39 45.62 26.26 -14.31
CA GLY C 39 44.38 25.61 -13.91
C GLY C 39 43.16 26.52 -13.98
N ILE C 40 43.36 27.83 -14.03
CA ILE C 40 42.26 28.76 -14.19
C ILE C 40 42.33 29.20 -15.65
N PHE C 41 41.24 28.99 -16.39
CA PHE C 41 41.19 29.33 -17.84
C PHE C 41 39.78 29.53 -18.36
N THR C 42 39.63 30.13 -19.55
CA THR C 42 38.32 30.47 -20.05
C THR C 42 38.07 29.77 -21.37
N ILE C 43 36.97 29.02 -21.46
CA ILE C 43 36.54 28.39 -22.73
C ILE C 43 35.34 29.16 -23.24
N ASN C 44 34.80 28.77 -24.37
CA ASN C 44 33.82 29.59 -25.04
C ASN C 44 32.78 28.60 -25.57
N ILE C 45 31.65 28.54 -24.86
CA ILE C 45 30.58 27.58 -25.08
C ILE C 45 29.42 28.31 -25.72
N VAL C 46 29.19 28.03 -27.00
CA VAL C 46 28.17 28.67 -27.81
C VAL C 46 28.24 30.17 -27.71
N GLY C 47 29.43 30.75 -27.77
CA GLY C 47 29.61 32.22 -27.69
C GLY C 47 29.77 32.80 -26.31
N LYS C 48 29.61 31.97 -25.27
CA LYS C 48 29.61 32.47 -23.89
C LYS C 48 30.91 32.05 -23.19
N ARG C 49 31.56 33.03 -22.55
CA ARG C 49 32.79 32.80 -21.83
C ARG C 49 32.44 31.98 -20.59
N VAL C 50 33.15 30.87 -20.38
CA VAL C 50 33.04 30.10 -19.18
C VAL C 50 34.42 29.97 -18.61
N THR C 51 34.61 30.50 -17.40
CA THR C 51 35.88 30.47 -16.78
C THR C 51 35.91 29.32 -15.80
N ILE C 52 36.82 28.37 -16.04
CA ILE C 52 36.92 27.20 -15.20
C ILE C 52 37.98 27.38 -14.10
N VAL C 53 37.54 27.18 -12.86
CA VAL C 53 38.45 27.16 -11.71
C VAL C 53 38.88 25.72 -11.60
N GLY C 54 39.94 25.38 -12.32
CA GLY C 54 40.47 24.04 -12.46
C GLY C 54 41.72 23.77 -11.63
N ASP C 55 42.04 24.70 -10.73
CA ASP C 55 43.11 24.50 -9.76
C ASP C 55 42.46 24.22 -8.42
N PRO C 56 42.61 23.00 -7.90
CA PRO C 56 41.97 22.66 -6.61
C PRO C 56 42.36 23.61 -5.44
N HIS C 57 43.53 24.24 -5.50
CA HIS C 57 43.93 25.20 -4.48
C HIS C 57 43.05 26.44 -4.47
N GLU C 58 42.36 26.71 -5.57
CA GLU C 58 41.49 27.87 -5.68
C GLU C 58 39.99 27.57 -5.58
N HIS C 59 39.63 26.38 -5.11
CA HIS C 59 38.19 26.03 -5.02
C HIS C 59 37.37 27.01 -4.20
N SER C 60 37.91 27.43 -3.05
CA SER C 60 37.17 28.36 -2.20
C SER C 60 36.69 29.64 -2.91
N ARG C 61 37.41 30.08 -3.95
CA ARG C 61 37.04 31.27 -4.68
C ARG C 61 35.73 31.11 -5.47
N PHE C 62 35.36 29.87 -5.79
CA PHE C 62 34.07 29.52 -6.40
C PHE C 62 32.94 29.21 -5.39
N PHE C 63 33.26 28.44 -4.36
CA PHE C 63 32.23 27.87 -3.45
C PHE C 63 31.78 28.79 -2.31
N LEU C 64 32.60 29.78 -1.97
CA LEU C 64 32.35 30.61 -0.77
C LEU C 64 31.67 31.98 -1.03
N PRO C 65 31.91 32.58 -2.19
CA PRO C 65 31.27 33.87 -2.49
C PRO C 65 29.74 33.80 -2.38
N ARG C 66 29.11 34.81 -1.77
CA ARG C 66 27.68 34.83 -1.64
C ARG C 66 26.92 34.80 -2.99
N ASN C 67 25.64 34.47 -2.89
CA ASN C 67 24.78 34.34 -4.04
C ASN C 67 24.75 35.62 -4.85
N GLU C 68 24.84 36.76 -4.17
CA GLU C 68 24.69 38.05 -4.87
C GLU C 68 25.88 38.35 -5.75
N VAL C 69 26.97 37.62 -5.50
CA VAL C 69 28.22 37.78 -6.24
C VAL C 69 28.35 36.67 -7.27
N LEU C 70 28.23 35.41 -6.80
CA LEU C 70 28.24 34.22 -7.71
C LEU C 70 26.88 33.54 -7.64
N SER C 71 26.07 33.78 -8.66
CA SER C 71 24.63 33.53 -8.60
C SER C 71 24.27 32.21 -9.26
N PRO C 72 23.49 31.38 -8.56
CA PRO C 72 23.09 30.11 -9.16
C PRO C 72 21.78 30.20 -9.97
N ARG C 73 21.07 31.32 -9.91
CA ARG C 73 19.72 31.40 -10.43
C ARG C 73 19.67 31.16 -11.93
N GLU C 74 20.51 31.89 -12.67
CA GLU C 74 20.41 31.82 -14.13
C GLU C 74 20.77 30.43 -14.68
N VAL C 75 21.76 29.84 -14.04
CA VAL C 75 22.32 28.55 -14.36
C VAL C 75 21.29 27.40 -14.10
N TYR C 76 20.37 27.59 -13.16
CA TYR C 76 19.31 26.57 -12.89
C TYR C 76 17.93 26.87 -13.55
N SER C 77 17.86 27.91 -14.41
CA SER C 77 16.56 28.37 -14.87
C SER C 77 15.97 27.36 -15.84
N PHE C 78 16.81 26.49 -16.40
CA PHE C 78 16.33 25.43 -17.30
C PHE C 78 15.57 24.35 -16.52
N MET C 79 15.75 24.33 -15.19
CA MET C 79 14.94 23.46 -14.31
C MET C 79 13.72 24.04 -13.66
N VAL C 80 13.46 25.34 -13.88
CA VAL C 80 12.19 25.92 -13.54
C VAL C 80 10.93 25.14 -13.93
N PRO C 81 10.89 24.53 -15.12
CA PRO C 81 9.72 23.78 -15.48
C PRO C 81 9.49 22.56 -14.54
N VAL C 82 10.49 22.06 -13.82
CA VAL C 82 10.25 21.00 -12.85
C VAL C 82 10.19 21.49 -11.38
N PHE C 83 11.03 22.47 -11.02
CA PHE C 83 11.05 22.97 -9.64
C PHE C 83 9.86 23.89 -9.41
N GLY C 84 9.51 24.63 -10.45
CA GLY C 84 8.46 25.63 -10.41
C GLY C 84 9.00 27.05 -10.35
N GLU C 85 8.22 28.01 -10.84
CA GLU C 85 8.58 29.44 -10.67
C GLU C 85 8.65 29.82 -9.20
N GLY C 86 9.62 30.68 -8.84
CA GLY C 86 9.78 31.12 -7.44
C GLY C 86 10.19 30.03 -6.46
N VAL C 87 10.63 28.89 -6.99
CA VAL C 87 11.09 27.81 -6.15
C VAL C 87 12.57 27.59 -6.29
N ALA C 88 13.20 27.32 -5.13
CA ALA C 88 14.62 27.05 -4.97
C ALA C 88 15.38 28.25 -5.59
N TYR C 89 16.24 28.00 -6.54
CA TYR C 89 17.11 29.07 -7.14
C TYR C 89 16.32 30.21 -7.78
N ALA C 90 15.10 29.90 -8.18
CA ALA C 90 14.22 30.92 -8.80
C ALA C 90 13.65 31.94 -7.79
N ALA C 91 13.66 31.62 -6.48
CA ALA C 91 13.16 32.56 -5.49
C ALA C 91 14.23 33.60 -5.14
N PRO C 92 13.84 34.70 -4.52
CA PRO C 92 14.86 35.59 -3.99
C PRO C 92 15.75 34.80 -3.02
N TYR C 93 17.02 35.17 -2.96
CA TYR C 93 18.02 34.33 -2.30
C TYR C 93 17.71 34.03 -0.82
N PRO C 94 17.19 35.01 -0.06
CA PRO C 94 16.89 34.67 1.33
C PRO C 94 15.79 33.60 1.42
N ARG C 95 14.79 33.74 0.58
CA ARG C 95 13.70 32.79 0.52
C ARG C 95 14.14 31.40 -0.01
N MET C 96 14.99 31.38 -1.02
CA MET C 96 15.64 30.15 -1.49
C MET C 96 16.29 29.38 -0.34
N ARG C 97 17.06 30.10 0.47
CA ARG C 97 17.74 29.51 1.59
C ARG C 97 16.75 28.91 2.59
N GLU C 98 15.67 29.60 2.90
CA GLU C 98 14.66 29.04 3.81
C GLU C 98 14.05 27.76 3.27
N GLN C 99 13.71 27.74 1.97
CA GLN C 99 13.13 26.57 1.35
C GLN C 99 14.10 25.37 1.44
N LEU C 100 15.34 25.61 1.08
CA LEU C 100 16.39 24.60 1.14
C LEU C 100 16.65 24.11 2.57
N ASN C 101 16.59 25.01 3.55
CA ASN C 101 16.77 24.63 4.96
C ASN C 101 15.64 23.73 5.43
N PHE C 102 14.42 24.00 4.99
CA PHE C 102 13.27 23.17 5.35
C PHE C 102 13.38 21.77 4.77
N LEU C 103 13.86 21.66 3.55
CA LEU C 103 14.19 20.35 3.01
C LEU C 103 15.32 19.64 3.79
N ALA C 104 16.39 20.36 4.09
CA ALA C 104 17.53 19.80 4.80
C ALA C 104 17.05 19.21 6.12
N GLU C 105 16.12 19.90 6.78
CA GLU C 105 15.61 19.46 8.09
C GLU C 105 14.86 18.15 8.03
N GLU C 106 14.29 17.87 6.87
CA GLU C 106 13.59 16.62 6.62
C GLU C 106 14.53 15.43 6.33
N LEU C 107 15.82 15.67 6.20
CA LEU C 107 16.80 14.66 5.82
C LEU C 107 17.86 14.51 6.90
N THR C 108 17.43 14.83 8.11
CA THR C 108 18.33 14.89 9.22
C THR C 108 18.55 13.49 9.78
N ILE C 109 19.68 13.34 10.43
CA ILE C 109 20.18 12.06 10.91
C ILE C 109 19.26 11.37 11.92
N ALA C 110 18.59 12.17 12.75
CA ALA C 110 17.64 11.66 13.75
C ALA C 110 16.58 10.74 13.15
N LYS C 111 16.14 11.06 11.92
CA LYS C 111 15.16 10.25 11.21
C LYS C 111 15.73 8.87 10.81
N PHE C 112 17.04 8.74 10.78
CA PHE C 112 17.66 7.53 10.27
C PHE C 112 17.47 6.31 11.16
N GLN C 113 17.07 6.49 12.40
CA GLN C 113 16.79 5.35 13.29
C GLN C 113 15.78 4.42 12.65
N ASN C 114 14.70 5.00 12.14
CA ASN C 114 13.74 4.29 11.35
C ASN C 114 14.10 4.07 9.92
N PHE C 115 14.88 4.96 9.27
CA PHE C 115 15.08 4.73 7.86
C PHE C 115 15.92 3.49 7.59
N VAL C 116 16.92 3.22 8.42
CA VAL C 116 17.80 2.11 8.14
C VAL C 116 17.06 0.80 7.95
N PRO C 117 16.23 0.38 8.92
CA PRO C 117 15.53 -0.92 8.69
C PRO C 117 14.49 -0.87 7.57
N ALA C 118 13.83 0.28 7.40
CA ALA C 118 12.88 0.47 6.32
C ALA C 118 13.59 0.35 4.97
N ILE C 119 14.76 0.98 4.87
CA ILE C 119 15.58 0.87 3.63
C ILE C 119 15.97 -0.59 3.41
N GLN C 120 16.48 -1.24 4.46
CA GLN C 120 16.93 -2.61 4.25
C GLN C 120 15.78 -3.56 3.91
N HIS C 121 14.63 -3.37 4.52
CA HIS C 121 13.48 -4.22 4.25
C HIS C 121 13.15 -4.09 2.74
N GLU C 122 13.18 -2.86 2.22
CA GLU C 122 12.87 -2.65 0.77
C GLU C 122 13.88 -3.34 -0.12
N VAL C 123 15.15 -3.30 0.26
CA VAL C 123 16.22 -3.90 -0.50
C VAL C 123 16.03 -5.43 -0.47
N ARG C 124 15.77 -5.95 0.71
CA ARG C 124 15.57 -7.43 0.88
C ARG C 124 14.40 -7.91 0.05
N LYS C 125 13.30 -7.16 0.08
CA LYS C 125 12.16 -7.44 -0.77
C LYS C 125 12.48 -7.50 -2.26
N PHE C 126 13.22 -6.49 -2.74
CA PHE C 126 13.68 -6.50 -4.13
C PHE C 126 14.55 -7.73 -4.45
N MET C 127 15.54 -7.97 -3.62
CA MET C 127 16.47 -9.08 -3.86
C MET C 127 15.76 -10.44 -3.85
N ALA C 128 14.83 -10.60 -2.92
CA ALA C 128 14.08 -11.85 -2.82
C ALA C 128 13.20 -12.04 -4.06
N ALA C 129 12.62 -10.97 -4.61
CA ALA C 129 11.77 -11.09 -5.80
C ALA C 129 12.58 -11.25 -7.10
N ASN C 130 13.73 -10.62 -7.19
CA ASN C 130 14.47 -10.53 -8.44
C ASN C 130 15.82 -11.25 -8.50
N TRP C 131 16.50 -11.38 -7.36
CA TRP C 131 17.75 -12.12 -7.33
C TRP C 131 17.52 -13.42 -6.58
N ASP C 132 16.54 -14.19 -7.06
CA ASP C 132 16.00 -15.36 -6.35
C ASP C 132 16.69 -16.70 -6.66
N LYS C 133 17.49 -16.76 -7.71
CA LYS C 133 18.11 -18.03 -8.15
C LYS C 133 19.46 -18.22 -7.48
N ASP C 134 20.07 -19.38 -7.64
CA ASP C 134 21.44 -19.56 -7.18
C ASP C 134 22.39 -18.59 -7.88
N GLU C 135 22.10 -18.29 -9.14
CA GLU C 135 22.87 -17.34 -9.92
C GLU C 135 21.99 -16.80 -11.04
N GLY C 136 22.30 -15.60 -11.53
CA GLY C 136 21.45 -14.98 -12.55
C GLY C 136 22.11 -13.74 -13.13
N GLU C 137 21.57 -13.29 -14.26
CA GLU C 137 22.12 -12.14 -14.97
C GLU C 137 21.15 -10.96 -14.85
N ILE C 138 21.72 -9.78 -14.61
CA ILE C 138 20.91 -8.60 -14.36
C ILE C 138 21.60 -7.41 -14.98
N ASN C 139 20.85 -6.32 -15.14
CA ASN C 139 21.52 -5.02 -15.42
C ASN C 139 21.66 -4.30 -14.08
N LEU C 140 22.90 -4.16 -13.60
CA LEU C 140 23.14 -3.66 -12.23
C LEU C 140 22.69 -2.20 -12.09
N LEU C 141 22.87 -1.39 -13.13
CA LEU C 141 22.39 0.01 -13.07
C LEU C 141 20.85 0.08 -12.95
N GLU C 142 20.12 -0.68 -13.76
CA GLU C 142 18.67 -0.72 -13.68
C GLU C 142 18.20 -1.17 -12.29
N ASP C 143 18.80 -2.22 -11.78
CA ASP C 143 18.35 -2.77 -10.50
C ASP C 143 18.68 -1.84 -9.32
N CYS C 144 19.84 -1.20 -9.33
CA CYS C 144 20.14 -0.22 -8.29
C CYS C 144 19.18 0.96 -8.35
N SER C 145 18.79 1.39 -9.56
CA SER C 145 17.86 2.50 -9.71
C SER C 145 16.50 2.12 -9.17
N THR C 146 16.11 0.88 -9.38
CA THR C 146 14.84 0.41 -8.84
C THR C 146 14.87 0.36 -7.33
N MET C 147 15.96 -0.13 -6.77
CA MET C 147 16.08 -0.16 -5.29
C MET C 147 15.98 1.23 -4.68
N ILE C 148 16.71 2.15 -5.29
CA ILE C 148 16.75 3.52 -4.78
C ILE C 148 15.39 4.20 -4.84
N ILE C 149 14.58 3.96 -5.87
CA ILE C 149 13.23 4.54 -5.90
C ILE C 149 12.40 3.96 -4.75
N ASN C 150 12.54 2.65 -4.53
CA ASN C 150 11.78 2.07 -3.44
C ASN C 150 12.23 2.51 -2.07
N THR C 151 13.53 2.61 -1.86
CA THR C 151 14.08 2.91 -0.56
C THR C 151 13.77 4.39 -0.21
N ALA C 152 13.95 5.26 -1.20
CA ALA C 152 13.67 6.70 -0.98
C ALA C 152 12.20 6.98 -0.68
N CYS C 153 11.34 6.40 -1.51
CA CYS C 153 9.91 6.56 -1.34
C CYS C 153 9.46 5.93 -0.01
N GLN C 154 10.02 4.80 0.36
CA GLN C 154 9.69 4.21 1.70
C GLN C 154 9.99 5.18 2.84
N CYS C 155 11.11 5.88 2.78
CA CYS C 155 11.51 6.72 3.89
C CYS C 155 10.73 8.05 3.85
N LEU C 156 10.52 8.59 2.65
CA LEU C 156 10.02 9.97 2.52
C LEU C 156 8.54 10.15 2.22
N PHE C 157 7.88 9.13 1.67
CA PHE C 157 6.48 9.21 1.30
C PHE C 157 5.64 8.39 2.27
N GLY C 158 4.57 8.99 2.79
CA GLY C 158 3.50 8.24 3.49
C GLY C 158 2.96 7.08 2.68
N GLU C 159 2.49 6.02 3.37
CA GLU C 159 1.92 4.92 2.65
C GLU C 159 0.72 5.34 1.75
N ASP C 160 -0.10 6.29 2.16
CA ASP C 160 -1.15 6.81 1.29
C ASP C 160 -0.60 7.36 -0.05
N LEU C 161 0.48 8.11 0.02
CA LEU C 161 1.15 8.63 -1.20
C LEU C 161 1.74 7.55 -2.08
N ARG C 162 2.37 6.57 -1.46
CA ARG C 162 2.91 5.46 -2.18
C ARG C 162 1.86 4.63 -2.91
N LYS C 163 0.68 4.45 -2.31
CA LYS C 163 -0.41 3.78 -3.01
C LYS C 163 -0.84 4.54 -4.26
N ARG C 164 -0.90 5.88 -4.20
CA ARG C 164 -1.37 6.67 -5.36
C ARG C 164 -0.24 6.89 -6.36
N LEU C 165 0.99 6.91 -5.85
CA LEU C 165 2.19 7.14 -6.65
C LEU C 165 3.24 6.08 -6.33
N ASP C 166 3.08 4.91 -6.95
CA ASP C 166 3.97 3.78 -6.68
C ASP C 166 5.29 3.87 -7.42
N ALA C 167 6.14 2.87 -7.18
CA ALA C 167 7.47 2.85 -7.74
C ALA C 167 7.51 2.96 -9.24
N ARG C 168 6.68 2.20 -9.93
CA ARG C 168 6.73 2.20 -11.38
C ARG C 168 6.35 3.61 -11.83
N ARG C 169 5.26 4.12 -11.28
CA ARG C 169 4.70 5.39 -11.71
C ARG C 169 5.58 6.59 -11.35
N PHE C 170 6.14 6.57 -10.16
CA PHE C 170 7.05 7.60 -9.77
C PHE C 170 8.34 7.62 -10.61
N ALA C 171 8.96 6.46 -10.80
CA ALA C 171 10.08 6.34 -11.73
C ALA C 171 9.71 6.88 -13.13
N GLN C 172 8.52 6.55 -13.65
CA GLN C 172 8.11 7.06 -14.97
C GLN C 172 7.98 8.61 -14.98
N LEU C 173 7.42 9.14 -13.91
CA LEU C 173 7.28 10.62 -13.75
C LEU C 173 8.65 11.28 -13.71
N LEU C 174 9.56 10.76 -12.88
CA LEU C 174 10.91 11.25 -12.85
C LEU C 174 11.64 11.16 -14.20
N ALA C 175 11.42 10.07 -14.94
CA ALA C 175 12.11 9.86 -16.18
C ALA C 175 11.56 10.84 -17.24
N LYS C 176 10.29 11.15 -17.14
CA LYS C 176 9.67 12.10 -18.07
C LYS C 176 10.29 13.53 -17.93
N MET C 177 10.46 13.95 -16.69
CA MET C 177 11.24 15.14 -16.34
C MET C 177 12.68 15.07 -16.78
N GLU C 178 13.42 14.01 -16.37
CA GLU C 178 14.83 13.87 -16.69
C GLU C 178 15.11 13.88 -18.19
N SER C 179 14.27 13.20 -18.97
CA SER C 179 14.50 13.13 -20.43
C SER C 179 14.06 14.40 -21.14
N SER C 180 13.36 15.27 -20.44
CA SER C 180 12.79 16.47 -21.05
C SER C 180 13.60 17.77 -20.79
N LEU C 181 14.51 17.70 -19.84
CA LEU C 181 15.38 18.81 -19.48
C LEU C 181 16.54 19.02 -20.46
N ILE C 182 16.81 20.29 -20.80
CA ILE C 182 17.94 20.62 -21.68
C ILE C 182 18.92 21.54 -20.99
N PRO C 183 20.04 20.99 -20.47
CA PRO C 183 21.04 21.81 -19.79
C PRO C 183 21.71 22.84 -20.70
N ALA C 184 21.71 22.58 -21.98
CA ALA C 184 22.27 23.51 -23.00
C ALA C 184 21.58 24.88 -22.98
N ALA C 185 20.37 24.92 -22.43
CA ALA C 185 19.61 26.13 -22.29
C ALA C 185 20.33 27.16 -21.42
N VAL C 186 21.29 26.71 -20.60
CA VAL C 186 22.21 27.54 -19.83
C VAL C 186 22.97 28.47 -20.79
N PHE C 187 23.30 27.91 -21.93
CA PHE C 187 24.09 28.65 -22.95
C PHE C 187 23.30 29.14 -24.11
N LEU C 188 22.11 28.56 -24.29
CA LEU C 188 21.09 29.05 -25.24
C LEU C 188 19.78 29.38 -24.54
N PRO C 189 19.73 30.54 -23.86
CA PRO C 189 18.56 30.92 -23.10
C PRO C 189 17.30 31.09 -23.92
N ILE C 190 17.43 31.26 -25.24
CA ILE C 190 16.25 31.30 -26.07
C ILE C 190 15.42 30.05 -25.83
N LEU C 191 16.06 28.92 -25.56
CA LEU C 191 15.24 27.70 -25.33
C LEU C 191 14.16 27.84 -24.22
N LEU C 192 14.41 28.71 -23.25
CA LEU C 192 13.49 28.82 -22.11
C LEU C 192 12.24 29.59 -22.50
N LYS C 193 12.27 30.26 -23.64
CA LYS C 193 11.12 31.02 -24.12
C LYS C 193 10.43 30.37 -25.31
N LEU C 194 11.05 29.38 -25.92
CA LEU C 194 10.44 28.79 -27.12
C LEU C 194 9.40 27.73 -26.78
N PRO C 195 8.47 27.49 -27.71
CA PRO C 195 7.59 26.34 -27.67
C PRO C 195 8.44 25.08 -27.85
N LEU C 196 8.50 24.24 -26.81
CA LEU C 196 9.24 23.00 -26.87
C LEU C 196 8.35 21.90 -26.28
N PRO C 197 8.28 20.75 -26.96
CA PRO C 197 7.51 19.67 -26.37
C PRO C 197 8.14 19.23 -25.01
N GLN C 198 9.45 19.39 -24.90
CA GLN C 198 10.20 19.06 -23.67
C GLN C 198 9.73 19.91 -22.47
N SER C 199 9.53 21.20 -22.70
CA SER C 199 9.00 22.10 -21.70
C SER C 199 7.61 21.70 -21.29
N ALA C 200 6.76 21.49 -22.29
CA ALA C 200 5.38 21.02 -22.05
C ALA C 200 5.34 19.69 -21.25
N ARG C 201 6.27 18.78 -21.51
CA ARG C 201 6.31 17.49 -20.80
C ARG C 201 6.73 17.63 -19.35
N CYS C 202 7.66 18.57 -19.12
CA CYS C 202 8.05 18.92 -17.76
C CYS C 202 6.83 19.46 -17.01
N HIS C 203 6.08 20.37 -17.64
CA HIS C 203 4.88 20.90 -17.02
C HIS C 203 3.85 19.83 -16.70
N GLU C 204 3.60 18.91 -17.64
CA GLU C 204 2.66 17.81 -17.42
C GLU C 204 3.07 16.95 -16.22
N ALA C 205 4.34 16.58 -16.17
CA ALA C 205 4.83 15.69 -15.07
C ALA C 205 4.75 16.39 -13.75
N ARG C 206 5.10 17.68 -13.70
CA ARG C 206 5.02 18.44 -12.48
C ARG C 206 3.58 18.60 -12.00
N THR C 207 2.68 18.93 -12.92
CA THR C 207 1.27 19.02 -12.65
C THR C 207 0.66 17.68 -12.19
N GLU C 208 1.12 16.60 -12.77
CA GLU C 208 0.63 15.26 -12.40
C GLU C 208 0.95 15.01 -10.94
N LEU C 209 2.19 15.26 -10.58
CA LEU C 209 2.64 15.19 -9.17
C LEU C 209 1.91 16.13 -8.21
N GLN C 210 1.81 17.41 -8.60
CA GLN C 210 1.08 18.32 -7.74
C GLN C 210 -0.37 17.88 -7.49
N LYS C 211 -1.08 17.46 -8.52
CA LYS C 211 -2.44 16.93 -8.39
C LYS C 211 -2.47 15.77 -7.39
N ILE C 212 -1.55 14.84 -7.53
CA ILE C 212 -1.46 13.71 -6.57
C ILE C 212 -1.27 14.22 -5.14
N LEU C 213 -0.36 15.19 -4.94
CA LEU C 213 -0.07 15.76 -3.62
C LEU C 213 -1.27 16.44 -3.04
N SER C 214 -1.98 17.19 -3.88
CA SER C 214 -3.18 17.84 -3.50
C SER C 214 -4.26 16.85 -3.06
N GLU C 215 -4.44 15.78 -3.78
CA GLU C 215 -5.45 14.74 -3.37
C GLU C 215 -5.11 14.07 -2.04
N ILE C 216 -3.83 13.75 -1.86
CA ILE C 216 -3.32 13.24 -0.57
C ILE C 216 -3.54 14.20 0.59
N ILE C 217 -3.23 15.48 0.42
CA ILE C 217 -3.47 16.45 1.47
C ILE C 217 -4.94 16.54 1.85
N ILE C 218 -5.79 16.64 0.84
CA ILE C 218 -7.22 16.74 1.04
C ILE C 218 -7.70 15.49 1.79
N ALA C 219 -7.26 14.32 1.33
CA ALA C 219 -7.73 13.08 2.00
C ALA C 219 -7.27 13.02 3.46
N ARG C 220 -6.06 13.45 3.73
CA ARG C 220 -5.59 13.59 5.12
C ARG C 220 -6.45 14.54 5.96
N LYS C 221 -6.78 15.71 5.40
CA LYS C 221 -7.62 16.64 6.12
C LYS C 221 -9.03 16.04 6.31
N GLU C 222 -9.56 15.34 5.33
CA GLU C 222 -10.86 14.68 5.50
C GLU C 222 -10.90 13.71 6.69
N GLU C 223 -9.82 12.96 6.88
CA GLU C 223 -9.79 11.72 7.68
C GLU C 223 -9.13 11.83 9.03
N GLU C 224 -8.07 12.64 9.12
CA GLU C 224 -7.20 12.62 10.31
C GLU C 224 -7.85 13.47 11.37
N VAL C 225 -8.18 12.87 12.50
CA VAL C 225 -8.86 13.54 13.59
C VAL C 225 -7.98 13.32 14.83
N ASN C 226 -6.90 14.13 14.89
CA ASN C 226 -5.76 13.96 15.83
C ASN C 226 -4.46 14.57 15.28
N LYS C 227 -3.47 14.73 16.15
CA LYS C 227 -2.06 14.90 15.76
C LYS C 227 -1.38 13.52 15.64
N ASP C 228 -1.58 12.66 16.64
CA ASP C 228 -1.16 11.25 16.58
C ASP C 228 -2.18 10.44 15.73
N SER C 229 -1.70 9.42 15.01
CA SER C 229 -2.50 8.74 13.95
C SER C 229 -2.68 9.59 12.67
N SER C 230 -1.94 10.69 12.56
CA SER C 230 -1.81 11.39 11.27
C SER C 230 -0.48 10.93 10.63
N THR C 231 -0.46 10.88 9.31
CA THR C 231 0.72 10.46 8.57
C THR C 231 1.80 11.53 8.74
N SER C 232 3.04 11.09 8.97
CA SER C 232 4.22 11.94 9.11
C SER C 232 5.25 11.60 8.03
N ASP C 233 5.49 12.51 7.11
CA ASP C 233 6.37 12.25 5.98
C ASP C 233 6.96 13.57 5.45
N LEU C 234 7.66 13.50 4.32
CA LEU C 234 8.32 14.67 3.74
C LEU C 234 7.23 15.72 3.46
N LEU C 235 6.14 15.29 2.87
CA LEU C 235 4.99 16.14 2.54
C LEU C 235 4.41 16.85 3.77
N SER C 236 4.09 16.11 4.84
CA SER C 236 3.56 16.75 6.02
C SER C 236 4.57 17.69 6.67
N GLY C 237 5.82 17.26 6.70
CA GLY C 237 6.86 18.07 7.27
C GLY C 237 7.00 19.42 6.56
N LEU C 238 7.06 19.40 5.22
CA LEU C 238 7.24 20.68 4.52
C LEU C 238 5.98 21.51 4.66
N LEU C 239 4.82 20.86 4.73
CA LEU C 239 3.54 21.56 4.89
C LEU C 239 3.44 22.33 6.18
N SER C 240 4.16 21.87 7.19
CA SER C 240 4.18 22.52 8.47
C SER C 240 5.27 23.60 8.59
N ALA C 241 6.04 23.83 7.54
CA ALA C 241 7.11 24.82 7.63
C ALA C 241 6.48 26.22 7.59
N VAL C 242 7.02 27.13 8.38
CA VAL C 242 6.54 28.52 8.38
C VAL C 242 7.77 29.38 8.11
N TYR C 243 7.73 30.22 7.08
CA TYR C 243 8.87 31.11 6.83
C TYR C 243 9.08 32.12 7.99
N ARG C 244 10.18 32.85 7.96
CA ARG C 244 10.47 33.87 9.00
C ARG C 244 9.44 35.02 8.97
N ASP C 245 8.83 35.28 7.81
CA ASP C 245 7.77 36.30 7.74
C ASP C 245 6.41 35.82 8.26
N GLY C 246 6.36 34.61 8.82
CA GLY C 246 5.12 34.06 9.37
C GLY C 246 4.19 33.35 8.40
N THR C 247 4.54 33.24 7.12
CA THR C 247 3.66 32.63 6.15
C THR C 247 4.07 31.14 5.93
N PRO C 248 3.12 30.28 5.55
CA PRO C 248 3.41 28.87 5.22
C PRO C 248 3.96 28.70 3.80
N MET C 249 4.69 27.61 3.58
CA MET C 249 5.01 27.16 2.22
C MET C 249 3.72 26.88 1.45
N SER C 250 3.64 27.32 0.20
CA SER C 250 2.50 26.99 -0.66
C SER C 250 2.71 25.54 -1.14
N LEU C 251 1.61 24.91 -1.51
CA LEU C 251 1.67 23.60 -2.17
C LEU C 251 2.57 23.70 -3.41
N HIS C 252 2.50 24.81 -4.13
CA HIS C 252 3.38 24.99 -5.30
C HIS C 252 4.82 24.78 -4.88
N GLU C 253 5.23 25.41 -3.77
CA GLU C 253 6.57 25.35 -3.27
C GLU C 253 6.89 23.97 -2.72
N VAL C 254 5.99 23.42 -1.92
CA VAL C 254 6.22 22.06 -1.38
C VAL C 254 6.43 21.05 -2.49
N CYS C 255 5.57 21.11 -3.52
CA CYS C 255 5.72 20.24 -4.67
C CYS C 255 7.10 20.36 -5.28
N GLY C 256 7.53 21.60 -5.50
CA GLY C 256 8.83 21.85 -6.07
C GLY C 256 9.98 21.33 -5.24
N MET C 257 9.86 21.44 -3.92
CA MET C 257 10.93 20.94 -3.05
C MET C 257 10.97 19.37 -3.04
N ILE C 258 9.81 18.74 -3.19
CA ILE C 258 9.71 17.29 -3.35
C ILE C 258 10.34 16.85 -4.67
N VAL C 259 10.05 17.56 -5.76
CA VAL C 259 10.70 17.29 -7.03
C VAL C 259 12.16 17.44 -6.86
N ALA C 260 12.59 18.55 -6.29
CA ALA C 260 14.00 18.74 -6.07
C ALA C 260 14.62 17.57 -5.30
N ALA C 261 14.08 17.23 -4.14
CA ALA C 261 14.61 16.08 -3.37
C ALA C 261 14.62 14.77 -4.15
N MET C 262 13.53 14.47 -4.82
CA MET C 262 13.40 13.10 -5.35
C MET C 262 14.21 12.94 -6.64
N PHE C 263 14.24 13.99 -7.45
CA PHE C 263 15.08 14.01 -8.61
C PHE C 263 16.53 13.98 -8.24
N ALA C 264 16.95 14.84 -7.31
CA ALA C 264 18.34 14.94 -6.92
C ALA C 264 18.85 13.61 -6.45
N GLY C 265 18.12 12.99 -5.51
CA GLY C 265 18.57 11.74 -4.89
C GLY C 265 18.53 10.51 -5.77
N GLN C 266 17.60 10.48 -6.71
CA GLN C 266 17.36 9.27 -7.54
C GLN C 266 18.58 8.83 -8.35
N HIS C 267 19.04 9.69 -9.24
CA HIS C 267 20.08 9.32 -10.16
C HIS C 267 21.42 9.24 -9.43
N THR C 268 21.79 10.27 -8.69
CA THR C 268 23.07 10.26 -7.98
C THR C 268 23.25 9.06 -7.04
N SER C 269 22.22 8.77 -6.27
CA SER C 269 22.38 7.63 -5.30
C SER C 269 22.45 6.30 -6.06
N SER C 270 21.62 6.20 -7.12
CA SER C 270 21.59 5.03 -7.96
C SER C 270 22.93 4.77 -8.58
N ILE C 271 23.50 5.82 -9.18
CA ILE C 271 24.76 5.74 -9.84
C ILE C 271 25.91 5.45 -8.86
N THR C 272 25.90 6.11 -7.72
CA THR C 272 26.92 5.93 -6.71
C THR C 272 26.94 4.44 -6.26
N THR C 273 25.77 3.88 -5.98
CA THR C 273 25.67 2.44 -5.62
C THR C 273 26.23 1.53 -6.70
N THR C 274 25.79 1.77 -7.93
CA THR C 274 26.23 1.02 -9.08
C THR C 274 27.73 1.02 -9.31
N TRP C 275 28.39 2.20 -9.36
CA TRP C 275 29.82 2.26 -9.47
C TRP C 275 30.50 1.52 -8.31
N SER C 276 30.00 1.76 -7.11
CA SER C 276 30.65 1.15 -5.95
C SER C 276 30.71 -0.34 -6.09
N MET C 277 29.59 -0.91 -6.44
CA MET C 277 29.45 -2.33 -6.69
C MET C 277 30.32 -2.85 -7.83
N LEU C 278 30.33 -2.13 -8.97
CA LEU C 278 31.20 -2.49 -10.08
C LEU C 278 32.70 -2.53 -9.67
N HIS C 279 33.17 -1.54 -8.94
CA HIS C 279 34.55 -1.53 -8.52
C HIS C 279 34.79 -2.71 -7.55
N LEU C 280 33.88 -2.88 -6.59
CA LEU C 280 34.10 -3.85 -5.52
C LEU C 280 34.13 -5.28 -6.06
N MET C 281 33.43 -5.52 -7.16
CA MET C 281 33.35 -6.87 -7.74
C MET C 281 34.45 -7.15 -8.73
N HIS C 282 35.21 -6.11 -9.10
CA HIS C 282 36.25 -6.25 -10.10
C HIS C 282 37.50 -6.92 -9.49
N PRO C 283 38.20 -7.73 -10.29
CA PRO C 283 39.35 -8.45 -9.72
C PRO C 283 40.49 -7.57 -9.19
N ALA C 284 40.75 -6.42 -9.81
CA ALA C 284 41.75 -5.47 -9.29
C ALA C 284 41.52 -5.08 -7.80
N ASN C 285 40.30 -5.27 -7.29
CA ASN C 285 39.90 -4.74 -5.99
C ASN C 285 39.53 -5.82 -4.97
N VAL C 286 40.07 -7.04 -5.13
CA VAL C 286 39.78 -8.07 -4.15
C VAL C 286 40.09 -7.60 -2.73
N LYS C 287 41.20 -6.90 -2.52
CA LYS C 287 41.60 -6.46 -1.18
C LYS C 287 40.58 -5.45 -0.59
N HIS C 288 39.94 -4.67 -1.47
CA HIS C 288 38.88 -3.78 -1.06
C HIS C 288 37.60 -4.53 -0.70
N LEU C 289 37.23 -5.52 -1.50
CA LEU C 289 36.07 -6.35 -1.21
C LEU C 289 36.25 -7.09 0.09
N GLU C 290 37.48 -7.54 0.32
CA GLU C 290 37.77 -8.24 1.59
C GLU C 290 37.70 -7.27 2.77
N ALA C 291 38.15 -6.04 2.56
CA ALA C 291 38.01 -5.00 3.57
C ALA C 291 36.53 -4.72 3.89
N LEU C 292 35.66 -4.65 2.87
CA LEU C 292 34.23 -4.44 3.08
C LEU C 292 33.63 -5.66 3.84
N ARG C 293 33.98 -6.85 3.39
CA ARG C 293 33.44 -8.07 4.01
C ARG C 293 33.81 -8.10 5.48
N LYS C 294 35.06 -7.77 5.79
CA LYS C 294 35.51 -7.67 7.18
C LYS C 294 34.70 -6.67 7.99
N GLU C 295 34.52 -5.47 7.43
CA GLU C 295 33.74 -4.43 8.07
C GLU C 295 32.35 -4.94 8.53
N ILE C 296 31.70 -5.70 7.66
CA ILE C 296 30.31 -6.06 7.87
C ILE C 296 30.16 -7.47 8.48
N GLU C 297 31.28 -8.11 8.78
CA GLU C 297 31.26 -9.53 9.07
C GLU C 297 30.38 -9.86 10.28
N GLU C 298 30.45 -9.04 11.30
CA GLU C 298 29.75 -9.28 12.56
C GLU C 298 28.43 -8.52 12.71
N PHE C 299 28.00 -7.80 11.65
CA PHE C 299 26.68 -7.19 11.69
C PHE C 299 25.56 -8.23 11.83
N PRO C 300 24.45 -7.85 12.48
CA PRO C 300 23.25 -8.65 12.49
C PRO C 300 22.60 -8.76 11.12
N ALA C 301 21.72 -9.73 10.92
CA ALA C 301 20.96 -9.84 9.67
C ALA C 301 20.13 -8.57 9.44
N GLN C 302 19.61 -8.03 10.54
CA GLN C 302 18.88 -6.73 10.50
C GLN C 302 19.83 -5.57 10.82
N LEU C 303 20.31 -4.92 9.77
CA LEU C 303 21.11 -3.71 10.00
C LEU C 303 20.32 -2.74 10.87
N ASN C 304 21.03 -2.07 11.76
CA ASN C 304 20.47 -0.97 12.50
C ASN C 304 21.26 0.31 12.28
N TYR C 305 20.74 1.39 12.82
CA TYR C 305 21.34 2.71 12.72
C TYR C 305 22.86 2.72 12.98
N ASN C 306 23.23 2.11 14.10
CA ASN C 306 24.59 2.13 14.54
C ASN C 306 25.54 1.44 13.59
N ASN C 307 25.13 0.29 13.08
CA ASN C 307 25.90 -0.42 12.09
C ASN C 307 26.26 0.52 10.90
N VAL C 308 25.25 1.20 10.33
CA VAL C 308 25.47 1.95 9.09
C VAL C 308 26.08 3.33 9.37
N MET C 309 25.67 3.98 10.45
CA MET C 309 26.13 5.35 10.76
C MET C 309 27.49 5.36 11.45
N ASP C 310 27.73 4.37 12.31
CA ASP C 310 28.96 4.37 13.09
C ASP C 310 30.00 3.33 12.69
N GLU C 311 29.62 2.26 12.02
CA GLU C 311 30.49 1.10 11.84
C GLU C 311 30.78 0.75 10.37
N MET C 312 30.50 1.67 9.46
CA MET C 312 30.78 1.45 8.02
C MET C 312 31.66 2.56 7.39
N PRO C 313 32.78 2.93 8.06
CA PRO C 313 33.59 3.99 7.45
C PRO C 313 34.25 3.56 6.13
N PHE C 314 34.61 2.29 6.00
CA PHE C 314 35.20 1.80 4.75
C PHE C 314 34.21 1.78 3.57
N ALA C 315 33.00 1.24 3.78
CA ALA C 315 31.95 1.29 2.78
C ALA C 315 31.70 2.76 2.36
N GLU C 316 31.75 3.68 3.31
CA GLU C 316 31.56 5.08 2.99
C GLU C 316 32.71 5.62 2.11
N ARG C 317 33.96 5.30 2.46
CA ARG C 317 35.11 5.64 1.61
C ARG C 317 34.95 5.05 0.20
N CYS C 318 34.41 3.85 0.10
CA CYS C 318 34.15 3.25 -1.20
C CYS C 318 33.18 4.08 -2.06
N ALA C 319 32.08 4.47 -1.45
CA ALA C 319 31.09 5.33 -2.13
C ALA C 319 31.74 6.66 -2.53
N ARG C 320 32.43 7.30 -1.61
CA ARG C 320 33.05 8.62 -1.90
C ARG C 320 34.12 8.58 -3.00
N GLU C 321 34.91 7.51 -3.04
CA GLU C 321 35.92 7.35 -4.08
C GLU C 321 35.31 7.03 -5.46
N SER C 322 34.16 6.38 -5.49
CA SER C 322 33.40 6.18 -6.75
C SER C 322 32.94 7.51 -7.30
N ILE C 323 32.48 8.34 -6.42
CA ILE C 323 32.08 9.74 -6.79
C ILE C 323 33.28 10.60 -7.18
N ARG C 324 34.39 10.46 -6.44
CA ARG C 324 35.68 11.06 -6.81
C ARG C 324 36.10 10.71 -8.25
N ARG C 325 36.22 9.42 -8.56
CA ARG C 325 36.67 9.00 -9.88
C ARG C 325 35.73 9.37 -11.00
N ASP C 326 34.43 9.22 -10.75
CA ASP C 326 33.38 9.41 -11.76
C ASP C 326 32.26 10.25 -11.18
N PRO C 327 32.52 11.52 -10.94
CA PRO C 327 31.53 12.38 -10.33
C PRO C 327 30.24 12.45 -11.19
N PRO C 328 29.07 12.26 -10.58
CA PRO C 328 27.85 12.29 -11.40
C PRO C 328 27.50 13.66 -11.95
N LEU C 329 27.94 14.69 -11.27
CA LEU C 329 27.78 16.09 -11.70
C LEU C 329 29.15 16.64 -12.08
N LEU C 330 29.30 16.90 -13.39
CA LEU C 330 30.57 17.12 -14.05
C LEU C 330 31.00 18.59 -13.89
N MET C 331 30.04 19.49 -13.84
CA MET C 331 30.24 20.95 -14.02
C MET C 331 29.31 21.81 -13.14
N LEU C 332 29.84 22.37 -12.06
CA LEU C 332 29.07 23.25 -11.22
C LEU C 332 29.32 24.67 -11.66
N MET C 333 28.25 25.45 -11.78
CA MET C 333 28.36 26.75 -12.41
C MET C 333 27.64 27.84 -11.64
N ARG C 334 28.17 29.05 -11.78
CA ARG C 334 27.50 30.23 -11.32
C ARG C 334 27.62 31.35 -12.36
N LYS C 335 26.70 32.30 -12.30
CA LYS C 335 26.88 33.56 -13.03
C LYS C 335 27.62 34.59 -12.16
N VAL C 336 28.63 35.22 -12.77
CA VAL C 336 29.46 36.15 -12.05
C VAL C 336 28.77 37.52 -12.14
N MET C 337 28.34 38.01 -10.99
CA MET C 337 27.55 39.25 -10.88
C MET C 337 28.41 40.45 -10.57
N ALA C 338 29.63 40.21 -10.14
CA ALA C 338 30.61 41.26 -9.88
C ALA C 338 31.97 40.60 -10.06
N ASP C 339 32.93 41.38 -10.56
CA ASP C 339 34.29 40.93 -10.72
C ASP C 339 34.74 40.21 -9.46
N VAL C 340 35.40 39.05 -9.62
CA VAL C 340 35.87 38.30 -8.50
C VAL C 340 37.29 37.87 -8.72
N LYS C 341 38.05 37.82 -7.64
CA LYS C 341 39.45 37.43 -7.70
C LYS C 341 39.51 35.90 -7.64
N VAL C 342 40.37 35.31 -8.46
CA VAL C 342 40.62 33.87 -8.44
C VAL C 342 42.08 33.65 -8.81
N GLY C 343 42.86 33.06 -7.90
CA GLY C 343 44.30 33.04 -8.04
C GLY C 343 44.81 34.44 -8.37
N SER C 344 45.58 34.54 -9.45
CA SER C 344 46.17 35.80 -9.84
C SER C 344 45.30 36.58 -10.82
N TYR C 345 44.08 36.08 -11.07
CA TYR C 345 43.21 36.66 -12.09
C TYR C 345 42.01 37.34 -11.52
N VAL C 346 41.36 38.14 -12.35
CA VAL C 346 40.05 38.66 -12.05
C VAL C 346 39.11 38.02 -13.06
N VAL C 347 38.08 37.32 -12.58
CA VAL C 347 37.02 36.82 -13.44
C VAL C 347 35.95 37.91 -13.56
N PRO C 348 35.68 38.36 -14.81
CA PRO C 348 34.84 39.53 -14.95
C PRO C 348 33.35 39.26 -14.81
N LYS C 349 32.62 40.26 -14.28
CA LYS C 349 31.17 40.31 -14.31
C LYS C 349 30.70 39.91 -15.71
N GLY C 350 29.64 39.06 -15.77
CA GLY C 350 29.12 38.52 -17.04
C GLY C 350 29.60 37.11 -17.40
N ASP C 351 30.72 36.67 -16.89
CA ASP C 351 31.19 35.33 -17.19
C ASP C 351 30.29 34.33 -16.48
N ILE C 352 30.26 33.10 -16.99
CA ILE C 352 29.79 31.97 -16.21
C ILE C 352 31.08 31.43 -15.60
N ILE C 353 31.11 31.29 -14.29
CA ILE C 353 32.28 30.69 -13.67
C ILE C 353 31.86 29.27 -13.34
N ALA C 354 32.81 28.34 -13.42
CA ALA C 354 32.50 26.93 -13.22
C ALA C 354 33.57 26.29 -12.42
N CYS C 355 33.21 25.23 -11.72
CA CYS C 355 34.19 24.42 -11.06
C CYS C 355 33.77 23.00 -11.34
N SER C 356 34.68 22.21 -11.86
CA SER C 356 34.34 20.89 -12.38
C SER C 356 34.83 19.78 -11.49
N PRO C 357 33.90 19.06 -10.82
CA PRO C 357 34.39 17.88 -10.13
C PRO C 357 35.13 16.93 -11.06
N LEU C 358 34.74 16.83 -12.33
CA LEU C 358 35.47 15.97 -13.25
C LEU C 358 36.94 16.37 -13.42
N LEU C 359 37.21 17.64 -13.67
CA LEU C 359 38.58 18.09 -13.87
C LEU C 359 39.40 18.06 -12.56
N SER C 360 38.79 18.56 -11.50
CA SER C 360 39.46 18.73 -10.23
C SER C 360 39.83 17.35 -9.64
N HIS C 361 38.92 16.39 -9.80
CA HIS C 361 39.15 15.01 -9.34
C HIS C 361 40.19 14.28 -10.12
N HIS C 362 40.68 14.91 -11.21
CA HIS C 362 41.75 14.33 -11.97
C HIS C 362 43.08 15.10 -11.97
N ASP C 363 43.19 16.09 -11.09
CA ASP C 363 44.44 16.79 -10.85
C ASP C 363 45.44 15.83 -10.20
N GLU C 364 46.59 15.66 -10.85
CA GLU C 364 47.54 14.66 -10.37
C GLU C 364 48.23 15.00 -9.03
N GLU C 365 48.31 16.28 -8.66
CA GLU C 365 48.78 16.66 -7.31
C GLU C 365 47.76 16.18 -6.30
N ALA C 366 46.49 16.56 -6.51
CA ALA C 366 45.41 16.20 -5.56
C ALA C 366 45.08 14.69 -5.54
N PHE C 367 45.14 14.03 -6.68
CA PHE C 367 44.67 12.65 -6.84
C PHE C 367 45.60 11.96 -7.81
N PRO C 368 46.78 11.53 -7.33
CA PRO C 368 47.70 10.88 -8.26
C PRO C 368 47.10 9.58 -8.83
N GLU C 369 47.40 9.30 -10.10
CA GLU C 369 46.87 8.16 -10.84
C GLU C 369 45.33 8.16 -10.77
N PRO C 370 44.72 9.27 -11.26
CA PRO C 370 43.32 9.45 -10.88
C PRO C 370 42.33 8.46 -11.46
N ARG C 371 42.67 7.71 -12.52
CA ARG C 371 41.75 6.70 -13.03
C ARG C 371 41.74 5.44 -12.18
N ARG C 372 42.68 5.29 -11.26
CA ARG C 372 42.67 4.15 -10.33
C ARG C 372 41.68 4.43 -9.21
N TRP C 373 40.75 3.53 -9.02
CA TRP C 373 39.84 3.57 -7.90
C TRP C 373 40.57 3.01 -6.70
N ASP C 374 40.68 3.84 -5.68
CA ASP C 374 41.36 3.53 -4.44
C ASP C 374 40.69 4.20 -3.27
N PRO C 375 39.82 3.50 -2.59
CA PRO C 375 39.16 4.07 -1.43
C PRO C 375 40.07 4.41 -0.25
N GLU C 376 41.35 4.00 -0.26
CA GLU C 376 42.30 4.29 0.81
C GLU C 376 43.19 5.46 0.46
N ARG C 377 42.81 6.23 -0.56
CA ARG C 377 43.53 7.46 -0.76
C ARG C 377 42.90 8.46 0.18
N ASP C 378 43.68 9.47 0.53
CA ASP C 378 43.10 10.70 1.03
C ASP C 378 43.62 11.77 0.08
N GLU C 379 42.82 12.83 -0.06
CA GLU C 379 43.21 14.07 -0.77
C GLU C 379 44.51 14.67 -0.18
N LYS C 380 45.41 15.03 -1.08
CA LYS C 380 46.68 15.68 -0.82
C LYS C 380 46.56 17.19 -0.91
N VAL C 381 45.41 17.66 -1.38
CA VAL C 381 45.13 19.11 -1.41
C VAL C 381 43.84 19.32 -0.68
N GLU C 382 43.84 20.25 0.25
CA GLU C 382 42.64 20.54 1.04
C GLU C 382 41.50 20.96 0.11
N GLY C 383 40.32 20.36 0.31
CA GLY C 383 39.11 20.73 -0.40
C GLY C 383 39.08 20.28 -1.86
N ALA C 384 39.98 19.40 -2.25
CA ALA C 384 40.04 18.91 -3.65
C ALA C 384 38.83 18.08 -4.05
N PHE C 385 38.29 17.25 -3.11
CA PHE C 385 37.07 16.48 -3.38
C PHE C 385 35.84 17.37 -3.32
N ILE C 386 35.14 17.51 -4.42
CA ILE C 386 33.96 18.36 -4.52
C ILE C 386 32.81 17.63 -5.17
N GLY C 387 32.78 16.32 -4.95
CA GLY C 387 31.72 15.46 -5.42
C GLY C 387 30.34 15.87 -4.96
N PHE C 388 30.25 16.46 -3.74
CA PHE C 388 29.02 16.97 -3.16
C PHE C 388 29.03 18.48 -3.14
N GLY C 389 29.87 19.14 -3.93
CA GLY C 389 29.99 20.58 -3.79
C GLY C 389 30.62 21.05 -2.50
N ALA C 390 30.44 22.32 -2.20
CA ALA C 390 31.04 22.88 -1.02
C ALA C 390 30.46 24.25 -0.84
N GLY C 391 30.78 24.83 0.30
CA GLY C 391 30.41 26.20 0.61
C GLY C 391 28.95 26.48 0.65
N VAL C 392 28.57 27.54 -0.05
CA VAL C 392 27.23 28.03 0.05
C VAL C 392 26.18 27.00 -0.40
N HIS C 393 26.49 26.25 -1.45
CA HIS C 393 25.52 25.35 -2.04
C HIS C 393 25.85 23.88 -1.81
N LYS C 394 26.47 23.57 -0.68
CA LYS C 394 26.93 22.21 -0.49
C LYS C 394 25.72 21.25 -0.37
N CYS C 395 25.86 20.02 -0.84
CA CYS C 395 24.74 19.09 -0.94
C CYS C 395 24.12 18.89 0.43
N ILE C 396 22.81 18.99 0.48
CA ILE C 396 22.07 18.79 1.71
C ILE C 396 21.54 17.36 1.82
N GLY C 397 21.63 16.57 0.75
CA GLY C 397 21.13 15.19 0.77
C GLY C 397 22.20 14.13 0.95
N GLN C 398 23.46 14.54 0.98
CA GLN C 398 24.64 13.65 1.07
C GLN C 398 24.44 12.47 2.07
N LYS C 399 24.04 12.81 3.29
CA LYS C 399 23.99 11.82 4.37
C LYS C 399 22.90 10.80 4.03
N PHE C 400 21.78 11.27 3.46
CA PHE C 400 20.68 10.43 3.14
C PHE C 400 20.97 9.54 1.95
N GLY C 401 21.57 10.12 0.92
CA GLY C 401 21.99 9.29 -0.19
C GLY C 401 23.01 8.22 0.19
N LEU C 402 24.02 8.57 0.96
CA LEU C 402 25.04 7.58 1.37
C LEU C 402 24.48 6.55 2.35
N LEU C 403 23.44 6.93 3.08
CA LEU C 403 22.70 5.92 3.95
C LEU C 403 22.11 4.81 3.10
N GLN C 404 21.49 5.21 2.00
CA GLN C 404 20.96 4.23 1.11
C GLN C 404 22.04 3.40 0.43
N VAL C 405 23.09 4.05 -0.11
CA VAL C 405 24.19 3.36 -0.74
C VAL C 405 24.84 2.35 0.20
N LYS C 406 25.11 2.81 1.39
CA LYS C 406 25.81 1.94 2.35
C LYS C 406 24.91 0.76 2.74
N THR C 407 23.62 1.00 2.90
CA THR C 407 22.65 -0.09 3.26
C THR C 407 22.55 -1.12 2.14
N ILE C 408 22.47 -0.64 0.88
CA ILE C 408 22.52 -1.55 -0.22
C ILE C 408 23.82 -2.41 -0.24
N LEU C 409 24.99 -1.77 -0.14
CA LEU C 409 26.28 -2.47 -0.19
C LEU C 409 26.35 -3.55 0.88
N ALA C 410 25.99 -3.18 2.10
CA ALA C 410 26.09 -4.12 3.25
C ALA C 410 25.14 -5.29 3.04
N THR C 411 23.97 -5.02 2.46
CA THR C 411 22.92 -6.03 2.26
C THR C 411 23.23 -6.93 1.07
N ALA C 412 23.66 -6.31 -0.04
CA ALA C 412 24.09 -7.06 -1.22
C ALA C 412 25.27 -7.99 -0.99
N PHE C 413 26.34 -7.45 -0.46
CA PHE C 413 27.57 -8.22 -0.33
C PHE C 413 27.51 -9.23 0.85
N ARG C 414 26.54 -9.11 1.73
CA ARG C 414 26.38 -10.13 2.79
C ARG C 414 25.89 -11.42 2.17
N SER C 415 24.97 -11.30 1.21
CA SER C 415 24.28 -12.48 0.68
C SER C 415 24.67 -12.86 -0.75
N TYR C 416 25.47 -12.03 -1.43
CA TYR C 416 25.80 -12.31 -2.82
C TYR C 416 27.23 -11.95 -3.13
N ASP C 417 27.79 -12.63 -4.13
CA ASP C 417 28.92 -12.12 -4.90
C ASP C 417 28.42 -11.74 -6.28
N PHE C 418 29.29 -11.09 -7.04
CA PHE C 418 28.93 -10.66 -8.36
C PHE C 418 30.11 -10.83 -9.24
N GLN C 419 29.84 -11.07 -10.52
CA GLN C 419 30.87 -11.03 -11.55
C GLN C 419 30.47 -10.08 -12.63
N LEU C 420 31.36 -9.14 -12.94
CA LEU C 420 31.19 -8.23 -14.05
C LEU C 420 31.42 -9.00 -15.35
N LEU C 421 30.51 -8.89 -16.31
CA LEU C 421 30.59 -9.65 -17.56
C LEU C 421 31.36 -8.90 -18.64
N ARG C 422 32.52 -8.41 -18.27
CA ARG C 422 33.45 -7.76 -19.19
C ARG C 422 34.72 -7.59 -18.40
N ASP C 423 35.81 -7.29 -19.09
CA ASP C 423 37.12 -7.26 -18.44
C ASP C 423 37.34 -6.04 -17.57
N GLU C 424 36.80 -4.90 -17.99
CA GLU C 424 37.05 -3.64 -17.31
C GLU C 424 35.75 -3.01 -16.77
N VAL C 425 35.87 -2.27 -15.68
CA VAL C 425 34.75 -1.52 -15.16
C VAL C 425 34.20 -0.69 -16.33
N PRO C 426 32.88 -0.49 -16.37
CA PRO C 426 32.30 0.24 -17.52
C PRO C 426 32.85 1.63 -17.71
N ASP C 427 32.76 2.11 -18.95
CA ASP C 427 33.08 3.50 -19.25
C ASP C 427 31.97 4.39 -18.69
N PRO C 428 32.35 5.57 -18.18
CA PRO C 428 31.26 6.48 -17.86
C PRO C 428 30.57 6.92 -19.13
N ASP C 429 29.30 7.29 -19.03
CA ASP C 429 28.53 7.73 -20.20
C ASP C 429 28.21 9.21 -20.04
N TYR C 430 29.01 10.06 -20.69
CA TYR C 430 28.88 11.53 -20.50
C TYR C 430 27.74 12.20 -21.26
N HIS C 431 26.86 11.44 -21.88
CA HIS C 431 25.77 12.02 -22.68
C HIS C 431 24.58 12.46 -21.86
N THR C 432 24.42 11.99 -20.62
CA THR C 432 23.23 12.28 -19.80
C THR C 432 23.50 13.41 -18.81
N MET C 433 22.48 14.05 -18.30
CA MET C 433 22.71 15.22 -17.46
C MET C 433 23.31 14.82 -16.12
N VAL C 434 22.93 13.68 -15.59
CA VAL C 434 23.62 13.12 -14.43
C VAL C 434 24.36 11.86 -14.93
N VAL C 435 25.69 11.84 -14.77
CA VAL C 435 26.55 10.89 -15.43
C VAL C 435 26.72 9.61 -14.56
N GLY C 436 26.42 8.51 -15.18
CA GLY C 436 26.66 7.18 -14.59
C GLY C 436 27.48 6.29 -15.49
N PRO C 437 27.67 5.04 -15.06
CA PRO C 437 28.30 4.06 -15.92
C PRO C 437 27.43 3.77 -17.12
N THR C 438 28.06 3.46 -18.24
CA THR C 438 27.33 3.14 -19.49
C THR C 438 26.39 1.95 -19.23
N ALA C 439 25.10 2.22 -19.35
CA ALA C 439 24.01 1.29 -18.97
C ALA C 439 24.19 -0.07 -19.64
N SER C 440 24.57 -0.06 -20.94
CA SER C 440 24.69 -1.31 -21.67
C SER C 440 25.91 -2.14 -21.24
N GLN C 441 26.88 -1.54 -20.56
CA GLN C 441 28.05 -2.21 -20.04
C GLN C 441 27.84 -2.74 -18.62
N CYS C 442 26.64 -2.59 -18.08
CA CYS C 442 26.40 -2.90 -16.65
C CYS C 442 25.78 -4.28 -16.40
N ARG C 443 25.86 -5.19 -17.35
CA ARG C 443 25.39 -6.54 -17.13
C ARG C 443 26.34 -7.28 -16.20
N VAL C 444 25.79 -7.89 -15.16
CA VAL C 444 26.60 -8.62 -14.20
C VAL C 444 25.90 -9.91 -13.78
N LYS C 445 26.67 -10.85 -13.23
CA LYS C 445 26.07 -12.07 -12.76
C LYS C 445 26.06 -12.01 -11.25
N TYR C 446 24.92 -12.25 -10.62
CA TYR C 446 24.85 -12.32 -9.16
C TYR C 446 25.00 -13.80 -8.82
N ILE C 447 25.62 -14.06 -7.68
CA ILE C 447 25.79 -15.44 -7.19
C ILE C 447 25.48 -15.47 -5.69
N ARG C 448 24.44 -16.19 -5.33
CA ARG C 448 24.10 -16.36 -3.92
C ARG C 448 25.30 -16.99 -3.19
N ARG C 449 25.64 -16.46 -2.02
CA ARG C 449 26.68 -17.03 -1.18
C ARG C 449 26.02 -18.15 -0.40
N LYS C 450 26.68 -19.28 -0.27
CA LYS C 450 26.12 -20.34 0.60
C LYS C 450 27.13 -20.68 1.68
N GLY D 2 12.32 42.12 -56.91
CA GLY D 2 12.08 42.08 -55.44
C GLY D 2 10.80 42.76 -54.97
N LYS D 3 9.67 42.42 -55.61
CA LYS D 3 8.35 42.86 -55.15
C LYS D 3 7.88 41.88 -54.05
N LEU D 4 8.22 42.19 -52.81
CA LEU D 4 8.05 41.26 -51.68
C LEU D 4 6.63 41.25 -51.14
N PRO D 5 6.21 40.08 -50.62
CA PRO D 5 4.95 40.08 -49.91
C PRO D 5 5.02 41.03 -48.71
N PRO D 6 3.88 41.62 -48.33
CA PRO D 6 3.87 42.38 -47.11
C PRO D 6 4.31 41.56 -45.91
N VAL D 7 5.00 42.20 -44.99
CA VAL D 7 5.47 41.59 -43.74
C VAL D 7 4.49 41.97 -42.62
N TYR D 8 4.07 41.01 -41.79
CA TYR D 8 3.31 41.38 -40.59
C TYR D 8 4.29 42.02 -39.62
N PRO D 9 3.91 43.15 -38.98
CA PRO D 9 4.81 43.80 -38.02
C PRO D 9 5.25 42.88 -36.87
N VAL D 10 6.54 42.86 -36.60
CA VAL D 10 7.13 42.16 -35.48
C VAL D 10 7.16 43.11 -34.30
N THR D 11 6.44 42.78 -33.23
CA THR D 11 6.53 43.56 -32.02
C THR D 11 7.41 42.87 -30.99
N VAL D 12 7.55 41.54 -31.06
CA VAL D 12 8.41 40.80 -30.11
C VAL D 12 9.77 40.50 -30.77
N PRO D 13 10.84 41.18 -30.32
CA PRO D 13 12.12 41.30 -31.07
C PRO D 13 12.80 39.99 -31.56
N ILE D 14 13.02 39.04 -30.66
CA ILE D 14 13.81 37.83 -30.97
C ILE D 14 12.90 36.69 -31.43
N LEU D 15 11.73 36.58 -30.82
CA LEU D 15 10.84 35.42 -31.04
C LEU D 15 9.95 35.62 -32.26
N GLY D 16 9.81 36.87 -32.71
CA GLY D 16 8.77 37.21 -33.67
C GLY D 16 7.37 36.77 -33.27
N HIS D 17 6.74 36.04 -34.17
CA HIS D 17 5.33 35.79 -34.12
C HIS D 17 5.05 34.37 -33.60
N ILE D 18 6.09 33.66 -33.14
CA ILE D 18 5.97 32.21 -32.89
C ILE D 18 4.98 31.94 -31.78
N ILE D 19 4.98 32.78 -30.75
CA ILE D 19 4.08 32.57 -29.61
C ILE D 19 2.63 32.93 -29.93
N GLN D 20 2.42 34.01 -30.68
CA GLN D 20 1.10 34.38 -31.19
C GLN D 20 0.56 33.26 -32.05
N PHE D 21 1.37 32.82 -33.00
CA PHE D 21 1.00 31.74 -33.90
C PHE D 21 0.60 30.49 -33.13
N GLY D 22 1.48 30.05 -32.23
CA GLY D 22 1.30 28.80 -31.49
C GLY D 22 0.05 28.82 -30.66
N LYS D 23 -0.27 29.99 -30.09
CA LYS D 23 -1.49 30.21 -29.31
C LYS D 23 -2.78 29.94 -30.08
N SER D 24 -2.89 30.52 -31.28
CA SER D 24 -4.10 30.46 -32.08
C SER D 24 -3.70 30.57 -33.57
N PRO D 25 -3.22 29.45 -34.14
CA PRO D 25 -2.67 29.48 -35.49
C PRO D 25 -3.66 30.01 -36.56
N LEU D 26 -4.92 29.57 -36.51
CA LEU D 26 -5.90 29.94 -37.54
C LEU D 26 -6.24 31.41 -37.41
N GLY D 27 -6.57 31.80 -36.19
CA GLY D 27 -6.92 33.17 -35.86
C GLY D 27 -5.82 34.13 -36.25
N PHE D 28 -4.59 33.80 -35.84
CA PHE D 28 -3.43 34.63 -36.14
C PHE D 28 -3.18 34.80 -37.66
N MET D 29 -3.23 33.70 -38.41
CA MET D 29 -3.03 33.76 -39.86
C MET D 29 -4.17 34.49 -40.58
N GLN D 30 -5.40 34.25 -40.16
CA GLN D 30 -6.54 35.01 -40.70
C GLN D 30 -6.47 36.51 -40.36
N GLU D 31 -5.92 36.86 -39.20
CA GLU D 31 -5.69 38.27 -38.87
C GLU D 31 -4.58 38.90 -39.72
N CYS D 32 -3.53 38.15 -40.05
CA CYS D 32 -2.50 38.67 -40.96
C CYS D 32 -3.05 38.91 -42.36
N LYS D 33 -3.79 37.91 -42.86
CA LYS D 33 -4.47 37.96 -44.14
C LYS D 33 -5.31 39.23 -44.25
N ARG D 34 -6.19 39.43 -43.27
CA ARG D 34 -7.10 40.57 -43.25
C ARG D 34 -6.39 41.91 -43.15
N GLN D 35 -5.49 42.04 -42.16
CA GLN D 35 -4.78 43.32 -41.92
C GLN D 35 -3.83 43.71 -43.03
N LEU D 36 -3.29 42.73 -43.75
CA LEU D 36 -2.35 43.06 -44.81
C LEU D 36 -3.04 43.09 -46.17
N LYS D 37 -4.32 42.71 -46.20
CA LYS D 37 -5.13 42.61 -47.42
C LYS D 37 -4.45 41.78 -48.51
N SER D 38 -3.96 40.60 -48.12
CA SER D 38 -3.25 39.70 -49.03
C SER D 38 -3.18 38.26 -48.52
N GLY D 39 -3.52 37.33 -49.41
CA GLY D 39 -3.39 35.90 -49.14
C GLY D 39 -1.95 35.43 -49.08
N ILE D 40 -1.05 36.18 -49.72
CA ILE D 40 0.39 35.94 -49.61
C ILE D 40 0.98 36.97 -48.69
N PHE D 41 1.66 36.48 -47.66
CA PHE D 41 2.22 37.35 -46.64
C PHE D 41 3.33 36.65 -45.86
N THR D 42 4.09 37.44 -45.12
CA THR D 42 5.30 36.98 -44.49
C THR D 42 5.24 37.29 -42.99
N ILE D 43 5.41 36.24 -42.20
CA ILE D 43 5.50 36.36 -40.77
C ILE D 43 6.94 36.04 -40.38
N ASN D 44 7.25 36.16 -39.10
CA ASN D 44 8.60 36.07 -38.62
C ASN D 44 8.65 35.04 -37.47
N ILE D 45 9.42 33.97 -37.65
CA ILE D 45 9.49 32.91 -36.66
C ILE D 45 10.92 32.81 -36.13
N VAL D 46 11.15 33.33 -34.93
CA VAL D 46 12.48 33.36 -34.31
C VAL D 46 13.55 33.99 -35.24
N GLY D 47 13.18 35.11 -35.87
CA GLY D 47 14.09 35.88 -36.78
C GLY D 47 13.97 35.49 -38.23
N LYS D 48 13.42 34.30 -38.50
CA LYS D 48 13.34 33.77 -39.88
C LYS D 48 12.06 34.17 -40.63
N ARG D 49 12.23 34.70 -41.84
CA ARG D 49 11.10 34.97 -42.71
C ARG D 49 10.36 33.68 -43.10
N VAL D 50 9.08 33.59 -42.78
CA VAL D 50 8.21 32.57 -43.28
C VAL D 50 7.09 33.20 -44.13
N THR D 51 7.16 32.97 -45.45
CA THR D 51 6.13 33.44 -46.38
C THR D 51 5.05 32.41 -46.63
N ILE D 52 3.82 32.75 -46.25
CA ILE D 52 2.66 31.87 -46.39
C ILE D 52 1.89 32.18 -47.67
N VAL D 53 1.71 31.13 -48.47
CA VAL D 53 0.81 31.15 -49.62
C VAL D 53 -0.57 30.79 -49.09
N GLY D 54 -1.27 31.80 -48.58
CA GLY D 54 -2.62 31.63 -48.02
C GLY D 54 -3.74 31.82 -49.01
N ASP D 55 -3.41 31.94 -50.29
CA ASP D 55 -4.42 32.14 -51.34
C ASP D 55 -4.51 30.84 -52.12
N PRO D 56 -5.63 30.12 -51.99
CA PRO D 56 -5.78 28.80 -52.62
C PRO D 56 -5.64 28.78 -54.15
N HIS D 57 -5.90 29.93 -54.80
CA HIS D 57 -5.66 30.07 -56.25
C HIS D 57 -4.18 29.88 -56.58
N GLU D 58 -3.28 30.14 -55.61
CA GLU D 58 -1.85 30.04 -55.86
C GLU D 58 -1.16 28.79 -55.32
N HIS D 59 -1.91 27.85 -54.77
CA HIS D 59 -1.31 26.58 -54.30
C HIS D 59 -0.27 25.98 -55.22
N SER D 60 -0.53 25.98 -56.53
CA SER D 60 0.40 25.32 -57.48
C SER D 60 1.82 25.88 -57.42
N ARG D 61 1.95 27.14 -57.06
CA ARG D 61 3.26 27.77 -56.95
C ARG D 61 4.08 27.22 -55.78
N PHE D 62 3.41 26.64 -54.77
CA PHE D 62 4.10 25.93 -53.67
C PHE D 62 4.41 24.46 -54.01
N PHE D 63 3.42 23.75 -54.54
CA PHE D 63 3.43 22.30 -54.66
C PHE D 63 4.15 21.76 -55.91
N LEU D 64 4.16 22.55 -56.99
CA LEU D 64 4.79 22.12 -58.26
C LEU D 64 6.35 22.26 -58.37
N PRO D 65 6.94 23.36 -57.91
CA PRO D 65 8.39 23.49 -58.13
C PRO D 65 9.25 22.31 -57.63
N ARG D 66 10.34 22.04 -58.34
CA ARG D 66 11.20 20.88 -58.02
C ARG D 66 11.99 21.03 -56.69
N ASN D 67 12.57 19.93 -56.22
CA ASN D 67 13.30 19.92 -54.93
C ASN D 67 14.43 20.90 -54.89
N GLU D 68 15.05 21.05 -56.07
CA GLU D 68 16.17 21.94 -56.27
C GLU D 68 15.75 23.38 -56.07
N VAL D 69 14.49 23.70 -56.35
CA VAL D 69 14.03 25.08 -56.14
C VAL D 69 13.41 25.25 -54.74
N LEU D 70 12.46 24.39 -54.36
CA LEU D 70 11.88 24.44 -53.00
C LEU D 70 12.19 23.13 -52.31
N SER D 71 13.05 23.20 -51.32
CA SER D 71 13.69 22.02 -50.75
C SER D 71 13.05 21.66 -49.42
N PRO D 72 12.65 20.39 -49.26
CA PRO D 72 12.20 19.93 -47.94
C PRO D 72 13.32 19.48 -46.99
N ARG D 73 14.57 19.47 -47.45
CA ARG D 73 15.65 18.86 -46.67
C ARG D 73 15.92 19.55 -45.34
N GLU D 74 16.00 20.88 -45.39
CA GLU D 74 16.33 21.71 -44.26
C GLU D 74 15.26 21.62 -43.17
N VAL D 75 14.00 21.50 -43.61
CA VAL D 75 12.87 21.41 -42.71
C VAL D 75 12.89 20.11 -41.92
N TYR D 76 13.46 19.05 -42.51
CA TYR D 76 13.50 17.71 -41.89
C TYR D 76 14.82 17.36 -41.20
N SER D 77 15.75 18.32 -41.11
CA SER D 77 17.04 18.06 -40.46
C SER D 77 16.82 17.63 -39.02
N PHE D 78 15.81 18.20 -38.36
CA PHE D 78 15.57 17.86 -36.92
C PHE D 78 15.18 16.39 -36.72
N MET D 79 14.78 15.72 -37.79
CA MET D 79 14.36 14.30 -37.74
C MET D 79 15.44 13.36 -38.23
N VAL D 80 16.59 13.92 -38.61
CA VAL D 80 17.66 13.07 -39.10
C VAL D 80 18.04 12.00 -38.07
N PRO D 81 18.08 12.34 -36.77
CA PRO D 81 18.37 11.28 -35.79
C PRO D 81 17.31 10.15 -35.74
N VAL D 82 16.11 10.43 -36.26
CA VAL D 82 15.06 9.41 -36.33
C VAL D 82 15.18 8.60 -37.63
N PHE D 83 15.12 9.25 -38.79
CA PHE D 83 15.18 8.49 -40.04
C PHE D 83 16.60 7.90 -40.26
N GLY D 84 17.60 8.59 -39.76
CA GLY D 84 18.99 8.20 -39.91
C GLY D 84 19.68 9.03 -40.96
N GLU D 85 21.00 9.05 -40.88
CA GLU D 85 21.84 9.83 -41.79
C GLU D 85 21.65 9.45 -43.25
N GLY D 86 21.50 10.45 -44.11
CA GLY D 86 21.32 10.23 -45.55
C GLY D 86 20.11 9.38 -45.93
N VAL D 87 19.11 9.33 -45.05
CA VAL D 87 17.85 8.65 -45.32
C VAL D 87 16.77 9.69 -45.60
N ALA D 88 15.89 9.35 -46.53
CA ALA D 88 14.79 10.21 -46.98
C ALA D 88 15.34 11.57 -47.38
N TYR D 89 14.85 12.63 -46.75
CA TYR D 89 15.19 14.00 -47.18
C TYR D 89 16.66 14.35 -46.97
N ALA D 90 17.34 13.58 -46.12
CA ALA D 90 18.77 13.77 -45.88
C ALA D 90 19.62 13.25 -47.05
N ALA D 91 19.16 12.23 -47.76
CA ALA D 91 19.87 11.77 -48.97
C ALA D 91 19.84 12.82 -50.10
N PRO D 92 20.80 12.75 -51.03
CA PRO D 92 20.71 13.68 -52.18
C PRO D 92 19.37 13.49 -52.92
N TYR D 93 18.84 14.55 -53.53
CA TYR D 93 17.47 14.53 -54.05
C TYR D 93 17.17 13.29 -54.90
N PRO D 94 18.01 12.98 -55.91
CA PRO D 94 17.71 11.79 -56.71
C PRO D 94 17.64 10.49 -55.91
N ARG D 95 18.48 10.35 -54.88
CA ARG D 95 18.45 9.16 -54.03
C ARG D 95 17.24 9.16 -53.07
N MET D 96 16.91 10.30 -52.50
CA MET D 96 15.67 10.47 -51.70
C MET D 96 14.46 9.91 -52.44
N ARG D 97 14.35 10.31 -53.70
CA ARG D 97 13.21 9.99 -54.53
C ARG D 97 13.13 8.49 -54.71
N GLU D 98 14.27 7.84 -54.95
CA GLU D 98 14.28 6.38 -55.05
C GLU D 98 13.83 5.72 -53.75
N GLN D 99 14.29 6.25 -52.63
CA GLN D 99 13.95 5.69 -51.32
C GLN D 99 12.45 5.84 -51.04
N LEU D 100 11.97 7.06 -51.25
CA LEU D 100 10.52 7.36 -51.09
C LEU D 100 9.67 6.53 -52.02
N ASN D 101 10.15 6.36 -53.27
CA ASN D 101 9.50 5.46 -54.23
C ASN D 101 9.37 4.03 -53.80
N PHE D 102 10.43 3.47 -53.22
CA PHE D 102 10.38 2.10 -52.75
C PHE D 102 9.36 1.95 -51.62
N LEU D 103 9.32 2.94 -50.73
CA LEU D 103 8.32 2.91 -49.67
C LEU D 103 6.91 3.04 -50.28
N ALA D 104 6.77 3.94 -51.25
CA ALA D 104 5.50 4.15 -51.96
C ALA D 104 4.98 2.87 -52.62
N GLU D 105 5.86 2.08 -53.25
CA GLU D 105 5.47 0.80 -53.88
C GLU D 105 4.96 -0.26 -52.91
N GLU D 106 5.39 -0.17 -51.64
CA GLU D 106 4.90 -1.03 -50.59
C GLU D 106 3.53 -0.60 -50.04
N LEU D 107 3.05 0.58 -50.44
CA LEU D 107 1.82 1.19 -49.87
C LEU D 107 0.73 1.50 -50.92
N THR D 108 0.86 0.92 -52.13
CA THR D 108 -0.07 1.16 -53.24
C THR D 108 -1.15 0.12 -53.17
N ILE D 109 -2.21 0.30 -53.97
CA ILE D 109 -3.33 -0.63 -53.99
C ILE D 109 -3.01 -2.10 -54.34
N ALA D 110 -1.90 -2.36 -55.01
CA ALA D 110 -1.50 -3.77 -55.26
C ALA D 110 -1.31 -4.61 -53.97
N LYS D 111 -1.15 -3.97 -52.82
CA LYS D 111 -0.93 -4.72 -51.57
C LYS D 111 -2.18 -4.88 -50.72
N PHE D 112 -3.24 -4.18 -51.09
CA PHE D 112 -4.35 -3.98 -50.21
C PHE D 112 -5.26 -5.20 -50.07
N GLN D 113 -5.14 -6.17 -50.97
CA GLN D 113 -6.05 -7.32 -50.94
C GLN D 113 -5.94 -8.10 -49.64
N ASN D 114 -4.72 -8.31 -49.14
CA ASN D 114 -4.54 -8.90 -47.80
C ASN D 114 -4.77 -7.88 -46.64
N PHE D 115 -4.52 -6.59 -46.90
CA PHE D 115 -4.64 -5.51 -45.87
C PHE D 115 -6.03 -5.39 -45.25
N VAL D 116 -7.08 -5.38 -46.08
CA VAL D 116 -8.42 -5.22 -45.56
C VAL D 116 -8.80 -6.27 -44.50
N PRO D 117 -8.60 -7.58 -44.78
CA PRO D 117 -8.80 -8.61 -43.75
C PRO D 117 -7.97 -8.37 -42.51
N ALA D 118 -6.69 -8.07 -42.71
CA ALA D 118 -5.77 -7.81 -41.61
C ALA D 118 -6.28 -6.69 -40.70
N ILE D 119 -6.68 -5.57 -41.31
CA ILE D 119 -7.21 -4.45 -40.56
C ILE D 119 -8.39 -4.87 -39.76
N GLN D 120 -9.34 -5.50 -40.43
CA GLN D 120 -10.58 -5.85 -39.79
C GLN D 120 -10.34 -6.83 -38.64
N HIS D 121 -9.42 -7.76 -38.82
CA HIS D 121 -9.06 -8.75 -37.78
C HIS D 121 -8.59 -8.00 -36.54
N GLU D 122 -7.71 -7.01 -36.72
CA GLU D 122 -7.18 -6.26 -35.59
C GLU D 122 -8.20 -5.37 -34.93
N VAL D 123 -9.07 -4.73 -35.72
CA VAL D 123 -10.16 -3.95 -35.18
C VAL D 123 -11.14 -4.84 -34.38
N ARG D 124 -11.54 -5.98 -34.94
CA ARG D 124 -12.46 -6.88 -34.21
C ARG D 124 -11.84 -7.42 -32.94
N LYS D 125 -10.56 -7.76 -33.00
CA LYS D 125 -9.87 -8.28 -31.83
C LYS D 125 -9.92 -7.26 -30.71
N PHE D 126 -9.57 -6.03 -31.06
CA PHE D 126 -9.56 -4.96 -30.10
C PHE D 126 -10.93 -4.76 -29.50
N MET D 127 -11.93 -4.61 -30.36
CA MET D 127 -13.31 -4.41 -29.93
C MET D 127 -13.79 -5.55 -29.02
N ALA D 128 -13.45 -6.79 -29.36
CA ALA D 128 -13.84 -7.95 -28.54
C ALA D 128 -13.18 -7.94 -27.17
N ALA D 129 -11.93 -7.46 -27.08
CA ALA D 129 -11.26 -7.39 -25.78
C ALA D 129 -11.67 -6.17 -24.96
N ASN D 130 -11.97 -5.04 -25.62
CA ASN D 130 -12.11 -3.78 -24.90
C ASN D 130 -13.50 -3.14 -24.94
N TRP D 131 -14.28 -3.41 -25.97
CA TRP D 131 -15.63 -2.90 -26.06
C TRP D 131 -16.54 -4.12 -25.95
N ASP D 132 -16.37 -4.88 -24.87
CA ASP D 132 -16.97 -6.21 -24.74
C ASP D 132 -18.27 -6.27 -23.92
N LYS D 133 -18.77 -5.12 -23.46
CA LYS D 133 -19.96 -5.10 -22.59
C LYS D 133 -21.11 -4.45 -23.37
N ASP D 134 -22.29 -4.31 -22.76
CA ASP D 134 -23.44 -3.67 -23.42
C ASP D 134 -23.14 -2.20 -23.73
N GLU D 135 -22.37 -1.60 -22.85
CA GLU D 135 -21.82 -0.26 -23.07
C GLU D 135 -20.65 0.03 -22.17
N GLY D 136 -19.96 1.13 -22.43
CA GLY D 136 -18.76 1.41 -21.67
C GLY D 136 -18.08 2.70 -22.07
N GLU D 137 -17.31 3.23 -21.14
CA GLU D 137 -16.63 4.51 -21.33
C GLU D 137 -15.18 4.26 -21.69
N ILE D 138 -14.75 5.01 -22.69
CA ILE D 138 -13.43 4.86 -23.26
C ILE D 138 -12.88 6.22 -23.62
N ASN D 139 -11.56 6.30 -23.76
CA ASN D 139 -10.97 7.47 -24.49
C ASN D 139 -10.81 7.12 -25.96
N LEU D 140 -11.59 7.78 -26.81
CA LEU D 140 -11.68 7.39 -28.22
C LEU D 140 -10.39 7.68 -28.98
N LEU D 141 -9.70 8.74 -28.63
CA LEU D 141 -8.41 9.06 -29.28
C LEU D 141 -7.43 7.95 -28.93
N GLU D 142 -7.42 7.53 -27.67
CA GLU D 142 -6.46 6.52 -27.26
C GLU D 142 -6.78 5.19 -27.93
N ASP D 143 -8.06 4.82 -28.03
CA ASP D 143 -8.43 3.50 -28.60
C ASP D 143 -8.17 3.48 -30.12
N CYS D 144 -8.53 4.54 -30.80
CA CYS D 144 -8.18 4.65 -32.24
C CYS D 144 -6.66 4.57 -32.48
N SER D 145 -5.85 5.23 -31.66
CA SER D 145 -4.40 5.15 -31.79
C SER D 145 -3.93 3.69 -31.56
N THR D 146 -4.44 3.03 -30.52
CA THR D 146 -4.09 1.60 -30.36
C THR D 146 -4.51 0.77 -31.56
N MET D 147 -5.72 0.98 -32.07
CA MET D 147 -6.14 0.27 -33.26
C MET D 147 -5.25 0.55 -34.46
N ILE D 148 -4.84 1.81 -34.65
CA ILE D 148 -4.03 2.15 -35.83
C ILE D 148 -2.63 1.56 -35.79
N ILE D 149 -1.99 1.56 -34.61
CA ILE D 149 -0.69 0.93 -34.48
C ILE D 149 -0.84 -0.61 -34.72
N ASN D 150 -1.88 -1.24 -34.16
CA ASN D 150 -2.11 -2.70 -34.38
C ASN D 150 -2.43 -3.02 -35.86
N THR D 151 -3.36 -2.29 -36.45
CA THR D 151 -3.66 -2.51 -37.87
C THR D 151 -2.45 -2.25 -38.79
N ALA D 152 -1.75 -1.13 -38.63
CA ALA D 152 -0.60 -0.85 -39.46
C ALA D 152 0.42 -2.01 -39.38
N CYS D 153 0.73 -2.46 -38.16
CA CYS D 153 1.66 -3.54 -37.97
C CYS D 153 1.19 -4.84 -38.62
N GLN D 154 -0.06 -5.25 -38.39
CA GLN D 154 -0.60 -6.48 -39.04
C GLN D 154 -0.55 -6.38 -40.57
N CYS D 155 -0.81 -5.20 -41.11
CA CYS D 155 -0.74 -5.02 -42.56
C CYS D 155 0.66 -5.11 -43.13
N LEU D 156 1.51 -4.28 -42.55
CA LEU D 156 2.83 -4.04 -43.12
C LEU D 156 3.83 -5.10 -42.71
N PHE D 157 3.57 -5.86 -41.65
CA PHE D 157 4.59 -6.86 -41.17
C PHE D 157 4.14 -8.30 -40.96
N GLY D 158 4.99 -9.23 -41.43
CA GLY D 158 4.76 -10.65 -41.21
C GLY D 158 4.62 -10.95 -39.73
N GLU D 159 3.97 -12.06 -39.39
CA GLU D 159 3.67 -12.46 -38.02
C GLU D 159 4.93 -12.72 -37.18
N ASP D 160 6.04 -13.06 -37.83
CA ASP D 160 7.30 -13.22 -37.12
C ASP D 160 7.75 -11.90 -36.52
N LEU D 161 7.70 -10.84 -37.32
CA LEU D 161 7.92 -9.46 -36.83
C LEU D 161 7.01 -9.16 -35.61
N ARG D 162 5.72 -9.45 -35.74
CA ARG D 162 4.74 -9.10 -34.71
C ARG D 162 5.01 -9.76 -33.35
N LYS D 163 5.63 -10.94 -33.35
CA LYS D 163 5.87 -11.66 -32.08
C LYS D 163 7.09 -11.14 -31.30
N ARG D 164 8.17 -10.79 -32.01
CA ARG D 164 9.38 -10.24 -31.38
C ARG D 164 9.21 -8.74 -31.08
N LEU D 165 8.87 -7.98 -32.13
CA LEU D 165 8.54 -6.56 -32.00
C LEU D 165 7.03 -6.39 -32.03
N ASP D 166 6.41 -6.57 -30.88
CA ASP D 166 4.95 -6.42 -30.76
C ASP D 166 4.56 -4.95 -30.73
N ALA D 167 3.27 -4.69 -30.95
CA ALA D 167 2.76 -3.32 -31.14
C ALA D 167 3.12 -2.40 -29.98
N ARG D 168 3.11 -2.94 -28.76
CA ARG D 168 3.39 -2.18 -27.55
C ARG D 168 4.86 -1.79 -27.48
N ARG D 169 5.75 -2.77 -27.66
CA ARG D 169 7.18 -2.52 -27.61
C ARG D 169 7.69 -1.68 -28.81
N PHE D 170 7.02 -1.82 -29.96
CA PHE D 170 7.28 -0.96 -31.09
C PHE D 170 6.89 0.48 -30.77
N ALA D 171 5.70 0.65 -30.20
CA ALA D 171 5.30 1.97 -29.75
C ALA D 171 6.31 2.56 -28.77
N GLN D 172 6.80 1.76 -27.82
CA GLN D 172 7.73 2.24 -26.79
C GLN D 172 8.93 2.92 -27.48
N LEU D 173 9.60 2.17 -28.35
CA LEU D 173 10.77 2.66 -29.05
C LEU D 173 10.49 3.89 -29.94
N LEU D 174 9.37 3.86 -30.66
CA LEU D 174 9.00 4.98 -31.51
C LEU D 174 8.69 6.21 -30.67
N ALA D 175 7.96 6.01 -29.58
CA ALA D 175 7.68 7.10 -28.63
C ALA D 175 8.94 7.68 -28.00
N LYS D 176 9.94 6.84 -27.74
CA LYS D 176 11.22 7.31 -27.24
C LYS D 176 11.93 8.23 -28.24
N MET D 177 11.93 7.84 -29.51
CA MET D 177 12.47 8.69 -30.58
C MET D 177 11.65 9.99 -30.70
N GLU D 178 10.34 9.85 -30.73
CA GLU D 178 9.41 10.97 -30.91
C GLU D 178 9.60 11.98 -29.82
N SER D 179 9.63 11.49 -28.56
CA SER D 179 9.81 12.37 -27.45
C SER D 179 11.16 13.12 -27.44
N SER D 180 12.15 12.66 -28.21
CA SER D 180 13.42 13.37 -28.35
C SER D 180 13.43 14.49 -29.39
N LEU D 181 12.40 14.62 -30.20
CA LEU D 181 12.41 15.59 -31.30
C LEU D 181 12.28 16.98 -30.75
N ILE D 182 12.98 17.91 -31.40
CA ILE D 182 12.81 19.31 -31.13
C ILE D 182 12.40 20.04 -32.41
N PRO D 183 11.10 20.09 -32.69
CA PRO D 183 10.62 20.74 -33.93
C PRO D 183 11.25 22.12 -34.15
N ALA D 184 11.32 22.92 -33.10
CA ALA D 184 11.83 24.29 -33.13
C ALA D 184 13.24 24.43 -33.72
N ALA D 185 13.98 23.31 -33.83
CA ALA D 185 15.27 23.31 -34.49
C ALA D 185 15.15 23.68 -35.96
N VAL D 186 13.98 23.57 -36.56
CA VAL D 186 13.78 24.08 -37.91
C VAL D 186 14.17 25.57 -37.92
N PHE D 187 13.82 26.31 -36.88
CA PHE D 187 14.12 27.74 -36.81
C PHE D 187 15.33 28.10 -35.96
N LEU D 188 15.88 27.12 -35.24
CA LEU D 188 17.08 27.29 -34.47
C LEU D 188 18.02 26.12 -34.76
N PRO D 189 18.52 26.05 -36.01
CA PRO D 189 19.33 24.94 -36.45
C PRO D 189 20.63 24.67 -35.69
N ILE D 190 21.16 25.67 -34.98
CA ILE D 190 22.34 25.45 -34.18
C ILE D 190 22.10 24.26 -33.22
N LEU D 191 20.85 24.06 -32.82
CA LEU D 191 20.52 22.98 -31.85
C LEU D 191 20.98 21.61 -32.29
N LEU D 192 20.90 21.36 -33.60
CA LEU D 192 21.19 20.06 -34.16
C LEU D 192 22.67 19.73 -34.22
N LYS D 193 23.51 20.73 -34.00
CA LYS D 193 24.94 20.55 -33.98
C LYS D 193 25.51 20.45 -32.55
N LEU D 194 24.70 20.66 -31.53
CA LEU D 194 25.16 20.52 -30.15
C LEU D 194 24.95 19.10 -29.61
N PRO D 195 25.81 18.66 -28.68
CA PRO D 195 25.64 17.35 -28.05
C PRO D 195 24.54 17.34 -26.96
N LEU D 196 23.30 17.13 -27.35
CA LEU D 196 22.19 17.13 -26.40
C LEU D 196 21.88 15.71 -25.98
N PRO D 197 21.44 15.51 -24.73
CA PRO D 197 21.00 14.15 -24.35
C PRO D 197 19.83 13.63 -25.16
N GLN D 198 18.95 14.54 -25.61
CA GLN D 198 17.81 14.18 -26.47
C GLN D 198 18.29 13.44 -27.72
N SER D 199 19.33 13.98 -28.34
CA SER D 199 19.93 13.39 -29.53
C SER D 199 20.56 12.03 -29.22
N ALA D 200 21.23 11.88 -28.08
CA ALA D 200 21.79 10.61 -27.70
C ALA D 200 20.70 9.56 -27.44
N ARG D 201 19.64 9.95 -26.74
CA ARG D 201 18.45 9.08 -26.51
C ARG D 201 17.78 8.60 -27.77
N CYS D 202 17.66 9.51 -28.73
CA CYS D 202 17.08 9.18 -30.03
C CYS D 202 17.95 8.13 -30.75
N HIS D 203 19.24 8.45 -30.91
CA HIS D 203 20.19 7.55 -31.57
C HIS D 203 20.18 6.19 -30.88
N GLU D 204 20.05 6.20 -29.55
CA GLU D 204 20.03 4.96 -28.77
C GLU D 204 18.80 4.11 -29.06
N ALA D 205 17.62 4.71 -29.07
CA ALA D 205 16.39 4.04 -29.47
C ALA D 205 16.39 3.51 -30.92
N ARG D 206 16.95 4.29 -31.84
CA ARG D 206 16.99 3.90 -33.25
C ARG D 206 17.91 2.69 -33.41
N THR D 207 19.03 2.73 -32.70
CA THR D 207 19.94 1.58 -32.59
C THR D 207 19.21 0.35 -32.05
N GLU D 208 18.46 0.47 -30.96
CA GLU D 208 17.77 -0.73 -30.47
C GLU D 208 16.78 -1.30 -31.52
N LEU D 209 16.02 -0.44 -32.19
CA LEU D 209 15.09 -0.87 -33.23
C LEU D 209 15.81 -1.60 -34.34
N GLN D 210 16.89 -1.02 -34.83
CA GLN D 210 17.59 -1.60 -35.93
C GLN D 210 18.16 -2.98 -35.52
N LYS D 211 18.57 -3.10 -34.26
CA LYS D 211 18.97 -4.42 -33.70
C LYS D 211 17.86 -5.42 -33.85
N ILE D 212 16.65 -5.09 -33.39
CA ILE D 212 15.52 -6.03 -33.47
C ILE D 212 15.22 -6.41 -34.93
N LEU D 213 15.21 -5.43 -35.82
CA LEU D 213 15.06 -5.73 -37.25
C LEU D 213 16.12 -6.74 -37.71
N SER D 214 17.35 -6.61 -37.20
CA SER D 214 18.41 -7.56 -37.51
C SER D 214 18.07 -8.94 -37.00
N GLU D 215 17.70 -9.04 -35.72
CA GLU D 215 17.28 -10.32 -35.16
C GLU D 215 16.25 -10.98 -36.11
N ILE D 216 15.15 -10.27 -36.39
CA ILE D 216 14.06 -10.76 -37.25
C ILE D 216 14.49 -11.20 -38.66
N ILE D 217 15.36 -10.42 -39.31
CA ILE D 217 15.88 -10.78 -40.61
C ILE D 217 16.70 -12.09 -40.55
N ILE D 218 17.56 -12.22 -39.55
CA ILE D 218 18.29 -13.48 -39.31
C ILE D 218 17.28 -14.61 -39.16
N ALA D 219 16.35 -14.44 -38.22
CA ALA D 219 15.31 -15.41 -37.97
C ALA D 219 14.57 -15.83 -39.26
N ARG D 220 14.43 -14.89 -40.21
CA ARG D 220 13.71 -15.12 -41.47
C ARG D 220 14.45 -15.93 -42.48
N LYS D 221 15.75 -15.68 -42.61
CA LYS D 221 16.56 -16.48 -43.49
C LYS D 221 16.60 -17.92 -42.95
N GLU D 222 16.54 -18.07 -41.63
CA GLU D 222 16.51 -19.39 -40.96
C GLU D 222 15.20 -20.17 -41.13
N GLU D 223 14.06 -19.49 -41.01
CA GLU D 223 12.76 -20.12 -41.30
C GLU D 223 12.64 -20.44 -42.80
N GLU D 224 13.34 -19.65 -43.65
CA GLU D 224 13.32 -19.82 -45.12
C GLU D 224 14.40 -20.77 -45.64
N VAL D 225 15.04 -21.48 -44.71
CA VAL D 225 15.85 -22.65 -45.04
C VAL D 225 15.09 -23.84 -44.44
N ASN D 226 14.89 -23.86 -43.12
CA ASN D 226 14.11 -24.95 -42.49
C ASN D 226 12.86 -25.28 -43.32
N LYS D 227 11.97 -24.29 -43.45
CA LYS D 227 10.85 -24.37 -44.39
C LYS D 227 11.31 -23.65 -45.65
N ASP D 228 10.69 -23.91 -46.79
CA ASP D 228 11.12 -23.26 -48.05
C ASP D 228 10.23 -22.06 -48.43
N SER D 229 9.19 -21.79 -47.64
CA SER D 229 8.29 -20.64 -47.89
C SER D 229 8.97 -19.33 -47.49
N SER D 230 8.46 -18.20 -48.00
CA SER D 230 8.99 -16.90 -47.59
C SER D 230 7.89 -15.88 -47.25
N THR D 231 8.22 -14.96 -46.34
CA THR D 231 7.31 -13.87 -45.96
C THR D 231 7.42 -12.74 -46.95
N SER D 232 6.28 -12.20 -47.36
CA SER D 232 6.27 -11.03 -48.19
C SER D 232 5.62 -9.91 -47.40
N ASP D 233 6.38 -8.85 -47.13
CA ASP D 233 5.88 -7.76 -46.31
C ASP D 233 6.63 -6.46 -46.62
N LEU D 234 6.40 -5.39 -45.84
CA LEU D 234 7.10 -4.13 -46.08
C LEU D 234 8.59 -4.32 -45.91
N LEU D 235 8.96 -5.08 -44.87
CA LEU D 235 10.35 -5.36 -44.59
C LEU D 235 10.94 -6.16 -45.74
N SER D 236 10.26 -7.23 -46.15
CA SER D 236 10.76 -8.10 -47.21
C SER D 236 10.90 -7.27 -48.45
N GLY D 237 9.85 -6.51 -48.76
CA GLY D 237 9.83 -5.72 -49.96
C GLY D 237 10.90 -4.67 -50.03
N LEU D 238 11.17 -3.98 -48.92
CA LEU D 238 12.27 -3.00 -48.88
C LEU D 238 13.63 -3.66 -49.00
N LEU D 239 13.80 -4.81 -48.34
CA LEU D 239 15.06 -5.57 -48.41
C LEU D 239 15.42 -5.93 -49.86
N SER D 240 14.41 -6.16 -50.69
CA SER D 240 14.65 -6.51 -52.10
C SER D 240 14.85 -5.32 -53.05
N ALA D 241 14.84 -4.10 -52.54
CA ALA D 241 14.98 -2.96 -53.42
C ALA D 241 16.43 -2.80 -53.86
N VAL D 242 16.62 -2.48 -55.13
CA VAL D 242 17.92 -2.11 -55.66
C VAL D 242 17.77 -0.79 -56.40
N TYR D 243 18.68 0.13 -56.14
CA TYR D 243 18.66 1.44 -56.77
C TYR D 243 19.13 1.37 -58.23
N ARG D 244 19.00 2.50 -58.94
CA ARG D 244 19.53 2.63 -60.31
C ARG D 244 21.05 2.32 -60.34
N ASP D 245 21.73 2.55 -59.22
CA ASP D 245 23.08 2.05 -58.92
C ASP D 245 23.33 0.57 -59.19
N GLY D 246 22.31 -0.26 -59.04
CA GLY D 246 22.53 -1.70 -58.84
C GLY D 246 22.96 -2.02 -57.41
N THR D 247 22.90 -1.05 -56.49
CA THR D 247 23.24 -1.29 -55.08
C THR D 247 21.97 -1.59 -54.29
N PRO D 248 22.07 -2.44 -53.27
CA PRO D 248 20.91 -2.78 -52.45
C PRO D 248 20.70 -1.77 -51.32
N MET D 249 19.44 -1.42 -51.07
CA MET D 249 19.11 -0.66 -49.86
C MET D 249 19.75 -1.28 -48.59
N SER D 250 20.54 -0.51 -47.86
CA SER D 250 21.18 -0.97 -46.61
C SER D 250 20.18 -1.20 -45.47
N LEU D 251 20.58 -1.97 -44.46
CA LEU D 251 19.69 -2.18 -43.30
C LEU D 251 19.36 -0.84 -42.66
N HIS D 252 20.35 0.04 -42.63
CA HIS D 252 20.19 1.37 -42.05
C HIS D 252 19.05 2.09 -42.78
N GLU D 253 19.05 2.00 -44.10
CA GLU D 253 18.03 2.67 -44.93
C GLU D 253 16.69 1.97 -44.83
N VAL D 254 16.68 0.64 -44.72
CA VAL D 254 15.44 -0.11 -44.52
C VAL D 254 14.81 0.30 -43.19
N CYS D 255 15.59 0.24 -42.11
CA CYS D 255 15.11 0.64 -40.80
C CYS D 255 14.55 2.05 -40.84
N GLY D 256 15.26 2.94 -41.50
CA GLY D 256 14.85 4.34 -41.57
C GLY D 256 13.58 4.59 -42.32
N MET D 257 13.35 3.89 -43.42
CA MET D 257 12.10 4.06 -44.16
C MET D 257 10.94 3.43 -43.41
N ILE D 258 11.20 2.36 -42.64
CA ILE D 258 10.19 1.79 -41.76
C ILE D 258 9.79 2.76 -40.67
N VAL D 259 10.76 3.38 -40.02
CA VAL D 259 10.56 4.44 -39.04
C VAL D 259 9.78 5.61 -39.64
N ALA D 260 10.13 5.99 -40.84
CA ALA D 260 9.45 7.11 -41.50
C ALA D 260 8.00 6.79 -41.76
N ALA D 261 7.72 5.57 -42.18
CA ALA D 261 6.36 5.10 -42.42
C ALA D 261 5.53 5.07 -41.15
N MET D 262 6.15 4.63 -40.06
CA MET D 262 5.47 4.62 -38.76
C MET D 262 5.21 6.05 -38.24
N PHE D 263 6.21 6.92 -38.29
CA PHE D 263 6.01 8.31 -37.84
C PHE D 263 4.98 9.04 -38.67
N ALA D 264 5.04 8.86 -39.98
CA ALA D 264 4.11 9.53 -40.87
C ALA D 264 2.70 9.05 -40.58
N GLY D 265 2.52 7.75 -40.64
CA GLY D 265 1.21 7.15 -40.61
C GLY D 265 0.45 7.11 -39.32
N GLN D 266 1.13 7.11 -38.19
CA GLN D 266 0.43 6.76 -36.94
C GLN D 266 -0.57 7.83 -36.43
N HIS D 267 -0.08 9.02 -36.10
CA HIS D 267 -0.92 10.03 -35.53
C HIS D 267 -1.90 10.52 -36.60
N THR D 268 -1.44 10.77 -37.83
CA THR D 268 -2.40 11.29 -38.83
C THR D 268 -3.60 10.41 -39.00
N SER D 269 -3.39 9.10 -39.15
CA SER D 269 -4.47 8.18 -39.38
C SER D 269 -5.32 8.03 -38.12
N SER D 270 -4.70 8.01 -36.92
CA SER D 270 -5.49 7.86 -35.66
C SER D 270 -6.42 9.04 -35.47
N ILE D 271 -5.86 10.22 -35.74
CA ILE D 271 -6.54 11.48 -35.59
C ILE D 271 -7.71 11.63 -36.56
N THR D 272 -7.47 11.31 -37.83
CA THR D 272 -8.53 11.28 -38.83
C THR D 272 -9.69 10.38 -38.46
N THR D 273 -9.38 9.18 -37.97
CA THR D 273 -10.39 8.26 -37.52
C THR D 273 -11.18 8.78 -36.33
N THR D 274 -10.48 9.35 -35.35
CA THR D 274 -11.09 9.88 -34.12
C THR D 274 -12.04 11.05 -34.45
N TRP D 275 -11.54 12.06 -35.17
CA TRP D 275 -12.42 13.12 -35.61
C TRP D 275 -13.65 12.56 -36.33
N SER D 276 -13.45 11.69 -37.32
CA SER D 276 -14.54 11.25 -38.13
C SER D 276 -15.59 10.60 -37.21
N MET D 277 -15.16 9.82 -36.25
CA MET D 277 -16.10 9.18 -35.30
C MET D 277 -16.80 10.20 -34.37
N LEU D 278 -16.06 11.23 -33.94
CA LEU D 278 -16.59 12.32 -33.13
C LEU D 278 -17.72 13.09 -33.86
N HIS D 279 -17.49 13.47 -35.12
CA HIS D 279 -18.55 14.08 -35.88
C HIS D 279 -19.73 13.12 -36.09
N LEU D 280 -19.46 11.90 -36.55
CA LEU D 280 -20.54 10.92 -36.82
C LEU D 280 -21.41 10.62 -35.63
N MET D 281 -20.86 10.68 -34.43
CA MET D 281 -21.67 10.35 -33.24
C MET D 281 -22.44 11.53 -32.69
N HIS D 282 -22.06 12.72 -33.13
CA HIS D 282 -22.69 13.90 -32.65
C HIS D 282 -24.10 13.94 -33.20
N PRO D 283 -25.08 14.26 -32.33
CA PRO D 283 -26.49 14.28 -32.80
C PRO D 283 -26.80 15.21 -33.99
N ALA D 284 -26.17 16.40 -34.12
CA ALA D 284 -26.35 17.26 -35.31
C ALA D 284 -26.07 16.57 -36.66
N ASN D 285 -25.26 15.51 -36.62
CA ASN D 285 -24.89 14.76 -37.83
C ASN D 285 -25.62 13.43 -38.01
N VAL D 286 -26.76 13.27 -37.36
CA VAL D 286 -27.50 12.01 -37.51
C VAL D 286 -27.80 11.63 -38.97
N LYS D 287 -28.08 12.61 -39.81
CA LYS D 287 -28.34 12.30 -41.22
C LYS D 287 -27.10 11.69 -41.86
N HIS D 288 -25.92 12.13 -41.43
CA HIS D 288 -24.68 11.58 -41.96
C HIS D 288 -24.41 10.20 -41.42
N LEU D 289 -24.68 9.98 -40.13
CA LEU D 289 -24.58 8.66 -39.59
C LEU D 289 -25.49 7.71 -40.33
N GLU D 290 -26.72 8.13 -40.64
CA GLU D 290 -27.67 7.23 -41.30
C GLU D 290 -27.27 6.98 -42.76
N ALA D 291 -26.67 7.98 -43.43
CA ALA D 291 -26.02 7.75 -44.72
C ALA D 291 -24.88 6.72 -44.62
N LEU D 292 -24.04 6.85 -43.60
CA LEU D 292 -22.90 5.98 -43.49
C LEU D 292 -23.42 4.55 -43.30
N ARG D 293 -24.41 4.41 -42.42
CA ARG D 293 -25.04 3.10 -42.17
C ARG D 293 -25.70 2.50 -43.41
N LYS D 294 -26.40 3.32 -44.17
CA LYS D 294 -27.00 2.86 -45.40
C LYS D 294 -25.93 2.34 -46.33
N GLU D 295 -24.79 3.02 -46.40
CA GLU D 295 -23.65 2.53 -47.18
C GLU D 295 -23.02 1.23 -46.63
N ILE D 296 -22.78 1.11 -45.32
CA ILE D 296 -22.05 -0.05 -44.80
C ILE D 296 -22.94 -1.29 -44.53
N GLU D 297 -24.24 -1.08 -44.35
CA GLU D 297 -25.22 -2.16 -44.12
C GLU D 297 -25.38 -3.14 -45.28
N GLU D 298 -24.91 -2.76 -46.47
CA GLU D 298 -24.92 -3.61 -47.64
C GLU D 298 -23.71 -4.53 -47.78
N PHE D 299 -22.73 -4.47 -46.88
CA PHE D 299 -21.53 -5.27 -47.01
C PHE D 299 -21.72 -6.56 -46.24
N PRO D 300 -20.99 -7.60 -46.61
CA PRO D 300 -21.03 -8.81 -45.83
C PRO D 300 -20.21 -8.62 -44.54
N ALA D 301 -20.11 -9.70 -43.75
CA ALA D 301 -19.44 -9.66 -42.45
C ALA D 301 -17.96 -9.42 -42.65
N GLN D 302 -17.42 -10.01 -43.71
CA GLN D 302 -16.01 -9.98 -44.01
C GLN D 302 -15.75 -8.99 -45.16
N LEU D 303 -15.33 -7.77 -44.83
CA LEU D 303 -15.08 -6.77 -45.86
C LEU D 303 -13.96 -7.22 -46.78
N ASN D 304 -13.99 -6.76 -48.04
CA ASN D 304 -12.87 -6.93 -48.94
C ASN D 304 -12.40 -5.63 -49.58
N TYR D 305 -11.30 -5.72 -50.31
CA TYR D 305 -10.71 -4.64 -51.04
C TYR D 305 -11.76 -3.79 -51.80
N ASN D 306 -12.71 -4.46 -52.47
CA ASN D 306 -13.67 -3.74 -53.33
C ASN D 306 -14.66 -2.93 -52.50
N ASN D 307 -15.18 -3.54 -51.42
CA ASN D 307 -16.06 -2.85 -50.51
C ASN D 307 -15.42 -1.54 -50.05
N VAL D 308 -14.18 -1.60 -49.56
CA VAL D 308 -13.56 -0.45 -48.90
C VAL D 308 -12.97 0.56 -49.89
N MET D 309 -12.41 0.07 -50.99
CA MET D 309 -11.79 0.95 -51.96
C MET D 309 -12.76 1.52 -52.95
N ASP D 310 -13.74 0.74 -53.38
CA ASP D 310 -14.64 1.18 -54.45
C ASP D 310 -16.07 1.50 -54.00
N GLU D 311 -16.50 0.97 -52.85
CA GLU D 311 -17.91 1.05 -52.42
C GLU D 311 -18.14 1.83 -51.12
N MET D 312 -17.17 2.65 -50.71
CA MET D 312 -17.34 3.48 -49.55
C MET D 312 -17.00 4.94 -49.84
N PRO D 313 -17.60 5.54 -50.89
CA PRO D 313 -17.40 6.98 -51.18
C PRO D 313 -17.92 7.90 -50.05
N PHE D 314 -18.97 7.50 -49.35
CA PHE D 314 -19.47 8.36 -48.28
C PHE D 314 -18.52 8.31 -47.09
N ALA D 315 -18.13 7.10 -46.65
CA ALA D 315 -17.11 7.03 -45.59
C ALA D 315 -15.86 7.83 -45.94
N GLU D 316 -15.46 7.80 -47.21
CA GLU D 316 -14.25 8.52 -47.62
C GLU D 316 -14.44 10.02 -47.56
N ARG D 317 -15.64 10.47 -47.91
CA ARG D 317 -16.04 11.87 -47.70
C ARG D 317 -15.98 12.26 -46.22
N CYS D 318 -16.40 11.33 -45.34
CA CYS D 318 -16.34 11.61 -43.92
C CYS D 318 -14.92 11.80 -43.44
N ALA D 319 -14.02 10.91 -43.85
CA ALA D 319 -12.61 11.05 -43.50
C ALA D 319 -12.01 12.34 -44.11
N ARG D 320 -12.26 12.62 -45.37
CA ARG D 320 -11.63 13.74 -46.00
C ARG D 320 -12.08 15.04 -45.44
N GLU D 321 -13.33 15.14 -45.14
CA GLU D 321 -13.91 16.36 -44.57
C GLU D 321 -13.42 16.56 -43.13
N SER D 322 -13.15 15.45 -42.40
CA SER D 322 -12.55 15.56 -41.07
C SER D 322 -11.18 16.18 -41.19
N ILE D 323 -10.44 15.82 -42.24
CA ILE D 323 -9.11 16.36 -42.52
C ILE D 323 -9.21 17.80 -43.03
N ARG D 324 -10.23 18.08 -43.81
CA ARG D 324 -10.43 19.41 -44.32
C ARG D 324 -10.61 20.38 -43.17
N ARG D 325 -11.55 20.11 -42.28
CA ARG D 325 -11.88 20.99 -41.17
C ARG D 325 -10.74 21.13 -40.13
N ASP D 326 -10.10 20.01 -39.82
CA ASP D 326 -9.05 19.97 -38.81
C ASP D 326 -7.83 19.20 -39.30
N PRO D 327 -7.05 19.83 -40.19
CA PRO D 327 -6.00 19.06 -40.78
C PRO D 327 -4.92 18.76 -39.77
N PRO D 328 -4.45 17.51 -39.72
CA PRO D 328 -3.44 17.22 -38.70
C PRO D 328 -2.12 17.97 -38.89
N LEU D 329 -1.75 18.25 -40.15
CA LEU D 329 -0.54 18.94 -40.45
C LEU D 329 -0.98 20.34 -40.86
N LEU D 330 -0.58 21.30 -40.05
CA LEU D 330 -1.12 22.66 -40.11
C LEU D 330 -0.40 23.45 -41.19
N MET D 331 0.88 23.16 -41.34
CA MET D 331 1.85 23.94 -42.16
C MET D 331 2.76 23.00 -42.95
N LEU D 332 2.81 23.18 -44.26
CA LEU D 332 3.71 22.43 -45.08
C LEU D 332 4.77 23.43 -45.45
N MET D 333 6.05 23.06 -45.36
CA MET D 333 7.16 24.04 -45.50
C MET D 333 8.25 23.61 -46.45
N ARG D 334 8.92 24.58 -47.03
CA ARG D 334 10.09 24.33 -47.85
C ARG D 334 11.06 25.49 -47.69
N LYS D 335 12.34 25.22 -47.88
CA LYS D 335 13.34 26.26 -47.90
C LYS D 335 13.46 26.74 -49.37
N VAL D 336 13.29 28.05 -49.59
CA VAL D 336 13.47 28.64 -50.94
C VAL D 336 14.95 28.66 -51.29
N MET D 337 15.36 27.85 -52.26
CA MET D 337 16.80 27.76 -52.66
C MET D 337 17.13 28.76 -53.79
N ALA D 338 16.10 29.39 -54.32
CA ALA D 338 16.25 30.26 -55.45
C ALA D 338 14.93 30.98 -55.55
N ASP D 339 14.98 32.27 -55.87
CA ASP D 339 13.80 33.13 -55.96
C ASP D 339 12.68 32.50 -56.80
N VAL D 340 11.45 32.56 -56.28
CA VAL D 340 10.28 31.99 -56.95
C VAL D 340 9.17 33.02 -57.01
N LYS D 341 8.33 32.93 -58.05
CA LYS D 341 7.19 33.83 -58.25
C LYS D 341 5.90 33.21 -57.69
N VAL D 342 5.13 34.01 -56.93
CA VAL D 342 3.82 33.63 -56.42
C VAL D 342 2.87 34.79 -56.56
N GLY D 343 1.86 34.68 -57.43
CA GLY D 343 0.94 35.79 -57.67
C GLY D 343 1.74 37.00 -58.10
N SER D 344 1.53 38.13 -57.44
CA SER D 344 2.26 39.35 -57.77
C SER D 344 3.70 39.40 -57.23
N TYR D 345 4.04 38.55 -56.27
CA TYR D 345 5.30 38.74 -55.53
C TYR D 345 6.42 37.77 -55.89
N VAL D 346 7.63 38.15 -55.48
CA VAL D 346 8.75 37.25 -55.45
C VAL D 346 8.91 36.79 -54.00
N VAL D 347 9.29 35.52 -53.82
CA VAL D 347 9.65 35.01 -52.51
C VAL D 347 11.13 34.65 -52.64
N PRO D 348 11.98 35.38 -51.91
CA PRO D 348 13.41 35.32 -52.13
C PRO D 348 14.11 34.07 -51.57
N LYS D 349 15.20 33.71 -52.22
CA LYS D 349 16.12 32.69 -51.75
C LYS D 349 16.32 32.90 -50.25
N GLY D 350 16.23 31.82 -49.47
CA GLY D 350 16.51 31.91 -48.02
C GLY D 350 15.32 32.04 -47.10
N ASP D 351 14.15 32.34 -47.64
CA ASP D 351 12.89 32.27 -46.91
C ASP D 351 12.52 30.82 -46.66
N ILE D 352 11.75 30.61 -45.61
CA ILE D 352 10.89 29.45 -45.58
C ILE D 352 9.59 29.86 -46.28
N ILE D 353 9.15 29.05 -47.22
CA ILE D 353 7.86 29.23 -47.80
C ILE D 353 6.96 28.13 -47.28
N ALA D 354 5.73 28.50 -47.00
CA ALA D 354 4.72 27.61 -46.42
C ALA D 354 3.38 27.72 -47.14
N CYS D 355 2.69 26.60 -47.20
CA CYS D 355 1.30 26.56 -47.54
C CYS D 355 0.56 25.81 -46.42
N SER D 356 -0.49 26.42 -45.89
CA SER D 356 -1.12 25.91 -44.67
C SER D 356 -2.48 25.28 -44.96
N PRO D 357 -2.56 23.94 -44.89
CA PRO D 357 -3.87 23.32 -44.90
C PRO D 357 -4.83 23.98 -43.91
N LEU D 358 -4.36 24.41 -42.73
CA LEU D 358 -5.30 24.97 -41.77
C LEU D 358 -5.92 26.28 -42.38
N LEU D 359 -5.05 27.16 -42.83
CA LEU D 359 -5.52 28.45 -43.34
C LEU D 359 -6.33 28.24 -44.61
N SER D 360 -5.77 27.50 -45.56
CA SER D 360 -6.46 27.24 -46.81
C SER D 360 -7.82 26.53 -46.67
N HIS D 361 -7.94 25.55 -45.76
CA HIS D 361 -9.23 24.88 -45.57
C HIS D 361 -10.30 25.73 -44.88
N HIS D 362 -9.88 26.90 -44.43
CA HIS D 362 -10.78 27.89 -43.85
C HIS D 362 -11.04 29.13 -44.72
N ASP D 363 -10.49 29.18 -45.93
CA ASP D 363 -10.81 30.23 -46.92
C ASP D 363 -12.29 30.12 -47.27
N GLU D 364 -13.04 31.20 -47.08
CA GLU D 364 -14.51 31.14 -47.16
C GLU D 364 -15.05 31.16 -48.59
N GLU D 365 -14.21 31.50 -49.55
CA GLU D 365 -14.55 31.20 -50.93
C GLU D 365 -14.52 29.68 -51.17
N ALA D 366 -13.43 29.02 -50.81
CA ALA D 366 -13.22 27.58 -51.11
C ALA D 366 -14.12 26.67 -50.27
N PHE D 367 -14.30 27.06 -49.02
CA PHE D 367 -15.05 26.26 -48.05
C PHE D 367 -15.97 27.11 -47.17
N PRO D 368 -17.16 27.45 -47.70
CA PRO D 368 -18.07 28.32 -46.94
C PRO D 368 -18.49 27.66 -45.63
N GLU D 369 -18.68 28.47 -44.58
CA GLU D 369 -19.00 27.96 -43.26
C GLU D 369 -18.03 26.83 -42.86
N PRO D 370 -16.72 27.14 -42.84
CA PRO D 370 -15.68 26.14 -42.74
C PRO D 370 -15.57 25.44 -41.37
N ARG D 371 -16.20 25.96 -40.32
CA ARG D 371 -16.20 25.21 -39.05
C ARG D 371 -17.32 24.15 -39.05
N ARG D 372 -18.22 24.23 -40.03
CA ARG D 372 -19.25 23.24 -40.26
C ARG D 372 -18.63 21.98 -40.89
N TRP D 373 -18.70 20.88 -40.17
CA TRP D 373 -18.35 19.58 -40.77
C TRP D 373 -19.46 19.09 -41.67
N ASP D 374 -19.17 19.02 -42.97
CA ASP D 374 -20.11 18.61 -44.03
C ASP D 374 -19.48 17.67 -45.03
N PRO D 375 -19.68 16.36 -44.86
CA PRO D 375 -18.99 15.46 -45.82
C PRO D 375 -19.55 15.51 -47.24
N GLU D 376 -20.74 16.08 -47.44
CA GLU D 376 -21.28 16.30 -48.79
C GLU D 376 -20.66 17.48 -49.52
N ARG D 377 -19.86 18.30 -48.83
CA ARG D 377 -19.29 19.49 -49.48
C ARG D 377 -18.21 19.12 -50.50
N ASP D 378 -17.99 20.03 -51.44
CA ASP D 378 -16.88 19.94 -52.35
C ASP D 378 -16.14 21.27 -52.27
N GLU D 379 -14.85 21.25 -52.54
CA GLU D 379 -14.10 22.47 -52.62
C GLU D 379 -14.75 23.36 -53.69
N LYS D 380 -14.76 24.67 -53.48
CA LYS D 380 -15.31 25.63 -54.47
C LYS D 380 -14.19 26.36 -55.23
N VAL D 381 -12.94 26.15 -54.81
CA VAL D 381 -11.77 26.47 -55.60
C VAL D 381 -11.00 25.18 -55.85
N GLU D 382 -10.67 24.94 -57.13
CA GLU D 382 -9.90 23.78 -57.57
C GLU D 382 -8.55 23.74 -56.85
N GLY D 383 -8.28 22.61 -56.19
CA GLY D 383 -7.00 22.40 -55.50
C GLY D 383 -6.88 23.02 -54.12
N ALA D 384 -7.97 23.62 -53.64
CA ALA D 384 -7.97 24.25 -52.34
C ALA D 384 -7.78 23.22 -51.19
N PHE D 385 -8.32 22.01 -51.34
CA PHE D 385 -8.03 20.93 -50.36
C PHE D 385 -6.62 20.40 -50.61
N ILE D 386 -5.83 20.40 -49.54
CA ILE D 386 -4.43 20.03 -49.54
C ILE D 386 -4.13 19.25 -48.26
N GLY D 387 -5.10 18.45 -47.81
CA GLY D 387 -4.98 17.68 -46.57
C GLY D 387 -3.91 16.60 -46.72
N PHE D 388 -3.74 16.13 -47.96
CA PHE D 388 -2.69 15.18 -48.29
C PHE D 388 -1.67 15.77 -49.22
N GLY D 389 -1.51 17.09 -49.20
CA GLY D 389 -0.51 17.73 -50.02
C GLY D 389 -0.85 17.61 -51.48
N ALA D 390 0.16 17.75 -52.33
CA ALA D 390 -0.03 17.80 -53.76
C ALA D 390 1.32 17.90 -54.48
N GLY D 391 1.30 17.71 -55.80
CA GLY D 391 2.51 17.93 -56.62
C GLY D 391 3.63 16.99 -56.23
N VAL D 392 4.84 17.56 -56.16
CA VAL D 392 6.10 16.82 -55.98
C VAL D 392 6.18 15.95 -54.72
N HIS D 393 5.54 16.39 -53.65
CA HIS D 393 5.67 15.68 -52.36
C HIS D 393 4.33 15.25 -51.83
N LYS D 394 3.40 14.95 -52.72
CA LYS D 394 2.09 14.52 -52.31
C LYS D 394 2.21 13.25 -51.50
N CYS D 395 1.21 13.02 -50.69
CA CYS D 395 1.28 11.99 -49.70
C CYS D 395 1.30 10.63 -50.36
N ILE D 396 2.30 9.82 -50.05
CA ILE D 396 2.36 8.44 -50.58
C ILE D 396 1.61 7.40 -49.74
N GLY D 397 1.23 7.77 -48.51
CA GLY D 397 0.40 6.94 -47.66
C GLY D 397 -1.08 7.19 -47.62
N GLN D 398 -1.55 8.13 -48.44
CA GLN D 398 -2.94 8.54 -48.46
C GLN D 398 -3.90 7.38 -48.60
N LYS D 399 -3.65 6.49 -49.57
CA LYS D 399 -4.59 5.42 -49.84
C LYS D 399 -4.58 4.40 -48.68
N PHE D 400 -3.41 4.12 -48.14
CA PHE D 400 -3.27 3.20 -47.00
C PHE D 400 -3.88 3.77 -45.73
N GLY D 401 -3.63 5.05 -45.45
CA GLY D 401 -4.33 5.71 -44.34
C GLY D 401 -5.85 5.60 -44.38
N LEU D 402 -6.45 6.00 -45.51
CA LEU D 402 -7.88 5.99 -45.64
C LEU D 402 -8.42 4.59 -45.63
N LEU D 403 -7.65 3.62 -46.10
CA LEU D 403 -8.10 2.22 -46.01
C LEU D 403 -8.32 1.85 -44.53
N GLN D 404 -7.37 2.21 -43.69
CA GLN D 404 -7.48 2.02 -42.24
C GLN D 404 -8.64 2.77 -41.63
N VAL D 405 -8.71 4.08 -41.86
CA VAL D 405 -9.80 4.86 -41.38
C VAL D 405 -11.17 4.29 -41.76
N LYS D 406 -11.36 4.02 -43.06
CA LYS D 406 -12.64 3.62 -43.55
C LYS D 406 -12.99 2.24 -43.04
N THR D 407 -11.99 1.37 -42.88
CA THR D 407 -12.27 0.03 -42.36
C THR D 407 -12.74 0.09 -40.92
N ILE D 408 -12.10 0.96 -40.14
CA ILE D 408 -12.53 1.20 -38.74
C ILE D 408 -13.92 1.81 -38.64
N LEU D 409 -14.19 2.83 -39.44
CA LEU D 409 -15.52 3.43 -39.42
C LEU D 409 -16.60 2.38 -39.70
N ALA D 410 -16.40 1.59 -40.76
CA ALA D 410 -17.36 0.54 -41.12
C ALA D 410 -17.49 -0.53 -40.01
N THR D 411 -16.38 -0.96 -39.45
CA THR D 411 -16.45 -2.03 -38.44
C THR D 411 -17.13 -1.52 -37.19
N ALA D 412 -16.72 -0.32 -36.79
CA ALA D 412 -17.24 0.30 -35.57
C ALA D 412 -18.72 0.61 -35.64
N PHE D 413 -19.15 1.37 -36.64
CA PHE D 413 -20.54 1.79 -36.71
C PHE D 413 -21.53 0.68 -37.13
N ARG D 414 -21.05 -0.47 -37.55
CA ARG D 414 -21.90 -1.59 -37.89
C ARG D 414 -22.37 -2.22 -36.59
N SER D 415 -21.49 -2.32 -35.60
CA SER D 415 -21.79 -3.00 -34.32
C SER D 415 -22.07 -2.10 -33.11
N TYR D 416 -21.75 -0.80 -33.18
CA TYR D 416 -21.83 0.09 -32.04
C TYR D 416 -22.44 1.43 -32.40
N ASP D 417 -23.12 2.02 -31.44
CA ASP D 417 -23.31 3.48 -31.40
C ASP D 417 -22.34 4.05 -30.36
N PHE D 418 -22.22 5.36 -30.37
CA PHE D 418 -21.34 6.04 -29.43
C PHE D 418 -22.02 7.32 -28.96
N GLN D 419 -21.79 7.64 -27.70
CA GLN D 419 -22.28 8.87 -27.12
C GLN D 419 -21.10 9.76 -26.75
N LEU D 420 -21.05 10.97 -27.32
CA LEU D 420 -20.10 11.96 -26.87
C LEU D 420 -20.43 12.33 -25.43
N LEU D 421 -19.45 12.34 -24.53
CA LEU D 421 -19.72 12.72 -23.14
C LEU D 421 -19.55 14.23 -22.91
N ARG D 422 -19.83 15.02 -23.93
CA ARG D 422 -19.84 16.47 -23.82
C ARG D 422 -20.77 16.92 -24.91
N ASP D 423 -21.13 18.19 -24.91
CA ASP D 423 -22.18 18.65 -25.81
C ASP D 423 -21.64 18.91 -27.21
N GLU D 424 -20.39 19.28 -27.33
CA GLU D 424 -19.83 19.65 -28.63
C GLU D 424 -18.61 18.79 -28.99
N VAL D 425 -18.30 18.68 -30.29
CA VAL D 425 -17.09 17.98 -30.67
C VAL D 425 -15.91 18.68 -30.05
N PRO D 426 -14.88 17.90 -29.66
CA PRO D 426 -13.71 18.46 -29.05
C PRO D 426 -13.09 19.62 -29.80
N ASP D 427 -12.46 20.54 -29.08
CA ASP D 427 -11.61 21.55 -29.71
C ASP D 427 -10.32 20.89 -30.18
N PRO D 428 -9.75 21.38 -31.30
CA PRO D 428 -8.45 20.92 -31.65
C PRO D 428 -7.43 21.35 -30.64
N ASP D 429 -6.39 20.55 -30.48
CA ASP D 429 -5.30 20.89 -29.56
C ASP D 429 -4.07 21.20 -30.44
N TYR D 430 -3.80 22.48 -30.63
CA TYR D 430 -2.77 22.94 -31.56
C TYR D 430 -1.34 22.84 -31.02
N HIS D 431 -1.14 22.38 -29.79
CA HIS D 431 0.20 22.46 -29.20
C HIS D 431 1.13 21.32 -29.68
N THR D 432 0.58 20.27 -30.25
CA THR D 432 1.40 19.13 -30.64
C THR D 432 1.86 19.19 -32.09
N MET D 433 2.85 18.34 -32.39
CA MET D 433 3.52 18.38 -33.71
C MET D 433 2.55 18.00 -34.82
N VAL D 434 1.77 16.96 -34.55
CA VAL D 434 0.65 16.56 -35.36
C VAL D 434 -0.60 16.84 -34.51
N VAL D 435 -1.52 17.63 -35.10
CA VAL D 435 -2.69 18.10 -34.39
C VAL D 435 -3.93 17.20 -34.46
N GLY D 436 -4.48 16.95 -33.29
CA GLY D 436 -5.72 16.20 -33.13
C GLY D 436 -6.72 16.86 -32.19
N PRO D 437 -7.88 16.19 -31.99
CA PRO D 437 -8.84 16.65 -30.97
C PRO D 437 -8.18 16.64 -29.61
N THR D 438 -8.55 17.57 -28.74
CA THR D 438 -8.00 17.62 -27.38
C THR D 438 -8.28 16.26 -26.70
N ALA D 439 -7.23 15.57 -26.28
CA ALA D 439 -7.32 14.19 -25.79
C ALA D 439 -8.27 14.03 -24.58
N SER D 440 -8.10 14.93 -23.62
CA SER D 440 -8.95 14.97 -22.41
C SER D 440 -10.45 15.16 -22.67
N GLN D 441 -10.81 15.61 -23.86
CA GLN D 441 -12.18 15.81 -24.26
C GLN D 441 -12.74 14.67 -25.13
N CYS D 442 -11.98 13.59 -25.31
CA CYS D 442 -12.34 12.52 -26.21
C CYS D 442 -12.88 11.28 -25.52
N ARG D 443 -13.33 11.42 -24.26
CA ARG D 443 -14.10 10.33 -23.65
C ARG D 443 -15.48 10.13 -24.26
N VAL D 444 -15.80 8.90 -24.61
CA VAL D 444 -17.09 8.60 -25.16
C VAL D 444 -17.60 7.32 -24.51
N LYS D 445 -18.89 7.12 -24.65
CA LYS D 445 -19.53 5.84 -24.28
C LYS D 445 -19.85 5.04 -25.55
N TYR D 446 -19.34 3.82 -25.63
CA TYR D 446 -19.74 2.92 -26.70
C TYR D 446 -21.00 2.23 -26.21
N ILE D 447 -21.93 1.98 -27.14
CA ILE D 447 -23.16 1.23 -26.89
C ILE D 447 -23.32 0.15 -27.96
N ARG D 448 -23.30 -1.12 -27.54
CA ARG D 448 -23.44 -2.25 -28.45
C ARG D 448 -24.85 -2.23 -29.02
N ARG D 449 -24.99 -2.31 -30.34
CA ARG D 449 -26.29 -2.02 -30.99
C ARG D 449 -27.43 -3.01 -30.71
N LYS D 450 -27.10 -4.29 -30.51
CA LYS D 450 -28.06 -5.26 -29.93
C LYS D 450 -29.55 -4.95 -30.21
#